data_8OZD
#
_entry.id   8OZD
#
_cell.length_a   1.00
_cell.length_b   1.00
_cell.length_c   1.00
_cell.angle_alpha   90.00
_cell.angle_beta   90.00
_cell.angle_gamma   90.00
#
_symmetry.space_group_name_H-M   'P 1'
#
loop_
_entity.id
_entity.type
_entity.pdbx_description
1 polymer 'TIR domain-containing protein'
2 polymer 'Piwi domain-containing protein'
3 polymer 'RNA (18-MER)'
4 polymer 'DNA (16-MER)'
#
loop_
_entity_poly.entity_id
_entity_poly.type
_entity_poly.pdbx_seq_one_letter_code
_entity_poly.pdbx_strand_id
1 'polypeptide(L)'
;MRNKIFISHATPDDNDFTRWLALKLIGLGYEVWCDILFLDKGVDFWSNIEKVIREDTCKFLLVSSSYSNQREGVLKELAV
AAKVKKQLKDDKFIIPLAIDEQLSYDDINIDIVRLNAIDFKMSWARGLKDILEAFEKQKVPKEVADASKSNLLYQQIFLH
DKSVIEKEEIYDSNWLSILSFPEELRFHEYNWMLPKRFDVRELTFPAVRYKNYLCTFAWAYDFTYHLPKTETYHKSKTIR
IPTEEILSGSYDSNFIRNAECKRLIVQLLNKAFELRMKDKEVQEYEMSNKTAYWLEKGKLEKDKFEKTMLVGKQKDKNWH
FAISGASKLYPFPVLMISSHIFFTADGKKLIDSSSVQHSSRRRQGKNWWNNTWRTKLLAFIKYLSDDDTSFYLEMGSEEK
VFVSNEPVKFKGNVSYNIPEKNTLEEEAELSGFNQGEDIEELEELIENLEAE
;
A,C
2 'polypeptide(L)'
;MKELIYIEEPKILFAHGQKCTDARDGLALFGPLNNLYGIKSGVIGTKQGLKIFRDYLDHIQKPIYNSNSITRPMFPGFEA
VFDCKWESTGITFKEVTNEDIGKFLYNSSTHKRTYDLVSLFIDKIISANKNEDENVDVWFVIVPDEIYKYCRPNSVLPKE
MVQTKALMSKSKAKSFRYEPSLFPDINIELKEQEKEAETYNYDAQFHDQFKARLLKHTIPTQIFRESTLAWRDFKNAFGL
PIRDFSKIEGHLAWTISTAAFYKAGGKPWKLSDVRNGVCYLGLVYKKVEKSKNPRNACCAAQMFLDNGDGTVFKGEVGPW
YNPKNGQYHLEPKEAKALLSQSLQSYKEQIGEYPKEVFIHAKTRFNHQEWDAFLEVTPKETNLVGVTISKTKPLKLYKTE
GDYTILRGNAYVVNERSAFLWTVGYVPKIQTALSMEVPNPLFIEINKGEADIKQVLKDILSLTKLNYNACIFADGEPVTL
RFADKIGEILTASTDIKTPPLAFKYYI
;
B,D
3 'polyribonucleotide' UUUUUUUUUUUUUUUUUU I,F
4 'polydeoxyribonucleotide' (DA)(DA)(DA)(DA)(DA)(DA)(DA)(DA)(DA)(DA)(DA)(DA)(DA)(DA)(DA)(DA) J,E
#
loop_
_chem_comp.id
_chem_comp.type
_chem_comp.name
_chem_comp.formula
DA DNA linking 2'-DEOXYADENOSINE-5'-MONOPHOSPHATE 'C10 H14 N5 O6 P'
U RNA linking URIDINE-5'-MONOPHOSPHATE 'C9 H13 N2 O9 P'
#
# COMPACT_ATOMS: atom_id res chain seq x y z
N MET A 1 -27.24 -44.55 5.61
CA MET A 1 -27.64 -43.18 5.32
C MET A 1 -26.95 -42.65 4.07
N ARG A 2 -27.49 -41.57 3.51
CA ARG A 2 -26.97 -40.98 2.29
C ARG A 2 -25.98 -39.88 2.65
N ASN A 3 -24.69 -40.09 2.31
CA ASN A 3 -23.68 -39.10 2.63
C ASN A 3 -22.64 -38.95 1.52
N LYS A 4 -22.94 -39.40 0.30
CA LYS A 4 -21.99 -39.35 -0.80
C LYS A 4 -22.48 -38.39 -1.88
N ILE A 5 -21.56 -37.96 -2.72
CA ILE A 5 -21.81 -36.92 -3.72
C ILE A 5 -21.61 -37.53 -5.10
N PHE A 6 -22.52 -37.23 -6.02
CA PHE A 6 -22.39 -37.61 -7.41
C PHE A 6 -22.11 -36.36 -8.26
N ILE A 7 -21.09 -36.44 -9.10
CA ILE A 7 -20.73 -35.36 -10.02
C ILE A 7 -20.68 -35.94 -11.42
N SER A 8 -21.54 -35.46 -12.30
CA SER A 8 -21.59 -35.90 -13.68
C SER A 8 -20.92 -34.87 -14.58
N HIS A 9 -20.12 -35.35 -15.53
CA HIS A 9 -19.36 -34.47 -16.40
C HIS A 9 -18.93 -35.25 -17.64
N ALA A 10 -18.38 -34.52 -18.60
CA ALA A 10 -17.78 -35.11 -19.80
C ALA A 10 -16.34 -35.45 -19.47
N THR A 11 -16.06 -36.73 -19.26
CA THR A 11 -14.70 -37.15 -18.88
C THR A 11 -13.64 -36.78 -19.90
N PRO A 12 -13.83 -36.95 -21.22
CA PRO A 12 -12.75 -36.58 -22.16
C PRO A 12 -12.55 -35.08 -22.33
N ASP A 13 -13.47 -34.25 -21.85
CA ASP A 13 -13.42 -32.82 -22.10
C ASP A 13 -13.41 -31.97 -20.84
N ASP A 14 -14.19 -32.35 -19.82
CA ASP A 14 -14.36 -31.56 -18.61
C ASP A 14 -13.56 -32.13 -17.45
N ASN A 15 -12.37 -32.67 -17.71
CA ASN A 15 -11.58 -33.30 -16.66
C ASN A 15 -11.09 -32.29 -15.63
N ASP A 16 -10.63 -31.12 -16.10
CA ASP A 16 -9.95 -30.18 -15.20
C ASP A 16 -10.90 -29.64 -14.14
N PHE A 17 -12.05 -29.10 -14.56
CA PHE A 17 -12.98 -28.50 -13.61
C PHE A 17 -13.56 -29.54 -12.66
N THR A 18 -13.90 -30.72 -13.18
CA THR A 18 -14.43 -31.78 -12.32
C THR A 18 -13.39 -32.21 -11.29
N ARG A 19 -12.14 -32.36 -11.72
CA ARG A 19 -11.07 -32.74 -10.80
C ARG A 19 -10.90 -31.68 -9.71
N TRP A 20 -10.90 -30.41 -10.10
CA TRP A 20 -10.74 -29.34 -9.12
C TRP A 20 -11.90 -29.32 -8.13
N LEU A 21 -13.13 -29.45 -8.64
CA LEU A 21 -14.30 -29.41 -7.77
C LEU A 21 -14.28 -30.57 -6.78
N ALA A 22 -13.96 -31.77 -7.27
CA ALA A 22 -13.89 -32.93 -6.38
C ALA A 22 -12.81 -32.74 -5.33
N LEU A 23 -11.63 -32.24 -5.75
CA LEU A 23 -10.53 -32.05 -4.81
C LEU A 23 -10.90 -31.06 -3.71
N LYS A 24 -11.50 -29.93 -4.09
CA LYS A 24 -11.85 -28.93 -3.08
C LYS A 24 -12.99 -29.39 -2.19
N LEU A 25 -13.98 -30.07 -2.76
CA LEU A 25 -15.08 -30.56 -1.92
C LEU A 25 -14.58 -31.61 -0.94
N ILE A 26 -13.64 -32.47 -1.36
CA ILE A 26 -13.04 -33.42 -0.45
C ILE A 26 -12.24 -32.69 0.64
N GLY A 27 -11.46 -31.69 0.24
CA GLY A 27 -10.66 -30.95 1.21
C GLY A 27 -11.52 -30.22 2.23
N LEU A 28 -12.69 -29.74 1.83
CA LEU A 28 -13.58 -29.04 2.74
C LEU A 28 -14.29 -29.97 3.72
N GLY A 29 -14.24 -31.28 3.50
CA GLY A 29 -14.83 -32.23 4.44
C GLY A 29 -16.09 -32.91 3.93
N TYR A 30 -16.13 -33.24 2.64
CA TYR A 30 -17.29 -33.88 2.03
C TYR A 30 -16.86 -35.15 1.33
N GLU A 31 -17.68 -36.19 1.44
CA GLU A 31 -17.38 -37.48 0.79
C GLU A 31 -17.80 -37.42 -0.68
N VAL A 32 -16.81 -37.31 -1.56
CA VAL A 32 -17.04 -37.09 -2.98
C VAL A 32 -16.87 -38.42 -3.71
N TRP A 33 -17.82 -38.74 -4.59
CA TRP A 33 -17.75 -39.91 -5.44
C TRP A 33 -17.81 -39.46 -6.89
N CYS A 34 -16.85 -39.91 -7.71
CA CYS A 34 -16.80 -39.49 -9.10
C CYS A 34 -16.13 -40.59 -9.93
N ASP A 35 -16.39 -40.56 -11.24
CA ASP A 35 -15.81 -41.55 -12.13
C ASP A 35 -14.29 -41.38 -12.22
N ILE A 36 -13.81 -40.15 -12.39
CA ILE A 36 -12.38 -39.91 -12.48
C ILE A 36 -11.68 -39.97 -11.14
N LEU A 37 -12.44 -40.04 -10.04
CA LEU A 37 -11.84 -40.13 -8.72
C LEU A 37 -11.06 -41.43 -8.54
N PHE A 38 -11.57 -42.52 -9.09
CA PHE A 38 -10.93 -43.83 -8.95
C PHE A 38 -10.07 -44.15 -10.15
N LEU A 39 -8.92 -44.75 -9.88
CA LEU A 39 -7.98 -45.18 -10.92
C LEU A 39 -8.13 -46.67 -11.14
N ASP A 40 -8.41 -47.05 -12.40
CA ASP A 40 -8.72 -48.37 -12.95
C ASP A 40 -10.23 -48.50 -13.15
N LYS A 41 -10.65 -49.37 -14.05
CA LYS A 41 -12.06 -49.57 -14.34
C LYS A 41 -12.34 -51.05 -14.56
N GLY A 42 -13.59 -51.43 -14.37
CA GLY A 42 -14.04 -52.78 -14.59
C GLY A 42 -15.38 -52.77 -15.31
N VAL A 43 -15.94 -53.95 -15.52
CA VAL A 43 -17.24 -54.05 -16.15
C VAL A 43 -18.35 -53.62 -15.22
N ASP A 44 -18.07 -53.49 -13.92
CA ASP A 44 -19.11 -53.31 -12.91
C ASP A 44 -19.47 -51.86 -12.64
N PHE A 45 -18.77 -50.89 -13.25
CA PHE A 45 -19.07 -49.50 -12.89
C PHE A 45 -20.42 -49.05 -13.44
N TRP A 46 -20.92 -49.72 -14.49
CA TRP A 46 -22.26 -49.42 -14.99
C TRP A 46 -23.31 -49.66 -13.92
N SER A 47 -23.20 -50.76 -13.18
CA SER A 47 -24.10 -50.99 -12.05
C SER A 47 -23.69 -50.17 -10.84
N ASN A 48 -22.39 -49.89 -10.70
CA ASN A 48 -21.92 -49.15 -9.53
C ASN A 48 -22.48 -47.74 -9.51
N ILE A 49 -22.50 -47.05 -10.66
CA ILE A 49 -23.03 -45.69 -10.70
C ILE A 49 -24.50 -45.68 -10.34
N GLU A 50 -25.27 -46.64 -10.89
CA GLU A 50 -26.70 -46.68 -10.62
C GLU A 50 -26.97 -46.98 -9.15
N LYS A 51 -26.25 -47.94 -8.57
CA LYS A 51 -26.48 -48.26 -7.16
C LYS A 51 -26.05 -47.12 -6.25
N VAL A 52 -24.98 -46.39 -6.61
CA VAL A 52 -24.56 -45.25 -5.81
C VAL A 52 -25.62 -44.17 -5.84
N ILE A 53 -26.16 -43.88 -7.02
CA ILE A 53 -27.21 -42.87 -7.14
C ILE A 53 -28.45 -43.30 -6.35
N ARG A 54 -28.83 -44.58 -6.45
CA ARG A 54 -30.06 -45.04 -5.82
C ARG A 54 -29.94 -45.08 -4.30
N GLU A 55 -28.79 -45.47 -3.76
CA GLU A 55 -28.67 -45.71 -2.33
C GLU A 55 -27.76 -44.73 -1.60
N ASP A 56 -26.56 -44.50 -2.09
CA ASP A 56 -25.56 -43.74 -1.34
C ASP A 56 -25.55 -42.26 -1.69
N THR A 57 -26.09 -41.86 -2.83
CA THR A 57 -26.06 -40.46 -3.22
C THR A 57 -27.17 -39.69 -2.52
N CYS A 58 -26.80 -38.60 -1.84
CA CYS A 58 -27.76 -37.73 -1.18
C CYS A 58 -28.11 -36.50 -2.02
N LYS A 59 -27.47 -36.32 -3.18
CA LYS A 59 -27.50 -35.06 -3.91
C LYS A 59 -26.74 -35.16 -5.22
N PHE A 60 -27.29 -34.57 -6.28
CA PHE A 60 -26.71 -34.67 -7.62
C PHE A 60 -26.08 -33.34 -8.00
N LEU A 61 -24.83 -33.41 -8.47
CA LEU A 61 -24.12 -32.26 -9.02
C LEU A 61 -23.84 -32.53 -10.49
N LEU A 62 -24.26 -31.61 -11.36
CA LEU A 62 -24.11 -31.75 -12.80
C LEU A 62 -23.19 -30.66 -13.33
N VAL A 63 -22.22 -31.05 -14.14
CA VAL A 63 -21.33 -30.11 -14.81
C VAL A 63 -21.98 -29.76 -16.14
N SER A 64 -22.60 -28.58 -16.21
CA SER A 64 -23.30 -28.16 -17.42
C SER A 64 -22.31 -27.50 -18.37
N SER A 65 -22.14 -28.12 -19.54
CA SER A 65 -21.21 -27.60 -20.55
C SER A 65 -21.69 -28.05 -21.92
N SER A 66 -21.10 -27.46 -22.96
CA SER A 66 -21.49 -27.80 -24.32
C SER A 66 -21.22 -29.26 -24.63
N TYR A 67 -20.14 -29.82 -24.07
CA TYR A 67 -19.82 -31.23 -24.32
C TYR A 67 -20.71 -32.16 -23.50
N SER A 68 -21.07 -31.76 -22.29
CA SER A 68 -21.86 -32.60 -21.39
C SER A 68 -23.35 -32.32 -21.47
N ASN A 69 -23.79 -31.42 -22.34
CA ASN A 69 -25.22 -31.09 -22.42
C ASN A 69 -26.02 -32.23 -23.03
N GLN A 70 -25.50 -32.85 -24.09
CA GLN A 70 -26.24 -33.85 -24.86
C GLN A 70 -25.41 -35.12 -25.04
N ARG A 71 -24.83 -35.61 -23.94
CA ARG A 71 -24.08 -36.86 -23.95
C ARG A 71 -24.94 -37.97 -23.36
N GLU A 72 -25.02 -39.10 -24.08
CA GLU A 72 -25.99 -40.13 -23.74
C GLU A 72 -25.79 -40.65 -22.32
N GLY A 73 -24.53 -40.92 -21.95
CA GLY A 73 -24.25 -41.34 -20.58
C GLY A 73 -24.62 -40.26 -19.57
N VAL A 74 -24.25 -39.01 -19.86
CA VAL A 74 -24.58 -37.92 -18.97
C VAL A 74 -26.09 -37.82 -18.79
N LEU A 75 -26.84 -37.95 -19.89
CA LEU A 75 -28.30 -37.92 -19.79
C LEU A 75 -28.84 -39.11 -19.01
N LYS A 76 -28.21 -40.29 -19.11
CA LYS A 76 -28.74 -41.44 -18.39
C LYS A 76 -28.52 -41.27 -16.88
N GLU A 77 -27.34 -40.80 -16.47
CA GLU A 77 -27.18 -40.52 -15.04
C GLU A 77 -28.05 -39.37 -14.60
N LEU A 78 -28.31 -38.40 -15.49
CA LEU A 78 -29.24 -37.33 -15.16
C LEU A 78 -30.63 -37.87 -14.92
N ALA A 79 -31.07 -38.82 -15.75
CA ALA A 79 -32.40 -39.41 -15.57
C ALA A 79 -32.48 -40.23 -14.27
N VAL A 80 -31.43 -40.99 -13.95
CA VAL A 80 -31.43 -41.72 -12.69
C VAL A 80 -31.46 -40.76 -11.51
N ALA A 81 -30.66 -39.70 -11.57
CA ALA A 81 -30.68 -38.70 -10.51
C ALA A 81 -32.04 -38.02 -10.40
N ALA A 82 -32.70 -37.80 -11.53
CA ALA A 82 -34.02 -37.17 -11.51
C ALA A 82 -35.07 -38.08 -10.90
N LYS A 83 -35.03 -39.38 -11.23
CA LYS A 83 -36.00 -40.28 -10.60
C LYS A 83 -35.75 -40.38 -9.11
N VAL A 84 -34.48 -40.39 -8.68
CA VAL A 84 -34.16 -40.33 -7.26
C VAL A 84 -34.70 -39.04 -6.65
N LYS A 85 -34.60 -37.93 -7.40
CA LYS A 85 -35.22 -36.68 -7.01
C LYS A 85 -36.70 -36.87 -6.70
N LYS A 86 -37.43 -37.56 -7.58
CA LYS A 86 -38.84 -37.77 -7.31
C LYS A 86 -39.08 -38.64 -6.08
N GLN A 87 -38.37 -39.77 -5.95
CA GLN A 87 -38.76 -40.65 -4.84
C GLN A 87 -38.24 -40.14 -3.49
N LEU A 88 -37.25 -39.24 -3.49
CA LEU A 88 -36.71 -38.75 -2.23
C LEU A 88 -37.50 -37.58 -1.65
N LYS A 89 -38.38 -36.95 -2.42
CA LYS A 89 -39.19 -35.83 -1.96
C LYS A 89 -38.32 -34.70 -1.41
N ASP A 90 -37.18 -34.45 -2.05
CA ASP A 90 -36.26 -33.40 -1.66
C ASP A 90 -36.07 -32.45 -2.83
N ASP A 91 -36.64 -31.25 -2.73
CA ASP A 91 -36.63 -30.32 -3.86
C ASP A 91 -35.21 -29.88 -4.20
N LYS A 92 -34.37 -29.68 -3.19
CA LYS A 92 -33.00 -29.22 -3.41
C LYS A 92 -32.04 -30.41 -3.50
N PHE A 93 -32.22 -31.19 -4.56
CA PHE A 93 -31.41 -32.36 -4.86
C PHE A 93 -30.51 -32.16 -6.06
N ILE A 94 -31.08 -31.73 -7.19
CA ILE A 94 -30.32 -31.48 -8.41
C ILE A 94 -29.72 -30.08 -8.35
N ILE A 95 -28.40 -30.00 -8.47
CA ILE A 95 -27.70 -28.71 -8.45
C ILE A 95 -26.83 -28.62 -9.70
N PRO A 96 -27.37 -28.14 -10.82
CA PRO A 96 -26.55 -28.00 -12.02
C PRO A 96 -25.49 -26.92 -11.85
N LEU A 97 -24.40 -27.06 -12.60
CA LEU A 97 -23.28 -26.13 -12.56
C LEU A 97 -22.90 -25.76 -13.99
N ALA A 98 -23.24 -24.55 -14.39
CA ALA A 98 -22.94 -24.07 -15.74
C ALA A 98 -21.57 -23.42 -15.75
N ILE A 99 -20.66 -23.97 -16.57
CA ILE A 99 -19.27 -23.51 -16.62
C ILE A 99 -18.89 -23.01 -18.01
N ASP A 100 -19.79 -23.05 -18.98
CA ASP A 100 -19.50 -22.62 -20.34
C ASP A 100 -20.28 -21.36 -20.66
N GLU A 101 -19.56 -20.33 -21.12
CA GLU A 101 -20.23 -19.09 -21.54
C GLU A 101 -20.93 -19.24 -22.88
N GLN A 102 -20.48 -20.17 -23.72
CA GLN A 102 -21.11 -20.40 -25.01
C GLN A 102 -22.42 -21.18 -24.90
N LEU A 103 -22.72 -21.75 -23.74
CA LEU A 103 -23.96 -22.49 -23.51
C LEU A 103 -24.92 -21.59 -22.73
N SER A 104 -25.84 -20.94 -23.45
CA SER A 104 -26.80 -20.07 -22.81
C SER A 104 -27.83 -20.88 -22.02
N TYR A 105 -28.52 -20.19 -21.11
CA TYR A 105 -29.57 -20.83 -20.31
C TYR A 105 -30.77 -21.25 -21.14
N ASP A 106 -30.90 -20.77 -22.37
CA ASP A 106 -31.99 -21.15 -23.25
C ASP A 106 -31.67 -22.37 -24.09
N ASP A 107 -30.46 -22.91 -23.99
CA ASP A 107 -30.06 -24.09 -24.76
C ASP A 107 -29.69 -25.28 -23.87
N ILE A 108 -29.93 -25.18 -22.57
CA ILE A 108 -29.61 -26.27 -21.65
C ILE A 108 -30.67 -27.36 -21.78
N ASN A 109 -30.41 -28.51 -21.16
CA ASN A 109 -31.32 -29.65 -21.28
C ASN A 109 -32.68 -29.33 -20.68
N ILE A 110 -33.69 -30.06 -21.14
CA ILE A 110 -35.07 -29.81 -20.72
C ILE A 110 -35.23 -30.03 -19.21
N ASP A 111 -34.61 -31.09 -18.68
CA ASP A 111 -34.67 -31.35 -17.25
C ASP A 111 -33.89 -30.34 -16.44
N ILE A 112 -33.09 -29.49 -17.08
CA ILE A 112 -32.28 -28.50 -16.39
C ILE A 112 -32.82 -27.08 -16.53
N VAL A 113 -33.60 -26.80 -17.57
CA VAL A 113 -34.08 -25.44 -17.81
C VAL A 113 -34.99 -24.96 -16.68
N ARG A 114 -35.63 -25.89 -15.97
CA ARG A 114 -36.53 -25.53 -14.87
C ARG A 114 -35.84 -25.56 -13.51
N LEU A 115 -34.54 -25.83 -13.46
CA LEU A 115 -33.78 -25.88 -12.22
C LEU A 115 -32.75 -24.77 -12.18
N ASN A 116 -32.67 -24.11 -11.03
CA ASN A 116 -31.68 -23.04 -10.86
C ASN A 116 -30.27 -23.60 -10.88
N ALA A 117 -29.37 -22.90 -11.57
CA ALA A 117 -28.00 -23.33 -11.74
C ALA A 117 -27.05 -22.28 -11.16
N ILE A 118 -25.97 -22.75 -10.55
CA ILE A 118 -24.96 -21.88 -9.97
C ILE A 118 -23.97 -21.48 -11.06
N ASP A 119 -23.72 -20.17 -11.18
CA ASP A 119 -22.97 -19.63 -12.30
C ASP A 119 -21.47 -19.81 -12.05
N PHE A 120 -20.82 -20.56 -12.93
CA PHE A 120 -19.36 -20.67 -12.95
C PHE A 120 -18.74 -20.00 -14.17
N LYS A 121 -19.54 -19.32 -14.99
CA LYS A 121 -19.03 -18.77 -16.25
C LYS A 121 -18.04 -17.64 -16.00
N MET A 122 -18.31 -16.79 -15.00
CA MET A 122 -17.47 -15.62 -14.75
C MET A 122 -16.34 -15.92 -13.77
N SER A 123 -16.68 -16.31 -12.54
CA SER A 123 -15.71 -16.55 -11.50
C SER A 123 -15.93 -17.94 -10.91
N TRP A 124 -14.87 -18.76 -10.92
CA TRP A 124 -14.97 -20.09 -10.33
C TRP A 124 -15.05 -20.02 -8.81
N ALA A 125 -14.30 -19.09 -8.20
CA ALA A 125 -14.35 -18.93 -6.75
C ALA A 125 -15.73 -18.49 -6.29
N ARG A 126 -16.37 -17.60 -7.03
CA ARG A 126 -17.73 -17.18 -6.68
C ARG A 126 -18.69 -18.36 -6.75
N GLY A 127 -18.57 -19.19 -7.79
CA GLY A 127 -19.40 -20.38 -7.89
C GLY A 127 -19.16 -21.34 -6.74
N LEU A 128 -17.90 -21.55 -6.36
CA LEU A 128 -17.60 -22.45 -5.26
C LEU A 128 -18.16 -21.93 -3.94
N LYS A 129 -18.04 -20.62 -3.71
CA LYS A 129 -18.58 -20.05 -2.48
C LYS A 129 -20.10 -20.09 -2.45
N ASP A 130 -20.74 -19.93 -3.61
CA ASP A 130 -22.19 -20.10 -3.69
C ASP A 130 -22.58 -21.54 -3.37
N ILE A 131 -21.84 -22.50 -3.93
CA ILE A 131 -22.06 -23.91 -3.60
C ILE A 131 -21.96 -24.12 -2.10
N LEU A 132 -20.91 -23.58 -1.48
CA LEU A 132 -20.76 -23.73 -0.04
C LEU A 132 -21.95 -23.15 0.70
N GLU A 133 -22.21 -21.85 0.51
CA GLU A 133 -23.30 -21.20 1.23
C GLU A 133 -24.61 -21.97 1.08
N ALA A 134 -24.90 -22.48 -0.12
CA ALA A 134 -26.09 -23.31 -0.28
C ALA A 134 -25.99 -24.58 0.55
N PHE A 135 -24.78 -25.15 0.65
CA PHE A 135 -24.63 -26.44 1.31
C PHE A 135 -24.77 -26.31 2.83
N GLU A 136 -24.12 -25.32 3.44
CA GLU A 136 -24.41 -25.04 4.85
C GLU A 136 -25.85 -24.57 5.04
N LYS A 137 -26.48 -24.01 4.01
CA LYS A 137 -27.90 -23.66 4.13
C LYS A 137 -28.76 -24.91 4.24
N GLN A 138 -28.40 -25.98 3.53
CA GLN A 138 -29.22 -27.18 3.42
C GLN A 138 -28.89 -28.23 4.47
N LYS A 139 -28.01 -27.92 5.43
CA LYS A 139 -27.64 -28.85 6.50
C LYS A 139 -27.12 -30.17 5.95
N VAL A 140 -26.36 -30.10 4.87
CA VAL A 140 -25.82 -31.32 4.25
C VAL A 140 -24.78 -31.94 5.16
N PRO A 141 -24.81 -33.25 5.37
CA PRO A 141 -23.83 -33.88 6.27
C PRO A 141 -22.40 -33.68 5.80
N LYS A 142 -21.49 -33.53 6.76
CA LYS A 142 -20.10 -33.23 6.48
C LYS A 142 -19.24 -33.72 7.61
N GLU A 143 -17.94 -33.81 7.34
CA GLU A 143 -16.93 -34.16 8.34
C GLU A 143 -16.07 -32.93 8.64
N VAL A 144 -15.09 -33.13 9.51
CA VAL A 144 -14.16 -32.04 9.82
C VAL A 144 -13.30 -31.76 8.61
N ALA A 145 -13.17 -30.48 8.27
CA ALA A 145 -12.39 -30.09 7.10
C ALA A 145 -10.94 -30.52 7.25
N ASP A 146 -10.42 -31.19 6.21
CA ASP A 146 -9.06 -31.72 6.26
C ASP A 146 -8.59 -31.93 4.82
N ALA A 147 -7.57 -31.18 4.41
CA ALA A 147 -7.00 -31.30 3.08
C ALA A 147 -5.95 -32.41 2.98
N SER A 148 -5.65 -33.10 4.09
CA SER A 148 -4.71 -34.21 4.02
C SER A 148 -5.23 -35.32 3.13
N LYS A 149 -6.51 -35.67 3.25
CA LYS A 149 -7.10 -36.66 2.35
C LYS A 149 -7.08 -36.15 0.91
N SER A 150 -7.29 -34.85 0.72
CA SER A 150 -7.26 -34.27 -0.61
C SER A 150 -5.89 -34.48 -1.27
N ASN A 151 -4.82 -34.08 -0.59
CA ASN A 151 -3.49 -34.25 -1.17
C ASN A 151 -3.14 -35.73 -1.32
N LEU A 152 -3.59 -36.55 -0.37
CA LEU A 152 -3.38 -37.99 -0.45
C LEU A 152 -3.94 -38.55 -1.76
N LEU A 153 -5.26 -38.46 -1.94
CA LEU A 153 -5.85 -38.95 -3.17
C LEU A 153 -5.26 -38.23 -4.39
N TYR A 154 -4.76 -37.02 -4.21
CA TYR A 154 -4.07 -36.34 -5.29
C TYR A 154 -2.84 -37.12 -5.74
N GLN A 155 -2.04 -37.63 -4.78
CA GLN A 155 -0.86 -38.37 -5.22
C GLN A 155 -1.23 -39.77 -5.73
N GLN A 156 -2.14 -40.48 -5.04
CA GLN A 156 -2.41 -41.84 -5.52
C GLN A 156 -3.18 -41.88 -6.84
N ILE A 157 -4.03 -40.90 -7.12
CA ILE A 157 -4.77 -40.95 -8.38
C ILE A 157 -4.09 -40.10 -9.45
N PHE A 158 -3.97 -38.80 -9.21
CA PHE A 158 -3.34 -37.93 -10.19
C PHE A 158 -1.82 -38.09 -10.14
N LEU A 159 -1.19 -37.85 -11.28
CA LEU A 159 0.27 -37.88 -11.45
C LEU A 159 0.90 -39.18 -10.95
N HIS A 160 0.09 -40.21 -10.76
CA HIS A 160 0.61 -41.48 -10.27
C HIS A 160 1.01 -42.40 -11.42
N ASP A 161 0.32 -42.28 -12.55
CA ASP A 161 0.61 -43.14 -13.70
C ASP A 161 1.98 -42.86 -14.30
N LYS A 162 2.58 -41.71 -14.00
CA LYS A 162 3.87 -41.34 -14.58
C LYS A 162 4.59 -40.46 -13.56
N SER A 163 5.65 -41.01 -12.97
CA SER A 163 6.46 -40.30 -11.98
C SER A 163 7.83 -40.96 -11.95
N VAL A 164 8.61 -40.63 -10.92
CA VAL A 164 9.96 -41.19 -10.79
C VAL A 164 9.87 -42.65 -10.38
N ILE A 165 10.68 -43.49 -11.02
CA ILE A 165 10.75 -44.91 -10.70
C ILE A 165 12.22 -45.30 -10.57
N GLU A 166 12.45 -46.41 -9.87
CA GLU A 166 13.81 -46.88 -9.59
C GLU A 166 14.14 -48.06 -10.50
N LYS A 167 15.16 -47.88 -11.33
CA LYS A 167 15.68 -48.93 -12.19
C LYS A 167 17.02 -48.48 -12.76
N GLU A 168 17.98 -49.40 -12.80
CA GLU A 168 19.32 -49.06 -13.26
C GLU A 168 19.34 -48.79 -14.76
N GLU A 169 20.08 -47.76 -15.15
CA GLU A 169 20.26 -47.41 -16.55
C GLU A 169 21.73 -47.13 -16.82
N ILE A 170 22.20 -47.49 -18.01
CA ILE A 170 23.56 -47.19 -18.44
C ILE A 170 23.58 -45.80 -19.07
N TYR A 171 24.68 -45.08 -18.84
CA TYR A 171 24.82 -43.72 -19.35
C TYR A 171 26.18 -43.54 -20.00
N ASP A 172 26.24 -42.65 -20.98
CA ASP A 172 27.46 -42.25 -21.65
C ASP A 172 27.78 -40.80 -21.32
N SER A 173 28.83 -40.28 -21.93
CA SER A 173 29.26 -38.91 -21.70
C SER A 173 30.03 -38.39 -22.90
N ASN A 174 30.36 -37.10 -22.86
CA ASN A 174 31.26 -36.50 -23.83
C ASN A 174 32.72 -36.61 -23.39
N TRP A 175 32.97 -37.29 -22.28
CA TRP A 175 34.33 -37.50 -21.78
C TRP A 175 34.92 -38.72 -22.46
N LEU A 176 36.20 -38.62 -22.83
CA LEU A 176 36.91 -39.69 -23.52
C LEU A 176 38.08 -40.12 -22.67
N SER A 177 38.11 -41.39 -22.29
CA SER A 177 39.19 -41.90 -21.46
C SER A 177 40.50 -41.98 -22.24
N ILE A 178 41.61 -41.79 -21.53
CA ILE A 178 42.93 -41.88 -22.09
C ILE A 178 43.59 -43.15 -21.56
N LEU A 179 43.98 -44.05 -22.47
CA LEU A 179 44.49 -45.35 -22.05
C LEU A 179 45.88 -45.25 -21.44
N SER A 180 46.78 -44.51 -22.07
CA SER A 180 48.18 -44.54 -21.66
C SER A 180 48.84 -43.19 -21.93
N PHE A 181 49.96 -42.98 -21.25
CA PHE A 181 50.83 -41.81 -21.37
C PHE A 181 52.27 -42.28 -21.47
N PRO A 182 53.15 -41.45 -22.03
CA PRO A 182 54.57 -41.80 -22.07
C PRO A 182 55.14 -41.92 -20.67
N GLU A 183 56.16 -42.77 -20.54
CA GLU A 183 56.71 -43.09 -19.22
C GLU A 183 57.35 -41.87 -18.55
N GLU A 184 57.87 -40.93 -19.34
CA GLU A 184 58.58 -39.80 -18.76
C GLU A 184 58.45 -38.58 -19.66
N LEU A 185 58.47 -37.40 -19.04
CA LEU A 185 58.38 -36.13 -19.74
C LEU A 185 59.77 -35.51 -19.82
N ARG A 186 60.15 -35.05 -21.01
CA ARG A 186 61.51 -34.63 -21.29
C ARG A 186 61.61 -33.11 -21.35
N PHE A 187 62.59 -32.57 -20.62
CA PHE A 187 62.95 -31.15 -20.69
C PHE A 187 64.37 -31.09 -21.23
N HIS A 188 64.54 -30.57 -22.43
CA HIS A 188 65.82 -30.59 -23.12
C HIS A 188 66.58 -29.29 -22.91
N GLU A 189 67.89 -29.40 -22.74
CA GLU A 189 68.76 -28.25 -22.48
C GLU A 189 69.24 -27.69 -23.80
N TYR A 190 68.48 -26.73 -24.32
CA TYR A 190 68.78 -26.12 -25.61
C TYR A 190 69.57 -24.82 -25.47
N ASN A 191 69.00 -23.84 -24.76
CA ASN A 191 69.60 -22.51 -24.57
C ASN A 191 69.73 -21.85 -25.94
N TRP A 192 70.92 -21.43 -26.37
CA TRP A 192 71.08 -20.85 -27.69
C TRP A 192 70.82 -21.85 -28.80
N MET A 193 70.90 -23.14 -28.49
CA MET A 193 70.74 -24.19 -29.49
C MET A 193 69.35 -24.19 -30.10
N LEU A 194 68.38 -23.55 -29.44
CA LEU A 194 67.09 -23.21 -30.00
C LEU A 194 66.95 -21.70 -30.05
N PRO A 195 66.63 -21.11 -31.20
CA PRO A 195 66.54 -19.65 -31.28
C PRO A 195 65.49 -19.09 -30.34
N LYS A 196 65.84 -17.99 -29.67
CA LYS A 196 64.92 -17.38 -28.71
C LYS A 196 63.69 -16.81 -29.41
N ARG A 197 63.87 -16.20 -30.58
CA ARG A 197 62.76 -15.62 -31.32
C ARG A 197 62.20 -16.62 -32.32
N PHE A 198 61.78 -17.76 -31.78
CA PHE A 198 61.20 -18.85 -32.57
C PHE A 198 59.89 -19.29 -31.95
N ASP A 199 58.93 -19.62 -32.80
CA ASP A 199 57.63 -20.10 -32.36
C ASP A 199 57.60 -21.62 -32.38
N VAL A 200 57.03 -22.23 -31.34
CA VAL A 200 57.00 -23.68 -31.21
C VAL A 200 55.74 -24.30 -31.81
N ARG A 201 54.75 -23.51 -32.19
CA ARG A 201 53.51 -24.06 -32.73
C ARG A 201 53.74 -24.78 -34.06
N GLU A 202 54.57 -24.19 -34.93
CA GLU A 202 54.81 -24.78 -36.25
C GLU A 202 55.69 -26.02 -36.19
N LEU A 203 56.29 -26.33 -35.05
CA LEU A 203 57.12 -27.51 -34.94
C LEU A 203 56.27 -28.76 -35.06
N THR A 204 56.88 -29.84 -35.57
CA THR A 204 56.14 -31.05 -35.89
C THR A 204 55.40 -31.60 -34.67
N PHE A 205 56.14 -31.99 -33.64
CA PHE A 205 55.53 -32.54 -32.44
C PHE A 205 55.21 -31.43 -31.45
N PRO A 206 54.22 -31.65 -30.58
CA PRO A 206 53.91 -30.64 -29.56
C PRO A 206 55.09 -30.36 -28.66
N ALA A 207 55.27 -29.08 -28.32
CA ALA A 207 56.37 -28.64 -27.47
C ALA A 207 56.12 -27.23 -26.98
N VAL A 208 56.35 -26.99 -25.68
CA VAL A 208 56.15 -25.68 -25.07
C VAL A 208 57.42 -25.27 -24.34
N ARG A 209 57.80 -24.01 -24.50
CA ARG A 209 59.01 -23.49 -23.88
C ARG A 209 58.69 -23.00 -22.48
N TYR A 210 59.21 -23.70 -21.47
CA TYR A 210 59.10 -23.28 -20.07
C TYR A 210 60.49 -22.92 -19.55
N LYS A 211 60.62 -21.71 -19.00
CA LYS A 211 61.91 -21.18 -18.62
C LYS A 211 62.87 -21.22 -19.80
N ASN A 212 63.85 -22.13 -19.73
CA ASN A 212 64.73 -22.41 -20.85
C ASN A 212 64.61 -23.85 -21.32
N TYR A 213 63.80 -24.66 -20.65
CA TYR A 213 63.64 -26.07 -20.96
C TYR A 213 62.47 -26.25 -21.92
N LEU A 214 62.69 -27.07 -22.95
CA LEU A 214 61.62 -27.38 -23.90
C LEU A 214 60.79 -28.54 -23.36
N CYS A 215 59.49 -28.30 -23.17
CA CYS A 215 58.61 -29.29 -22.58
C CYS A 215 57.98 -30.13 -23.68
N THR A 216 58.40 -31.38 -23.78
CA THR A 216 57.80 -32.32 -24.72
C THR A 216 58.04 -33.73 -24.22
N PHE A 217 57.22 -34.66 -24.71
CA PHE A 217 57.35 -36.07 -24.40
C PHE A 217 58.21 -36.82 -25.41
N ALA A 218 58.59 -36.18 -26.52
CA ALA A 218 59.28 -36.85 -27.60
C ALA A 218 60.77 -36.97 -27.31
N TRP A 219 61.45 -37.71 -28.18
CA TRP A 219 62.89 -37.92 -28.05
C TRP A 219 63.64 -36.64 -28.41
N ALA A 220 64.87 -36.54 -27.88
CA ALA A 220 65.63 -35.29 -28.01
C ALA A 220 65.94 -34.96 -29.47
N TYR A 221 66.33 -35.97 -30.25
CA TYR A 221 66.75 -35.75 -31.63
C TYR A 221 65.61 -35.84 -32.63
N ASP A 222 64.36 -35.80 -32.16
CA ASP A 222 63.22 -35.84 -33.05
C ASP A 222 62.92 -34.51 -33.71
N PHE A 223 63.54 -33.42 -33.26
CA PHE A 223 63.26 -32.08 -33.76
C PHE A 223 64.36 -31.57 -34.68
N THR A 224 65.07 -32.49 -35.33
CA THR A 224 66.18 -32.09 -36.19
C THR A 224 65.73 -31.29 -37.39
N TYR A 225 64.59 -31.67 -37.98
CA TYR A 225 64.14 -31.03 -39.22
C TYR A 225 63.87 -29.55 -39.02
N HIS A 226 63.05 -29.21 -38.03
CA HIS A 226 62.73 -27.81 -37.78
C HIS A 226 63.83 -27.09 -37.02
N LEU A 227 64.74 -27.83 -36.39
CA LEU A 227 65.86 -27.25 -35.64
C LEU A 227 67.13 -27.94 -36.09
N PRO A 228 67.75 -27.47 -37.18
CA PRO A 228 69.01 -28.08 -37.64
C PRO A 228 70.13 -27.98 -36.61
N LYS A 229 70.07 -27.02 -35.70
CA LYS A 229 71.09 -26.90 -34.67
C LYS A 229 71.02 -28.03 -33.65
N THR A 230 69.91 -28.77 -33.60
CA THR A 230 69.69 -29.80 -32.59
C THR A 230 70.35 -31.13 -32.92
N GLU A 231 71.35 -31.13 -33.81
CA GLU A 231 72.01 -32.38 -34.19
C GLU A 231 73.03 -32.87 -33.18
N THR A 232 73.43 -32.02 -32.21
CA THR A 232 74.54 -32.32 -31.31
C THR A 232 74.16 -32.13 -29.85
N TYR A 233 72.94 -32.50 -29.49
CA TYR A 233 72.50 -32.39 -28.10
C TYR A 233 72.90 -33.62 -27.31
N HIS A 234 73.31 -33.39 -26.05
CA HIS A 234 73.64 -34.47 -25.15
C HIS A 234 72.39 -34.86 -24.36
N LYS A 235 71.93 -36.10 -24.54
CA LYS A 235 70.72 -36.55 -23.87
C LYS A 235 70.89 -36.63 -22.36
N SER A 236 72.12 -36.66 -21.86
CA SER A 236 72.35 -36.69 -20.42
C SER A 236 71.96 -35.39 -19.73
N LYS A 237 71.75 -34.31 -20.49
CA LYS A 237 71.34 -33.04 -19.93
C LYS A 237 69.83 -32.95 -19.70
N THR A 238 69.08 -33.98 -20.10
CA THR A 238 67.65 -34.02 -19.88
C THR A 238 67.34 -34.28 -18.41
N ILE A 239 66.24 -33.71 -17.94
CA ILE A 239 65.81 -33.85 -16.55
C ILE A 239 64.50 -34.63 -16.54
N ARG A 240 64.40 -35.60 -17.46
CA ARG A 240 63.22 -36.44 -17.64
C ARG A 240 62.60 -36.85 -16.31
N ILE A 241 61.27 -36.79 -16.25
CA ILE A 241 60.52 -36.89 -15.01
C ILE A 241 59.47 -37.98 -15.12
N PRO A 242 59.24 -38.79 -14.07
CA PRO A 242 58.27 -39.89 -14.17
C PRO A 242 56.82 -39.44 -14.15
N THR A 243 56.28 -39.13 -15.32
CA THR A 243 54.93 -38.60 -15.52
C THR A 243 53.87 -39.28 -14.66
N GLU A 244 54.07 -40.56 -14.32
CA GLU A 244 53.10 -41.26 -13.50
C GLU A 244 52.92 -40.58 -12.14
N GLU A 245 54.03 -40.19 -11.49
CA GLU A 245 53.92 -39.47 -10.23
C GLU A 245 53.42 -38.05 -10.43
N ILE A 246 53.59 -37.48 -11.62
CA ILE A 246 52.98 -36.19 -11.92
C ILE A 246 51.46 -36.31 -11.90
N LEU A 247 50.94 -37.36 -12.54
CA LEU A 247 49.50 -37.61 -12.49
C LEU A 247 49.06 -37.90 -11.05
N SER A 248 49.85 -38.69 -10.33
CA SER A 248 49.54 -38.92 -8.91
C SER A 248 49.71 -37.64 -8.11
N GLY A 249 50.56 -36.72 -8.57
CA GLY A 249 50.80 -35.48 -7.88
C GLY A 249 51.82 -35.55 -6.77
N SER A 250 52.48 -36.69 -6.58
CA SER A 250 53.43 -36.83 -5.48
C SER A 250 54.68 -35.99 -5.71
N TYR A 251 55.07 -35.81 -6.97
CA TYR A 251 56.28 -35.06 -7.27
C TYR A 251 56.13 -33.59 -6.91
N ASP A 252 57.21 -33.00 -6.40
CA ASP A 252 57.25 -31.58 -6.11
C ASP A 252 58.71 -31.16 -5.98
N SER A 253 59.04 -30.01 -6.54
CA SER A 253 60.40 -29.49 -6.48
C SER A 253 60.37 -27.98 -6.71
N ASN A 254 61.47 -27.33 -6.34
CA ASN A 254 61.58 -25.89 -6.62
C ASN A 254 61.72 -25.62 -8.10
N PHE A 255 62.20 -26.60 -8.87
CA PHE A 255 62.34 -26.42 -10.32
C PHE A 255 60.99 -26.23 -10.98
N ILE A 256 60.01 -27.05 -10.61
CA ILE A 256 58.69 -27.02 -11.23
C ILE A 256 57.62 -27.35 -10.20
N ARG A 257 56.51 -26.63 -10.25
CA ARG A 257 55.36 -26.90 -9.39
C ARG A 257 54.51 -27.99 -10.01
N ASN A 258 53.92 -28.83 -9.17
CA ASN A 258 53.08 -29.92 -9.67
C ASN A 258 51.88 -29.39 -10.43
N ALA A 259 51.25 -28.33 -9.92
CA ALA A 259 50.17 -27.68 -10.65
C ALA A 259 50.66 -27.10 -11.96
N GLU A 260 51.84 -26.46 -11.94
CA GLU A 260 52.43 -25.93 -13.16
C GLU A 260 52.93 -27.05 -14.06
N CYS A 261 53.45 -28.14 -13.48
CA CYS A 261 53.86 -29.29 -14.29
C CYS A 261 52.66 -29.90 -14.99
N LYS A 262 51.54 -30.04 -14.27
CA LYS A 262 50.29 -30.48 -14.91
C LYS A 262 49.74 -29.44 -15.86
N ARG A 263 50.10 -28.16 -15.66
CA ARG A 263 49.66 -27.11 -16.56
C ARG A 263 50.20 -27.33 -17.97
N LEU A 264 51.46 -27.75 -18.08
CA LEU A 264 52.08 -27.96 -19.38
C LEU A 264 51.51 -29.16 -20.12
N ILE A 265 50.94 -30.13 -19.40
CA ILE A 265 50.48 -31.36 -20.04
C ILE A 265 49.26 -31.09 -20.92
N VAL A 266 48.30 -30.31 -20.42
CA VAL A 266 47.05 -30.11 -21.16
C VAL A 266 47.31 -29.33 -22.44
N GLN A 267 48.22 -28.36 -22.42
CA GLN A 267 48.57 -27.64 -23.64
C GLN A 267 49.20 -28.57 -24.66
N LEU A 268 50.09 -29.47 -24.21
CA LEU A 268 50.67 -30.44 -25.12
C LEU A 268 49.61 -31.36 -25.71
N LEU A 269 48.65 -31.78 -24.89
CA LEU A 269 47.57 -32.63 -25.38
C LEU A 269 46.71 -31.89 -26.40
N ASN A 270 46.40 -30.63 -26.14
CA ASN A 270 45.62 -29.84 -27.09
C ASN A 270 46.37 -29.67 -28.41
N LYS A 271 47.67 -29.40 -28.35
CA LYS A 271 48.46 -29.26 -29.57
C LYS A 271 48.51 -30.57 -30.34
N ALA A 272 48.66 -31.69 -29.62
CA ALA A 272 48.66 -33.00 -30.27
C ALA A 272 47.32 -33.27 -30.94
N PHE A 273 46.22 -32.92 -30.27
CA PHE A 273 44.89 -33.10 -30.83
C PHE A 273 44.72 -32.29 -32.11
N GLU A 274 45.16 -31.02 -32.08
CA GLU A 274 45.08 -30.18 -33.26
C GLU A 274 45.92 -30.73 -34.40
N LEU A 275 47.15 -31.16 -34.10
CA LEU A 275 48.03 -31.70 -35.13
C LEU A 275 47.45 -32.98 -35.72
N ARG A 276 46.88 -33.84 -34.88
CA ARG A 276 46.29 -35.08 -35.36
C ARG A 276 45.09 -34.82 -36.27
N MET A 277 44.25 -33.86 -35.91
CA MET A 277 43.10 -33.58 -36.76
C MET A 277 43.52 -32.85 -38.04
N LYS A 278 44.65 -32.14 -37.99
CA LYS A 278 45.25 -31.65 -39.22
C LYS A 278 45.72 -32.81 -40.09
N ASP A 279 46.28 -33.85 -39.47
CA ASP A 279 46.68 -35.03 -40.21
C ASP A 279 45.47 -35.73 -40.84
N LYS A 280 44.31 -35.65 -40.19
CA LYS A 280 43.09 -36.20 -40.74
C LYS A 280 42.56 -35.40 -41.93
N GLU A 281 43.15 -34.23 -42.20
CA GLU A 281 42.77 -33.39 -43.34
C GLU A 281 41.31 -32.94 -43.23
N VAL A 282 40.98 -32.32 -42.10
CA VAL A 282 39.65 -31.76 -41.86
C VAL A 282 39.78 -30.25 -41.74
N GLN A 283 38.78 -29.54 -42.23
CA GLN A 283 38.80 -28.09 -42.21
C GLN A 283 38.43 -27.56 -40.82
N GLU A 284 38.61 -26.25 -40.64
CA GLU A 284 38.43 -25.64 -39.33
C GLU A 284 37.63 -24.34 -39.45
N TYR A 285 36.94 -24.00 -38.37
CA TYR A 285 36.29 -22.72 -38.21
C TYR A 285 36.80 -22.06 -36.94
N GLU A 286 37.07 -20.75 -37.02
CA GLU A 286 37.64 -20.03 -35.89
C GLU A 286 36.53 -19.62 -34.92
N MET A 287 36.60 -20.13 -33.71
CA MET A 287 35.67 -19.78 -32.64
C MET A 287 36.28 -18.63 -31.83
N SER A 288 35.49 -18.11 -30.88
CA SER A 288 35.96 -16.97 -30.08
C SER A 288 37.23 -17.31 -29.31
N ASN A 289 37.26 -18.48 -28.68
CA ASN A 289 38.42 -18.93 -27.92
C ASN A 289 39.00 -20.24 -28.42
N LYS A 290 38.16 -21.21 -28.77
CA LYS A 290 38.60 -22.51 -29.22
C LYS A 290 38.61 -22.56 -30.75
N THR A 291 38.81 -23.76 -31.28
CA THR A 291 38.77 -24.01 -32.71
C THR A 291 37.92 -25.25 -32.98
N ALA A 292 37.01 -25.15 -33.93
CA ALA A 292 36.10 -26.23 -34.28
C ALA A 292 36.44 -26.77 -35.67
N TYR A 293 36.30 -28.08 -35.84
CA TYR A 293 36.67 -28.77 -37.06
C TYR A 293 35.46 -29.49 -37.63
N TRP A 294 35.24 -29.35 -38.94
CA TRP A 294 34.11 -29.96 -39.62
C TRP A 294 34.60 -30.70 -40.86
N LEU A 295 33.65 -31.35 -41.54
CA LEU A 295 33.94 -32.17 -42.70
C LEU A 295 33.31 -31.57 -43.96
N GLU A 296 33.97 -31.80 -45.09
CA GLU A 296 33.49 -31.32 -46.37
C GLU A 296 32.35 -32.21 -46.88
N LYS A 297 31.87 -31.89 -48.08
CA LYS A 297 30.90 -32.71 -48.79
C LYS A 297 31.65 -33.51 -49.85
N GLY A 298 31.81 -34.81 -49.61
CA GLY A 298 32.55 -35.69 -50.50
C GLY A 298 33.68 -36.45 -49.83
N LYS A 299 34.17 -35.97 -48.69
CA LYS A 299 35.21 -36.69 -47.97
C LYS A 299 34.72 -38.05 -47.50
N LEU A 300 33.49 -38.11 -47.01
CA LEU A 300 32.87 -39.35 -46.57
C LEU A 300 31.93 -39.88 -47.65
N GLU A 301 31.74 -41.20 -47.65
CA GLU A 301 30.83 -41.83 -48.59
C GLU A 301 29.41 -41.35 -48.32
N LYS A 302 28.81 -40.69 -49.31
CA LYS A 302 27.49 -40.05 -49.19
C LYS A 302 27.48 -39.01 -48.07
N ASP A 303 28.66 -38.51 -47.71
CA ASP A 303 28.82 -37.58 -46.58
C ASP A 303 28.24 -38.18 -45.30
N LYS A 304 28.37 -39.49 -45.16
CA LYS A 304 27.84 -40.21 -44.00
C LYS A 304 28.88 -41.22 -43.53
N PHE A 305 28.85 -41.51 -42.23
CA PHE A 305 29.71 -42.52 -41.63
C PHE A 305 28.84 -43.60 -41.00
N GLU A 306 29.22 -44.85 -41.20
CA GLU A 306 28.47 -46.03 -40.74
C GLU A 306 27.08 -45.93 -41.36
N LYS A 307 25.99 -46.08 -40.58
CA LYS A 307 24.65 -45.90 -41.08
C LYS A 307 24.06 -44.55 -40.68
N THR A 308 24.92 -43.57 -40.41
CA THR A 308 24.53 -42.31 -39.79
C THR A 308 24.91 -41.14 -40.68
N MET A 309 24.02 -40.16 -40.78
CA MET A 309 24.31 -38.95 -41.55
C MET A 309 25.07 -37.95 -40.69
N LEU A 310 26.09 -37.33 -41.29
CA LEU A 310 26.88 -36.31 -40.61
C LEU A 310 26.84 -34.95 -41.30
N VAL A 311 26.64 -34.93 -42.62
CA VAL A 311 26.48 -33.70 -43.38
C VAL A 311 25.19 -33.81 -44.18
N GLY A 312 24.33 -32.79 -44.06
CA GLY A 312 23.05 -32.79 -44.74
C GLY A 312 22.83 -31.52 -45.54
N LYS A 313 21.70 -31.49 -46.23
CA LYS A 313 21.31 -30.36 -47.08
C LYS A 313 20.06 -29.72 -46.52
N GLN A 314 20.08 -28.39 -46.42
CA GLN A 314 18.95 -27.63 -45.89
C GLN A 314 18.83 -26.34 -46.68
N LYS A 315 17.80 -26.24 -47.53
CA LYS A 315 17.56 -25.09 -48.39
C LYS A 315 18.80 -24.87 -49.25
N ASP A 316 19.47 -23.73 -49.17
CA ASP A 316 20.66 -23.46 -49.96
C ASP A 316 21.95 -23.51 -49.15
N LYS A 317 21.88 -23.95 -47.90
CA LYS A 317 23.01 -23.95 -46.99
C LYS A 317 23.29 -25.36 -46.49
N ASN A 318 24.57 -25.68 -46.33
CA ASN A 318 25.02 -27.03 -45.95
C ASN A 318 25.50 -26.99 -44.50
N TRP A 319 24.77 -27.68 -43.62
CA TRP A 319 25.18 -27.78 -42.23
C TRP A 319 26.20 -28.89 -42.05
N HIS A 320 27.21 -28.64 -41.23
CA HIS A 320 28.29 -29.58 -40.99
C HIS A 320 28.42 -29.83 -39.50
N PHE A 321 28.50 -31.10 -39.12
CA PHE A 321 28.74 -31.45 -37.73
C PHE A 321 30.19 -31.16 -37.37
N ALA A 322 30.40 -30.50 -36.24
CA ALA A 322 31.74 -30.09 -35.83
C ALA A 322 31.95 -30.41 -34.35
N ILE A 323 33.22 -30.57 -33.98
CA ILE A 323 33.60 -30.91 -32.62
C ILE A 323 34.70 -29.96 -32.16
N SER A 324 34.85 -29.87 -30.84
CA SER A 324 35.94 -29.13 -30.23
C SER A 324 36.45 -29.91 -29.03
N GLY A 325 37.76 -30.12 -28.97
CA GLY A 325 38.38 -30.97 -27.96
C GLY A 325 39.14 -30.13 -26.95
N ALA A 326 38.93 -30.46 -25.67
CA ALA A 326 39.65 -29.84 -24.57
C ALA A 326 40.17 -30.94 -23.66
N SER A 327 41.41 -30.76 -23.19
CA SER A 327 42.05 -31.75 -22.32
C SER A 327 41.98 -31.25 -20.87
N LYS A 328 41.39 -32.06 -20.00
CA LYS A 328 41.26 -31.74 -18.59
C LYS A 328 41.81 -32.89 -17.77
N LEU A 329 42.63 -32.57 -16.77
CA LEU A 329 43.27 -33.57 -15.93
C LEU A 329 42.77 -33.56 -14.49
N TYR A 330 41.85 -32.65 -14.14
CA TYR A 330 41.43 -32.55 -12.74
C TYR A 330 40.57 -33.73 -12.32
N PRO A 331 39.38 -33.97 -12.92
CA PRO A 331 38.58 -35.11 -12.47
C PRO A 331 39.21 -36.44 -12.84
N PHE A 332 39.61 -36.57 -14.10
CA PHE A 332 40.20 -37.78 -14.64
C PHE A 332 41.02 -37.39 -15.86
N PRO A 333 41.96 -38.26 -16.28
CA PRO A 333 42.62 -38.01 -17.56
C PRO A 333 41.65 -38.23 -18.71
N VAL A 334 41.18 -37.14 -19.30
CA VAL A 334 40.07 -37.18 -20.25
C VAL A 334 40.29 -36.14 -21.33
N LEU A 335 40.10 -36.54 -22.58
CA LEU A 335 40.06 -35.63 -23.71
C LEU A 335 38.59 -35.27 -23.92
N MET A 336 38.18 -34.16 -23.30
CA MET A 336 36.78 -33.75 -23.35
C MET A 336 36.42 -33.26 -24.75
N ILE A 337 35.16 -33.45 -25.12
CA ILE A 337 34.69 -33.09 -26.45
C ILE A 337 33.38 -32.31 -26.32
N SER A 338 33.09 -31.52 -27.35
CA SER A 338 31.88 -30.71 -27.40
C SER A 338 31.29 -30.78 -28.81
N SER A 339 30.03 -30.39 -28.92
CA SER A 339 29.29 -30.43 -30.17
C SER A 339 29.01 -29.02 -30.66
N HIS A 340 29.35 -28.76 -31.93
CA HIS A 340 29.09 -27.48 -32.55
C HIS A 340 28.65 -27.71 -34.00
N ILE A 341 27.81 -26.82 -34.51
CA ILE A 341 27.25 -26.94 -35.85
C ILE A 341 27.52 -25.65 -36.60
N PHE A 342 28.03 -25.79 -37.84
CA PHE A 342 28.31 -24.65 -38.69
C PHE A 342 27.74 -24.91 -40.09
N PHE A 343 27.52 -23.83 -40.82
CA PHE A 343 26.87 -23.88 -42.12
C PHE A 343 27.79 -23.30 -43.19
N THR A 344 27.67 -23.85 -44.40
CA THR A 344 28.42 -23.39 -45.55
C THR A 344 27.46 -23.19 -46.72
N ALA A 345 27.65 -22.09 -47.45
CA ALA A 345 26.77 -21.77 -48.57
C ALA A 345 26.94 -22.78 -49.71
N ASP A 346 28.18 -23.13 -50.04
CA ASP A 346 28.46 -24.05 -51.14
C ASP A 346 29.04 -25.37 -50.66
N GLY A 347 29.34 -25.51 -49.37
CA GLY A 347 29.93 -26.72 -48.85
C GLY A 347 31.44 -26.71 -48.73
N LYS A 348 32.11 -25.68 -49.24
CA LYS A 348 33.57 -25.58 -49.14
C LYS A 348 34.06 -24.27 -48.53
N LYS A 349 33.29 -23.18 -48.59
CA LYS A 349 33.66 -21.92 -47.96
C LYS A 349 32.65 -21.62 -46.85
N LEU A 350 33.17 -21.18 -45.71
CA LEU A 350 32.32 -20.87 -44.57
C LEU A 350 31.72 -19.46 -44.70
N ILE A 351 30.51 -19.30 -44.20
CA ILE A 351 29.84 -18.01 -44.23
C ILE A 351 30.47 -17.09 -43.19
N ASP A 352 30.89 -15.91 -43.62
CA ASP A 352 31.59 -14.98 -42.74
C ASP A 352 30.65 -14.20 -41.83
N SER A 353 29.34 -14.21 -42.10
CA SER A 353 28.39 -13.49 -41.26
C SER A 353 28.02 -14.35 -40.06
N SER A 354 28.27 -13.83 -38.86
CA SER A 354 28.03 -14.60 -37.65
C SER A 354 26.54 -14.74 -37.35
N SER A 355 25.76 -13.70 -37.61
CA SER A 355 24.34 -13.71 -37.26
C SER A 355 23.59 -14.80 -38.03
N VAL A 356 23.82 -14.87 -39.35
CA VAL A 356 23.14 -15.89 -40.14
C VAL A 356 23.63 -17.29 -39.75
N GLN A 357 24.91 -17.42 -39.39
CA GLN A 357 25.42 -18.71 -38.96
C GLN A 357 24.72 -19.16 -37.68
N HIS A 358 24.58 -18.26 -36.71
CA HIS A 358 23.88 -18.60 -35.46
C HIS A 358 22.42 -18.93 -35.72
N SER A 359 21.77 -18.15 -36.58
CA SER A 359 20.36 -18.41 -36.88
C SER A 359 20.19 -19.77 -37.54
N SER A 360 21.06 -20.11 -38.50
CA SER A 360 20.99 -21.40 -39.15
C SER A 360 21.25 -22.54 -38.17
N ARG A 361 22.25 -22.37 -37.29
CA ARG A 361 22.55 -23.42 -36.33
C ARG A 361 21.39 -23.67 -35.39
N ARG A 362 20.78 -22.60 -34.87
CA ARG A 362 19.65 -22.79 -33.96
C ARG A 362 18.43 -23.33 -34.70
N ARG A 363 18.23 -22.93 -35.96
CA ARG A 363 17.13 -23.48 -36.74
C ARG A 363 17.30 -24.98 -36.94
N GLN A 364 18.53 -25.42 -37.24
CA GLN A 364 18.77 -26.84 -37.45
C GLN A 364 18.71 -27.62 -36.14
N GLY A 365 19.09 -26.98 -35.04
CA GLY A 365 18.99 -27.63 -33.75
C GLY A 365 17.60 -27.64 -33.14
N LYS A 366 16.69 -26.82 -33.66
CA LYS A 366 15.33 -26.75 -33.10
C LYS A 366 14.67 -28.13 -33.11
N ASN A 367 14.78 -28.85 -34.21
CA ASN A 367 14.19 -30.18 -34.32
C ASN A 367 15.17 -31.30 -33.97
N TRP A 368 16.41 -30.96 -33.61
CA TRP A 368 17.42 -31.97 -33.30
C TRP A 368 17.25 -32.41 -31.86
N TRP A 369 16.76 -33.62 -31.67
CA TRP A 369 16.53 -34.18 -30.34
C TRP A 369 17.72 -35.02 -29.88
N ASN A 370 17.48 -35.80 -28.83
CA ASN A 370 18.51 -36.59 -28.14
C ASN A 370 19.27 -37.52 -29.10
N ASN A 371 18.54 -38.44 -29.72
CA ASN A 371 19.17 -39.56 -30.42
C ASN A 371 20.03 -39.09 -31.59
N THR A 372 19.56 -38.11 -32.36
CA THR A 372 20.35 -37.64 -33.49
C THR A 372 21.67 -37.03 -33.02
N TRP A 373 21.63 -36.27 -31.92
CA TRP A 373 22.86 -35.69 -31.37
C TRP A 373 23.85 -36.79 -30.99
N ARG A 374 23.38 -37.80 -30.23
CA ARG A 374 24.29 -38.88 -29.86
C ARG A 374 24.81 -39.64 -31.06
N THR A 375 23.93 -39.92 -32.03
CA THR A 375 24.32 -40.69 -33.20
C THR A 375 25.42 -39.99 -33.97
N LYS A 376 25.24 -38.68 -34.24
CA LYS A 376 26.24 -37.95 -35.00
C LYS A 376 27.54 -37.80 -34.22
N LEU A 377 27.46 -37.52 -32.91
CA LEU A 377 28.68 -37.39 -32.13
C LEU A 377 29.48 -38.69 -32.12
N LEU A 378 28.81 -39.80 -31.80
CA LEU A 378 29.51 -41.08 -31.75
C LEU A 378 30.02 -41.48 -33.13
N ALA A 379 29.29 -41.14 -34.19
CA ALA A 379 29.75 -41.44 -35.54
C ALA A 379 31.03 -40.68 -35.86
N PHE A 380 31.10 -39.40 -35.51
CA PHE A 380 32.33 -38.66 -35.77
C PHE A 380 33.48 -39.20 -34.94
N ILE A 381 33.21 -39.57 -33.68
CA ILE A 381 34.27 -40.13 -32.84
C ILE A 381 34.79 -41.43 -33.42
N LYS A 382 33.90 -42.29 -33.91
CA LYS A 382 34.33 -43.52 -34.56
C LYS A 382 35.07 -43.25 -35.86
N TYR A 383 34.68 -42.18 -36.57
CA TYR A 383 35.38 -41.82 -37.80
C TYR A 383 36.81 -41.42 -37.53
N LEU A 384 37.04 -40.66 -36.46
CA LEU A 384 38.40 -40.24 -36.13
C LEU A 384 39.22 -41.34 -35.47
N SER A 385 38.64 -42.50 -35.22
CA SER A 385 39.36 -43.58 -34.56
C SER A 385 40.45 -44.16 -35.46
N ASP A 386 41.57 -44.53 -34.85
CA ASP A 386 42.65 -45.18 -35.57
C ASP A 386 42.59 -46.70 -35.46
N ASP A 387 41.97 -47.22 -34.42
CA ASP A 387 41.80 -48.65 -34.22
C ASP A 387 40.35 -48.93 -33.84
N ASP A 388 40.05 -50.21 -33.60
CA ASP A 388 38.69 -50.59 -33.25
C ASP A 388 38.29 -50.08 -31.88
N THR A 389 39.21 -50.08 -30.92
CA THR A 389 38.88 -49.73 -29.55
C THR A 389 39.53 -48.43 -29.06
N SER A 390 40.45 -47.85 -29.83
CA SER A 390 41.10 -46.63 -29.39
C SER A 390 41.73 -45.93 -30.59
N PHE A 391 42.09 -44.67 -30.39
CA PHE A 391 42.83 -43.89 -31.35
C PHE A 391 43.98 -43.18 -30.65
N TYR A 392 45.06 -42.95 -31.39
CA TYR A 392 46.28 -42.40 -30.81
C TYR A 392 46.51 -40.99 -31.32
N LEU A 393 47.23 -40.20 -30.52
CA LEU A 393 47.64 -38.86 -30.89
C LEU A 393 49.14 -38.87 -31.16
N GLU A 394 49.53 -38.58 -32.40
CA GLU A 394 50.94 -38.61 -32.77
C GLU A 394 51.62 -37.37 -32.20
N MET A 395 52.50 -37.58 -31.21
CA MET A 395 53.23 -36.50 -30.59
C MET A 395 54.68 -36.88 -30.29
N GLY A 396 55.19 -37.92 -30.91
CA GLY A 396 56.60 -38.27 -30.80
C GLY A 396 56.91 -39.37 -31.80
N SER A 397 58.22 -39.52 -32.09
CA SER A 397 58.64 -40.56 -33.02
C SER A 397 58.33 -41.95 -32.49
N GLU A 398 58.62 -42.18 -31.21
CA GLU A 398 58.30 -43.45 -30.57
C GLU A 398 57.36 -43.28 -29.39
N GLU A 399 56.93 -42.06 -29.09
CA GLU A 399 56.06 -41.77 -27.97
C GLU A 399 54.66 -41.49 -28.47
N LYS A 400 53.67 -42.19 -27.91
CA LYS A 400 52.28 -42.07 -28.33
C LYS A 400 51.38 -42.15 -27.10
N VAL A 401 50.18 -41.59 -27.23
CA VAL A 401 49.15 -41.67 -26.21
C VAL A 401 47.91 -42.30 -26.82
N PHE A 402 47.31 -43.25 -26.12
CA PHE A 402 46.14 -43.95 -26.60
C PHE A 402 44.90 -43.39 -25.89
N VAL A 403 43.93 -42.94 -26.67
CA VAL A 403 42.67 -42.40 -26.16
C VAL A 403 41.56 -43.30 -26.65
N SER A 404 40.69 -43.73 -25.73
CA SER A 404 39.59 -44.61 -26.08
C SER A 404 38.66 -43.92 -27.06
N ASN A 405 38.26 -44.67 -28.11
CA ASN A 405 37.25 -44.17 -29.03
C ASN A 405 35.84 -44.32 -28.48
N GLU A 406 35.67 -45.05 -27.39
CA GLU A 406 34.38 -45.20 -26.73
C GLU A 406 34.26 -44.19 -25.58
N PRO A 407 33.19 -43.40 -25.53
CA PRO A 407 33.06 -42.41 -24.46
C PRO A 407 32.93 -43.07 -23.10
N VAL A 408 33.27 -42.29 -22.06
CA VAL A 408 33.25 -42.79 -20.69
C VAL A 408 31.86 -43.24 -20.30
N LYS A 409 31.74 -44.50 -19.87
CA LYS A 409 30.46 -45.06 -19.48
C LYS A 409 30.14 -44.67 -18.04
N PHE A 410 28.87 -44.34 -17.80
CA PHE A 410 28.36 -44.04 -16.47
C PHE A 410 27.11 -44.86 -16.19
N LYS A 411 26.84 -45.07 -14.90
CA LYS A 411 25.74 -45.90 -14.45
C LYS A 411 24.84 -45.08 -13.54
N GLY A 412 23.55 -45.10 -13.82
CA GLY A 412 22.56 -44.42 -13.00
C GLY A 412 21.47 -45.38 -12.57
N ASN A 413 21.11 -45.32 -11.28
CA ASN A 413 20.15 -46.24 -10.70
C ASN A 413 18.71 -45.77 -10.84
N VAL A 414 18.48 -44.55 -11.34
CA VAL A 414 17.14 -43.99 -11.46
C VAL A 414 16.90 -43.57 -12.89
N SER A 415 15.74 -43.94 -13.44
CA SER A 415 15.33 -43.53 -14.77
C SER A 415 13.80 -43.60 -14.84
N TYR A 416 13.26 -43.56 -16.05
CA TYR A 416 11.82 -43.55 -16.25
C TYR A 416 11.51 -44.12 -17.63
N ASN A 417 10.28 -43.91 -18.09
CA ASN A 417 9.83 -44.33 -19.40
C ASN A 417 9.07 -43.20 -20.07
N ILE A 418 8.97 -43.28 -21.40
CA ILE A 418 8.28 -42.26 -22.17
C ILE A 418 6.80 -42.23 -21.80
N MET B 1 33.04 -48.69 -12.48
CA MET B 1 31.59 -48.59 -12.50
C MET B 1 31.12 -47.40 -11.69
N LYS B 2 31.26 -46.20 -12.27
CA LYS B 2 30.89 -44.98 -11.59
C LYS B 2 29.38 -44.89 -11.41
N GLU B 3 28.95 -44.42 -10.24
CA GLU B 3 27.55 -44.45 -9.84
C GLU B 3 26.99 -43.02 -9.83
N LEU B 4 25.70 -42.91 -10.17
CA LEU B 4 24.99 -41.65 -10.21
C LEU B 4 23.91 -41.67 -9.14
N ILE B 5 23.88 -40.62 -8.31
CA ILE B 5 22.92 -40.51 -7.21
C ILE B 5 21.92 -39.41 -7.54
N TYR B 6 20.67 -39.62 -7.13
CA TYR B 6 19.59 -38.69 -7.38
C TYR B 6 19.06 -38.18 -6.05
N ILE B 7 18.91 -36.86 -5.94
CA ILE B 7 18.38 -36.22 -4.74
C ILE B 7 16.87 -36.12 -4.89
N GLU B 8 16.15 -36.47 -3.82
CA GLU B 8 14.69 -36.38 -3.84
C GLU B 8 14.25 -34.94 -4.07
N GLU B 9 13.14 -34.78 -4.80
CA GLU B 9 12.67 -33.45 -5.16
C GLU B 9 12.31 -32.67 -3.90
N PRO B 10 12.79 -31.44 -3.76
CA PRO B 10 12.46 -30.66 -2.55
C PRO B 10 10.98 -30.32 -2.50
N LYS B 11 10.47 -30.19 -1.27
CA LYS B 11 9.07 -29.91 -1.01
C LYS B 11 8.92 -28.46 -0.57
N ILE B 12 8.05 -27.72 -1.22
CA ILE B 12 7.79 -26.32 -0.90
C ILE B 12 6.40 -26.21 -0.28
N LEU B 13 6.31 -25.51 0.83
CA LEU B 13 5.06 -25.44 1.60
C LEU B 13 4.11 -24.40 1.02
N PHE B 14 2.82 -24.63 1.26
CA PHE B 14 1.78 -23.70 0.83
C PHE B 14 0.87 -23.34 2.01
N ALA B 15 -0.24 -22.65 1.73
CA ALA B 15 -1.17 -22.29 2.78
C ALA B 15 -1.75 -23.54 3.44
N HIS B 16 -2.10 -23.41 4.72
CA HIS B 16 -2.63 -24.50 5.54
C HIS B 16 -1.66 -25.66 5.67
N GLY B 17 -0.38 -25.43 5.39
CA GLY B 17 0.65 -26.42 5.68
C GLY B 17 0.67 -27.65 4.78
N GLN B 18 0.15 -27.56 3.57
CA GLN B 18 0.28 -28.67 2.64
C GLN B 18 1.49 -28.47 1.72
N LYS B 19 1.97 -29.57 1.16
CA LYS B 19 3.22 -29.63 0.42
C LYS B 19 2.96 -30.11 -1.00
N CYS B 20 3.66 -29.52 -1.96
CA CYS B 20 3.55 -29.92 -3.35
C CYS B 20 4.85 -29.62 -4.07
N THR B 21 5.32 -30.59 -4.87
CA THR B 21 6.57 -30.42 -5.59
C THR B 21 6.48 -29.29 -6.62
N ASP B 22 5.39 -29.26 -7.38
CA ASP B 22 5.19 -28.21 -8.37
C ASP B 22 4.58 -26.99 -7.72
N ALA B 23 5.21 -25.82 -7.94
CA ALA B 23 4.69 -24.58 -7.36
C ALA B 23 3.32 -24.25 -7.93
N ARG B 24 3.14 -24.44 -9.23
CA ARG B 24 1.89 -24.08 -9.88
C ARG B 24 0.72 -24.88 -9.33
N ASP B 25 0.89 -26.20 -9.23
CA ASP B 25 -0.19 -27.06 -8.72
C ASP B 25 -0.51 -26.75 -7.27
N GLY B 26 0.52 -26.65 -6.42
CA GLY B 26 0.27 -26.36 -5.02
C GLY B 26 -0.37 -25.01 -4.79
N LEU B 27 0.05 -24.01 -5.57
CA LEU B 27 -0.55 -22.68 -5.46
C LEU B 27 -1.99 -22.69 -5.97
N ALA B 28 -2.28 -23.49 -7.00
CA ALA B 28 -3.64 -23.56 -7.52
C ALA B 28 -4.59 -24.20 -6.51
N LEU B 29 -4.23 -25.35 -5.97
CA LEU B 29 -5.10 -26.05 -5.03
C LEU B 29 -5.14 -25.41 -3.65
N PHE B 30 -4.00 -25.03 -3.10
CA PHE B 30 -3.92 -24.59 -1.71
C PHE B 30 -3.81 -23.09 -1.52
N GLY B 31 -3.48 -22.34 -2.57
CA GLY B 31 -3.45 -20.90 -2.50
C GLY B 31 -2.19 -20.38 -1.82
N PRO B 32 -2.07 -19.05 -1.76
CA PRO B 32 -0.88 -18.45 -1.15
C PRO B 32 -0.93 -18.50 0.37
N LEU B 33 0.27 -18.39 0.97
CA LEU B 33 0.41 -18.55 2.41
C LEU B 33 -0.39 -17.49 3.17
N ASN B 34 -0.26 -16.24 2.76
CA ASN B 34 -0.92 -15.13 3.44
C ASN B 34 -2.14 -14.68 2.63
N ASN B 35 -3.04 -13.98 3.31
CA ASN B 35 -4.28 -13.51 2.72
C ASN B 35 -4.14 -12.05 2.34
N LEU B 36 -4.21 -11.76 1.04
CA LEU B 36 -4.21 -10.40 0.53
C LEU B 36 -5.64 -10.02 0.18
N TYR B 37 -6.12 -8.94 0.77
CA TYR B 37 -7.52 -8.57 0.61
C TYR B 37 -7.79 -7.94 -0.76
N GLY B 38 -6.80 -7.26 -1.33
CA GLY B 38 -6.97 -6.65 -2.63
C GLY B 38 -5.68 -6.03 -3.11
N ILE B 39 -5.65 -5.75 -4.41
CA ILE B 39 -4.51 -5.12 -5.05
C ILE B 39 -5.01 -3.87 -5.76
N LYS B 40 -4.55 -2.70 -5.30
CA LYS B 40 -4.88 -1.44 -5.95
C LYS B 40 -3.80 -1.16 -6.98
N SER B 41 -4.04 -1.59 -8.21
CA SER B 41 -3.04 -1.46 -9.26
C SER B 41 -3.11 -0.08 -9.89
N GLY B 42 -1.94 0.54 -10.07
CA GLY B 42 -1.83 1.80 -10.77
C GLY B 42 -1.30 1.59 -12.18
N VAL B 43 -1.89 2.30 -13.13
CA VAL B 43 -1.52 2.19 -14.53
C VAL B 43 -1.07 3.56 -15.02
N ILE B 44 0.09 3.61 -15.67
CA ILE B 44 0.60 4.85 -16.27
C ILE B 44 1.17 4.52 -17.63
N GLY B 45 0.89 5.37 -18.61
CA GLY B 45 1.32 5.16 -19.97
C GLY B 45 0.34 5.81 -20.93
N THR B 46 0.40 5.33 -22.17
CA THR B 46 -0.48 5.87 -23.21
C THR B 46 -1.94 5.55 -22.89
N LYS B 47 -2.81 6.50 -23.21
CA LYS B 47 -4.25 6.26 -23.04
C LYS B 47 -4.71 5.09 -23.89
N GLN B 48 -4.17 4.97 -25.10
CA GLN B 48 -4.47 3.79 -25.92
C GLN B 48 -4.00 2.51 -25.25
N GLY B 49 -2.83 2.55 -24.59
CA GLY B 49 -2.31 1.40 -23.90
C GLY B 49 -3.16 0.94 -22.73
N LEU B 50 -3.99 1.83 -22.18
CA LEU B 50 -4.89 1.44 -21.10
C LEU B 50 -5.88 0.38 -21.56
N LYS B 51 -6.38 0.51 -22.79
CA LYS B 51 -7.37 -0.44 -23.28
C LYS B 51 -6.81 -1.86 -23.33
N ILE B 52 -5.57 -2.01 -23.80
CA ILE B 52 -4.97 -3.34 -23.88
C ILE B 52 -4.76 -3.91 -22.47
N PHE B 53 -4.34 -3.06 -21.52
CA PHE B 53 -4.15 -3.53 -20.16
C PHE B 53 -5.47 -3.99 -19.55
N ARG B 54 -6.54 -3.22 -19.75
CA ARG B 54 -7.85 -3.62 -19.24
C ARG B 54 -8.32 -4.92 -19.89
N ASP B 55 -8.10 -5.05 -21.20
CA ASP B 55 -8.48 -6.28 -21.89
C ASP B 55 -7.73 -7.48 -21.35
N TYR B 56 -6.42 -7.34 -21.11
CA TYR B 56 -5.67 -8.45 -20.54
C TYR B 56 -6.14 -8.76 -19.12
N LEU B 57 -6.45 -7.72 -18.34
CA LEU B 57 -6.81 -7.96 -16.94
C LEU B 57 -8.17 -8.66 -16.84
N ASP B 58 -9.16 -8.23 -17.63
CA ASP B 58 -10.43 -8.93 -17.57
C ASP B 58 -10.40 -10.22 -18.37
N HIS B 59 -9.38 -10.42 -19.20
CA HIS B 59 -9.14 -11.73 -19.81
C HIS B 59 -8.65 -12.72 -18.76
N ILE B 60 -7.66 -12.32 -17.96
CA ILE B 60 -7.14 -13.19 -16.91
C ILE B 60 -8.07 -13.25 -15.70
N GLN B 61 -9.08 -12.38 -15.64
CA GLN B 61 -10.13 -12.53 -14.64
C GLN B 61 -10.89 -13.83 -14.81
N LYS B 62 -10.90 -14.40 -16.02
CA LYS B 62 -11.56 -15.62 -16.46
C LYS B 62 -10.56 -16.77 -16.57
N PRO B 63 -11.01 -18.01 -16.41
CA PRO B 63 -10.11 -19.15 -16.59
C PRO B 63 -9.57 -19.21 -18.01
N ILE B 64 -8.30 -19.60 -18.13
CA ILE B 64 -7.60 -19.66 -19.40
C ILE B 64 -7.10 -21.08 -19.62
N TYR B 65 -7.38 -21.63 -20.80
CA TYR B 65 -6.95 -22.97 -21.17
C TYR B 65 -5.74 -22.89 -22.09
N ASN B 66 -4.68 -23.60 -21.72
CA ASN B 66 -3.47 -23.64 -22.52
C ASN B 66 -3.53 -24.79 -23.53
N SER B 67 -2.44 -24.98 -24.27
CA SER B 67 -2.42 -26.00 -25.31
C SER B 67 -2.55 -27.39 -24.72
N ASN B 68 -1.71 -27.73 -23.75
CA ASN B 68 -1.71 -29.05 -23.13
C ASN B 68 -1.70 -28.88 -21.61
N SER B 69 -2.71 -29.45 -20.95
CA SER B 69 -2.82 -29.31 -19.50
C SER B 69 -1.76 -30.12 -18.78
N ILE B 70 -1.41 -31.30 -19.31
CA ILE B 70 -0.45 -32.16 -18.63
C ILE B 70 0.94 -31.54 -18.65
N THR B 71 1.31 -30.88 -19.75
CA THR B 71 2.61 -30.21 -19.80
C THR B 71 2.63 -28.99 -18.88
N ARG B 72 1.61 -28.14 -18.97
CA ARG B 72 1.51 -26.96 -18.13
C ARG B 72 0.07 -26.81 -17.63
N PRO B 73 -0.13 -26.67 -16.32
CA PRO B 73 -1.49 -26.45 -15.81
C PRO B 73 -2.09 -25.17 -16.36
N MET B 74 -3.41 -25.21 -16.58
CA MET B 74 -4.13 -24.06 -17.11
C MET B 74 -4.20 -22.95 -16.06
N PHE B 75 -4.46 -21.73 -16.54
CA PHE B 75 -4.64 -20.60 -15.64
C PHE B 75 -6.13 -20.40 -15.39
N PRO B 76 -6.59 -20.49 -14.15
CA PRO B 76 -8.02 -20.41 -13.86
C PRO B 76 -8.55 -19.04 -13.46
N GLY B 77 -7.68 -18.05 -13.24
CA GLY B 77 -8.13 -16.77 -12.77
C GLY B 77 -7.39 -16.32 -11.52
N PHE B 78 -7.22 -15.01 -11.37
CA PHE B 78 -6.43 -14.48 -10.27
C PHE B 78 -7.07 -14.78 -8.92
N GLU B 79 -8.39 -14.52 -8.81
CA GLU B 79 -9.06 -14.67 -7.54
C GLU B 79 -9.16 -16.13 -7.11
N ALA B 80 -9.33 -17.05 -8.07
CA ALA B 80 -9.47 -18.45 -7.73
C ALA B 80 -8.19 -19.00 -7.11
N VAL B 81 -7.03 -18.57 -7.61
CA VAL B 81 -5.77 -19.13 -7.15
C VAL B 81 -5.23 -18.36 -5.95
N PHE B 82 -5.32 -17.03 -5.96
CA PHE B 82 -4.68 -16.22 -4.94
C PHE B 82 -5.61 -15.83 -3.80
N ASP B 83 -6.89 -16.22 -3.85
CA ASP B 83 -7.88 -15.81 -2.85
C ASP B 83 -7.97 -14.29 -2.74
N CYS B 84 -7.52 -13.59 -3.77
CA CYS B 84 -7.51 -12.13 -3.80
C CYS B 84 -8.10 -11.66 -5.13
N LYS B 85 -9.12 -10.81 -5.05
CA LYS B 85 -9.80 -10.33 -6.25
C LYS B 85 -9.10 -9.06 -6.73
N TRP B 86 -8.93 -8.95 -8.05
CA TRP B 86 -8.16 -7.86 -8.64
C TRP B 86 -8.73 -7.58 -10.02
N GLU B 87 -9.63 -6.61 -10.11
CA GLU B 87 -10.38 -6.31 -11.32
C GLU B 87 -9.85 -5.03 -11.96
N SER B 88 -10.44 -4.69 -13.11
CA SER B 88 -10.04 -3.50 -13.83
C SER B 88 -10.57 -2.21 -13.21
N THR B 89 -11.60 -2.30 -12.38
CA THR B 89 -12.13 -1.12 -11.71
C THR B 89 -11.22 -0.71 -10.56
N GLY B 90 -11.31 0.57 -10.20
CA GLY B 90 -10.52 1.09 -9.09
C GLY B 90 -9.06 1.30 -9.38
N ILE B 91 -8.63 1.18 -10.63
CA ILE B 91 -7.24 1.40 -10.99
C ILE B 91 -7.00 2.90 -11.17
N THR B 92 -5.85 3.36 -10.66
CA THR B 92 -5.47 4.76 -10.79
C THR B 92 -4.65 4.93 -12.07
N PHE B 93 -5.13 5.77 -12.98
CA PHE B 93 -4.49 5.96 -14.27
C PHE B 93 -4.01 7.39 -14.41
N LYS B 94 -2.77 7.55 -14.89
CA LYS B 94 -2.23 8.84 -15.27
C LYS B 94 -1.90 8.78 -16.76
N GLU B 95 -2.42 9.75 -17.51
CA GLU B 95 -2.28 9.74 -18.96
C GLU B 95 -0.89 10.20 -19.38
N VAL B 96 -0.32 9.52 -20.37
CA VAL B 96 0.95 9.89 -20.96
C VAL B 96 0.73 10.02 -22.47
N THR B 97 0.72 11.25 -22.97
CA THR B 97 0.49 11.47 -24.39
C THR B 97 1.63 10.88 -25.21
N ASN B 98 1.28 10.30 -26.36
CA ASN B 98 2.29 9.77 -27.27
C ASN B 98 3.22 10.86 -27.78
N GLU B 99 2.73 12.11 -27.81
CA GLU B 99 3.59 13.23 -28.22
C GLU B 99 4.76 13.39 -27.25
N ASP B 100 4.52 13.17 -25.95
CA ASP B 100 5.58 13.29 -24.96
C ASP B 100 6.71 12.31 -25.27
N ILE B 101 6.38 11.07 -25.64
CA ILE B 101 7.39 10.15 -26.12
C ILE B 101 8.00 10.67 -27.41
N GLY B 102 7.19 11.28 -28.26
CA GLY B 102 7.68 11.75 -29.55
C GLY B 102 8.80 12.77 -29.43
N LYS B 103 8.67 13.70 -28.48
CA LYS B 103 9.71 14.70 -28.31
C LYS B 103 11.03 14.07 -27.87
N PHE B 104 10.98 13.12 -26.94
CA PHE B 104 12.18 12.62 -26.29
C PHE B 104 12.73 11.34 -26.90
N LEU B 105 11.87 10.43 -27.37
CA LEU B 105 12.37 9.23 -28.03
C LEU B 105 13.14 9.57 -29.30
N TYR B 106 12.63 10.52 -30.08
CA TYR B 106 13.20 10.83 -31.39
C TYR B 106 14.42 11.74 -31.20
N ASN B 107 15.41 11.19 -30.49
CA ASN B 107 16.63 11.91 -30.15
C ASN B 107 17.84 11.10 -30.59
N SER B 108 18.83 11.80 -31.15
CA SER B 108 20.02 11.12 -31.66
C SER B 108 20.80 10.44 -30.54
N SER B 109 20.95 11.10 -29.40
CA SER B 109 21.73 10.55 -28.30
C SER B 109 20.93 9.47 -27.60
N THR B 110 21.50 8.27 -27.52
CA THR B 110 20.80 7.15 -26.89
C THR B 110 20.64 7.38 -25.39
N HIS B 111 21.74 7.71 -24.70
CA HIS B 111 21.67 7.91 -23.25
C HIS B 111 20.76 9.08 -22.90
N LYS B 112 20.84 10.17 -23.65
CA LYS B 112 20.00 11.32 -23.38
C LYS B 112 18.53 10.99 -23.54
N ARG B 113 18.17 10.27 -24.62
CA ARG B 113 16.77 9.91 -24.83
C ARG B 113 16.28 8.93 -23.76
N THR B 114 17.13 7.98 -23.36
CA THR B 114 16.73 7.05 -22.32
C THR B 114 16.49 7.77 -21.01
N TYR B 115 17.39 8.70 -20.65
CA TYR B 115 17.19 9.48 -19.43
C TYR B 115 15.94 10.33 -19.52
N ASP B 116 15.66 10.90 -20.70
CA ASP B 116 14.47 11.71 -20.86
C ASP B 116 13.20 10.89 -20.65
N LEU B 117 13.12 9.71 -21.26
CA LEU B 117 11.94 8.88 -21.08
C LEU B 117 11.81 8.39 -19.64
N VAL B 118 12.93 7.97 -19.04
CA VAL B 118 12.88 7.50 -17.67
C VAL B 118 12.40 8.61 -16.74
N SER B 119 12.90 9.83 -16.93
CA SER B 119 12.44 10.96 -16.13
C SER B 119 10.98 11.26 -16.40
N LEU B 120 10.56 11.20 -17.66
CA LEU B 120 9.16 11.46 -18.01
C LEU B 120 8.22 10.50 -17.32
N PHE B 121 8.64 9.27 -17.10
CA PHE B 121 7.81 8.35 -16.35
C PHE B 121 7.95 8.51 -14.84
N ILE B 122 9.19 8.74 -14.36
CA ILE B 122 9.47 8.75 -12.94
C ILE B 122 8.87 9.97 -12.26
N ASP B 123 8.99 11.15 -12.87
CA ASP B 123 8.40 12.34 -12.26
C ASP B 123 6.89 12.20 -12.15
N LYS B 124 6.25 11.66 -13.19
CA LYS B 124 4.80 11.46 -13.16
C LYS B 124 4.41 10.44 -12.09
N ILE B 125 5.16 9.35 -11.96
CA ILE B 125 4.79 8.35 -10.97
C ILE B 125 5.04 8.86 -9.54
N ILE B 126 6.09 9.66 -9.35
CA ILE B 126 6.33 10.27 -8.05
C ILE B 126 5.22 11.26 -7.70
N SER B 127 4.81 12.07 -8.68
CA SER B 127 3.69 12.97 -8.45
C SER B 127 2.41 12.20 -8.16
N ALA B 128 2.24 11.05 -8.80
CA ALA B 128 1.08 10.21 -8.50
C ALA B 128 1.13 9.69 -7.07
N ASN B 129 2.31 9.28 -6.61
CA ASN B 129 2.45 8.82 -5.24
C ASN B 129 2.18 9.93 -4.23
N LYS B 130 2.65 11.14 -4.53
CA LYS B 130 2.63 12.22 -3.56
C LYS B 130 1.50 13.22 -3.74
N ASN B 131 0.58 13.01 -4.69
CA ASN B 131 -0.47 13.99 -4.96
C ASN B 131 -1.89 13.48 -4.72
N GLU B 132 -2.25 12.31 -5.22
CA GLU B 132 -3.62 11.82 -5.13
C GLU B 132 -3.85 11.09 -3.82
N ASP B 133 -5.02 11.30 -3.23
CA ASP B 133 -5.38 10.61 -2.00
C ASP B 133 -5.52 9.11 -2.20
N GLU B 134 -5.72 8.66 -3.44
CA GLU B 134 -5.87 7.24 -3.70
C GLU B 134 -4.60 6.49 -3.35
N ASN B 135 -4.77 5.31 -2.77
CA ASN B 135 -3.65 4.46 -2.39
C ASN B 135 -3.41 3.41 -3.47
N VAL B 136 -2.14 3.23 -3.83
CA VAL B 136 -1.74 2.28 -4.84
C VAL B 136 -0.76 1.29 -4.22
N ASP B 137 -0.99 0.00 -4.49
CA ASP B 137 -0.09 -1.03 -3.99
C ASP B 137 1.11 -1.20 -4.91
N VAL B 138 0.86 -1.51 -6.19
CA VAL B 138 1.91 -1.67 -7.18
C VAL B 138 1.52 -0.90 -8.43
N TRP B 139 2.53 -0.53 -9.21
CA TRP B 139 2.35 0.31 -10.40
C TRP B 139 2.63 -0.53 -11.64
N PHE B 140 1.66 -0.58 -12.55
CA PHE B 140 1.83 -1.24 -13.84
C PHE B 140 2.04 -0.16 -14.90
N VAL B 141 3.31 0.07 -15.25
CA VAL B 141 3.68 1.04 -16.27
C VAL B 141 3.77 0.34 -17.62
N ILE B 142 3.14 0.92 -18.62
CA ILE B 142 3.04 0.34 -19.96
C ILE B 142 3.81 1.25 -20.92
N VAL B 143 4.69 0.65 -21.71
CA VAL B 143 5.46 1.41 -22.70
C VAL B 143 5.26 0.78 -24.07
N PRO B 144 5.32 1.55 -25.16
CA PRO B 144 5.15 0.96 -26.49
C PRO B 144 6.31 0.07 -26.90
N ASP B 145 6.27 -0.44 -28.13
CA ASP B 145 7.36 -1.28 -28.63
C ASP B 145 8.42 -0.50 -29.37
N GLU B 146 8.07 0.65 -29.97
CA GLU B 146 9.07 1.50 -30.60
C GLU B 146 10.07 2.00 -29.59
N ILE B 147 9.59 2.43 -28.41
CA ILE B 147 10.51 2.82 -27.34
C ILE B 147 11.37 1.63 -26.93
N TYR B 148 10.77 0.45 -26.80
CA TYR B 148 11.52 -0.72 -26.33
C TYR B 148 12.68 -1.05 -27.26
N LYS B 149 12.45 -0.98 -28.57
CA LYS B 149 13.51 -1.24 -29.53
C LYS B 149 14.35 0.00 -29.83
N TYR B 150 14.04 1.16 -29.23
CA TYR B 150 14.90 2.33 -29.39
C TYR B 150 15.08 3.04 -28.04
N CYS B 151 15.29 2.28 -26.97
CA CYS B 151 15.68 2.84 -25.68
C CYS B 151 16.74 2.00 -24.99
N ARG B 152 17.48 1.19 -25.75
CA ARG B 152 18.50 0.31 -25.21
C ARG B 152 19.80 0.53 -25.97
N PRO B 153 20.94 0.19 -25.36
CA PRO B 153 22.22 0.34 -26.07
C PRO B 153 22.25 -0.47 -27.36
N ASN B 154 23.18 -0.12 -28.24
CA ASN B 154 23.39 -0.77 -29.52
C ASN B 154 22.17 -0.66 -30.44
N SER B 155 21.26 0.27 -30.15
CA SER B 155 20.09 0.51 -30.98
C SER B 155 20.32 1.77 -31.79
N VAL B 156 20.47 1.63 -33.10
CA VAL B 156 20.76 2.74 -33.99
C VAL B 156 19.44 3.34 -34.46
N LEU B 157 19.22 4.61 -34.17
CA LEU B 157 18.03 5.30 -34.62
C LEU B 157 18.12 5.57 -36.12
N PRO B 158 17.17 5.12 -36.93
CA PRO B 158 17.24 5.39 -38.38
C PRO B 158 17.25 6.88 -38.67
N LYS B 159 18.06 7.26 -39.67
CA LYS B 159 18.28 8.67 -39.95
C LYS B 159 17.00 9.35 -40.43
N GLU B 160 16.21 8.66 -41.25
CA GLU B 160 15.00 9.26 -41.80
C GLU B 160 13.98 9.62 -40.73
N MET B 161 14.05 9.01 -39.55
CA MET B 161 13.09 9.26 -38.48
C MET B 161 13.72 9.90 -37.24
N VAL B 162 14.94 10.43 -37.35
CA VAL B 162 15.54 11.16 -36.25
C VAL B 162 15.02 12.59 -36.25
N GLN B 163 14.50 13.04 -35.11
CA GLN B 163 13.98 14.41 -34.97
C GLN B 163 14.95 15.33 -34.24
N THR B 164 15.64 14.83 -33.22
CA THR B 164 16.56 15.66 -32.46
C THR B 164 17.96 15.03 -32.42
N THR B 199 22.42 12.46 -17.94
CA THR B 199 22.12 11.57 -19.04
C THR B 199 23.24 10.56 -19.26
N TYR B 200 24.44 11.06 -19.56
CA TYR B 200 25.59 10.18 -19.76
C TYR B 200 26.06 9.54 -18.46
N ASN B 201 25.71 10.14 -17.31
CA ASN B 201 26.07 9.54 -16.03
C ASN B 201 25.29 8.27 -15.77
N TYR B 202 24.06 8.18 -16.27
CA TYR B 202 23.23 7.00 -16.12
C TYR B 202 23.39 6.10 -17.34
N ASP B 203 23.01 4.83 -17.16
CA ASP B 203 23.11 3.85 -18.24
C ASP B 203 21.84 3.86 -19.08
N ALA B 204 21.99 3.49 -20.36
CA ALA B 204 20.88 3.48 -21.30
C ALA B 204 19.88 2.37 -21.05
N GLN B 205 20.19 1.43 -20.15
CA GLN B 205 19.28 0.34 -19.84
C GLN B 205 18.01 0.90 -19.21
N PHE B 206 16.92 0.87 -19.96
CA PHE B 206 15.70 1.56 -19.55
C PHE B 206 15.08 0.95 -18.31
N HIS B 207 14.89 -0.37 -18.30
CA HIS B 207 14.22 -1.01 -17.18
C HIS B 207 15.03 -0.89 -15.89
N ASP B 208 16.33 -1.12 -15.99
CA ASP B 208 17.18 -1.07 -14.79
C ASP B 208 17.26 0.34 -14.22
N GLN B 209 17.44 1.34 -15.09
CA GLN B 209 17.45 2.72 -14.62
C GLN B 209 16.10 3.11 -14.03
N PHE B 210 15.01 2.68 -14.68
CA PHE B 210 13.67 2.99 -14.20
C PHE B 210 13.45 2.44 -12.79
N LYS B 211 13.87 1.19 -12.56
CA LYS B 211 13.72 0.62 -11.23
C LYS B 211 14.72 1.18 -10.23
N ALA B 212 15.88 1.65 -10.70
CA ALA B 212 16.87 2.20 -9.79
C ALA B 212 16.45 3.56 -9.26
N ARG B 213 15.91 4.42 -10.14
CA ARG B 213 15.52 5.76 -9.71
C ARG B 213 14.30 5.74 -8.80
N LEU B 214 13.58 4.63 -8.72
CA LEU B 214 12.43 4.51 -7.82
C LEU B 214 12.82 4.02 -6.43
N LEU B 215 14.09 3.64 -6.22
CA LEU B 215 14.49 3.05 -4.95
C LEU B 215 14.37 4.05 -3.81
N LYS B 216 14.70 5.32 -4.07
CA LYS B 216 14.63 6.33 -3.02
C LYS B 216 13.21 6.46 -2.45
N HIS B 217 12.20 6.25 -3.29
CA HIS B 217 10.81 6.41 -2.88
C HIS B 217 10.12 5.08 -2.54
N THR B 218 10.77 3.96 -2.81
CA THR B 218 10.27 2.62 -2.45
C THR B 218 8.85 2.39 -2.99
N ILE B 219 8.74 2.42 -4.32
CA ILE B 219 7.49 2.20 -5.01
C ILE B 219 7.61 0.89 -5.80
N PRO B 220 6.87 -0.15 -5.44
CA PRO B 220 6.89 -1.39 -6.25
C PRO B 220 6.22 -1.15 -7.60
N THR B 221 6.98 -1.39 -8.67
CA THR B 221 6.51 -1.10 -10.02
C THR B 221 6.79 -2.29 -10.93
N GLN B 222 6.06 -2.31 -12.05
CA GLN B 222 6.17 -3.39 -13.02
C GLN B 222 6.14 -2.80 -14.43
N ILE B 223 7.17 -3.11 -15.22
CA ILE B 223 7.28 -2.65 -16.59
C ILE B 223 6.69 -3.69 -17.54
N PHE B 224 5.82 -3.23 -18.44
CA PHE B 224 5.20 -4.06 -19.47
C PHE B 224 5.38 -3.41 -20.83
N ARG B 225 5.32 -4.24 -21.87
CA ARG B 225 5.06 -3.79 -23.22
C ARG B 225 3.76 -4.42 -23.69
N GLU B 226 3.04 -3.68 -24.54
CA GLU B 226 1.77 -4.20 -25.04
C GLU B 226 1.97 -5.46 -25.89
N SER B 227 3.19 -5.72 -26.36
CA SER B 227 3.48 -7.01 -26.96
C SER B 227 3.37 -8.12 -25.92
N THR B 228 3.91 -7.91 -24.72
CA THR B 228 3.70 -8.84 -23.62
C THR B 228 2.23 -8.86 -23.21
N LEU B 229 1.51 -7.77 -23.46
CA LEU B 229 0.07 -7.71 -23.29
C LEU B 229 -0.59 -8.36 -24.50
N ALA B 230 -1.87 -8.07 -24.75
CA ALA B 230 -2.61 -8.81 -25.76
C ALA B 230 -2.03 -8.54 -27.14
N TRP B 231 -1.14 -9.43 -27.57
CA TRP B 231 -0.35 -9.33 -28.78
C TRP B 231 -1.16 -9.55 -30.05
N ARG B 232 -2.40 -10.03 -29.94
CA ARG B 232 -3.18 -10.38 -31.11
C ARG B 232 -3.39 -9.20 -32.05
N ASP B 233 -3.31 -7.97 -31.55
CA ASP B 233 -3.40 -6.81 -32.41
C ASP B 233 -2.23 -6.73 -33.37
N PHE B 234 -1.02 -7.05 -32.89
CA PHE B 234 0.17 -6.93 -33.71
C PHE B 234 0.35 -8.13 -34.62
N LYS B 235 0.81 -7.87 -35.85
CA LYS B 235 1.10 -8.90 -36.83
C LYS B 235 2.43 -8.59 -37.49
N ASN B 236 3.10 -9.62 -37.97
CA ASN B 236 4.36 -9.45 -38.68
C ASN B 236 4.08 -9.14 -40.15
N ALA B 237 5.12 -9.18 -40.98
CA ALA B 237 4.93 -8.98 -42.41
C ALA B 237 4.10 -10.11 -43.01
N PHE B 238 4.21 -11.32 -42.45
CA PHE B 238 3.45 -12.46 -42.93
C PHE B 238 1.99 -12.45 -42.47
N GLY B 239 1.63 -11.60 -41.52
CA GLY B 239 0.29 -11.56 -40.99
C GLY B 239 0.07 -12.33 -39.72
N LEU B 240 1.13 -12.84 -39.09
CA LEU B 240 1.07 -13.60 -37.85
C LEU B 240 1.62 -12.76 -36.70
N PRO B 241 1.15 -13.00 -35.48
CA PRO B 241 1.74 -12.30 -34.33
C PRO B 241 3.22 -12.63 -34.20
N ILE B 242 4.01 -11.60 -33.87
CA ILE B 242 5.45 -11.79 -33.71
C ILE B 242 5.73 -12.70 -32.52
N ARG B 243 5.03 -12.47 -31.41
CA ARG B 243 5.18 -13.29 -30.21
C ARG B 243 3.94 -14.18 -30.09
N ASP B 244 4.00 -15.32 -30.76
CA ASP B 244 2.90 -16.28 -30.77
C ASP B 244 2.81 -16.94 -29.40
N PHE B 245 1.88 -16.46 -28.57
CA PHE B 245 1.73 -16.93 -27.19
C PHE B 245 0.43 -17.69 -26.99
N SER B 246 -0.22 -18.13 -28.07
CA SER B 246 -1.50 -18.82 -27.94
C SER B 246 -1.35 -20.12 -27.16
N LYS B 247 -0.29 -20.87 -27.44
CA LYS B 247 -0.06 -22.14 -26.75
C LYS B 247 0.49 -21.94 -25.35
N ILE B 248 0.88 -20.72 -24.98
CA ILE B 248 1.49 -20.43 -23.69
C ILE B 248 0.70 -19.39 -22.90
N GLU B 249 -0.50 -19.05 -23.37
CA GLU B 249 -1.27 -17.96 -22.74
C GLU B 249 -1.54 -18.25 -21.28
N GLY B 250 -1.91 -19.49 -20.95
CA GLY B 250 -2.12 -19.85 -19.56
C GLY B 250 -0.87 -19.68 -18.73
N HIS B 251 0.28 -20.08 -19.27
CA HIS B 251 1.54 -19.94 -18.54
C HIS B 251 1.91 -18.48 -18.31
N LEU B 252 1.75 -17.64 -19.34
CA LEU B 252 2.07 -16.23 -19.15
C LEU B 252 1.13 -15.58 -18.15
N ALA B 253 -0.15 -15.95 -18.18
CA ALA B 253 -1.07 -15.45 -17.17
C ALA B 253 -0.66 -15.90 -15.78
N TRP B 254 -0.26 -17.18 -15.65
CA TRP B 254 0.21 -17.70 -14.36
C TRP B 254 1.37 -16.89 -13.84
N THR B 255 2.41 -16.71 -14.65
CA THR B 255 3.62 -16.02 -14.19
C THR B 255 3.37 -14.53 -13.94
N ILE B 256 2.57 -13.87 -14.77
CA ILE B 256 2.25 -12.46 -14.53
C ILE B 256 1.46 -12.30 -13.25
N SER B 257 0.49 -13.19 -13.01
CA SER B 257 -0.26 -13.14 -11.76
C SER B 257 0.64 -13.38 -10.57
N THR B 258 1.56 -14.33 -10.67
CA THR B 258 2.48 -14.60 -9.56
C THR B 258 3.36 -13.39 -9.27
N ALA B 259 3.90 -12.76 -10.33
CA ALA B 259 4.73 -11.58 -10.13
C ALA B 259 3.93 -10.44 -9.51
N ALA B 260 2.71 -10.23 -9.99
CA ALA B 260 1.87 -9.17 -9.43
C ALA B 260 1.55 -9.44 -7.97
N PHE B 261 1.26 -10.69 -7.63
CA PHE B 261 0.96 -11.03 -6.23
C PHE B 261 2.18 -10.82 -5.35
N TYR B 262 3.36 -11.23 -5.80
CA TYR B 262 4.56 -11.04 -4.99
C TYR B 262 4.87 -9.56 -4.81
N LYS B 263 4.71 -8.76 -5.87
CA LYS B 263 4.94 -7.32 -5.75
C LYS B 263 3.93 -6.68 -4.80
N ALA B 264 2.71 -7.21 -4.74
CA ALA B 264 1.67 -6.63 -3.90
C ALA B 264 1.94 -6.82 -2.42
N GLY B 265 2.93 -7.64 -2.05
CA GLY B 265 3.24 -7.86 -0.65
C GLY B 265 2.77 -9.21 -0.16
N GLY B 266 2.69 -10.17 -1.06
CA GLY B 266 2.24 -11.49 -0.70
C GLY B 266 3.32 -12.55 -0.82
N LYS B 267 3.22 -13.61 -0.03
CA LYS B 267 4.17 -14.72 -0.09
C LYS B 267 3.52 -15.91 -0.77
N PRO B 268 3.91 -16.26 -2.00
CA PRO B 268 3.25 -17.37 -2.69
C PRO B 268 3.51 -18.72 -2.06
N TRP B 269 4.75 -19.03 -1.71
CA TRP B 269 5.09 -20.33 -1.16
C TRP B 269 6.35 -20.20 -0.32
N LYS B 270 6.62 -21.24 0.47
CA LYS B 270 7.78 -21.27 1.35
C LYS B 270 8.30 -22.69 1.42
N LEU B 271 9.45 -22.85 2.07
CA LEU B 271 10.12 -24.15 2.11
C LEU B 271 9.84 -24.85 3.43
N SER B 272 10.18 -26.15 3.47
CA SER B 272 10.01 -26.96 4.66
C SER B 272 11.20 -27.85 4.98
N ASP B 273 12.15 -28.03 4.06
CA ASP B 273 13.28 -28.93 4.26
C ASP B 273 14.53 -28.22 4.77
N VAL B 274 14.51 -26.91 4.89
CA VAL B 274 15.70 -26.17 5.33
C VAL B 274 15.81 -26.23 6.84
N ARG B 275 16.99 -26.59 7.33
CA ARG B 275 17.21 -26.70 8.76
C ARG B 275 17.24 -25.32 9.40
N ASN B 276 17.00 -25.30 10.72
CA ASN B 276 17.06 -24.06 11.46
C ASN B 276 18.50 -23.62 11.66
N GLY B 277 18.69 -22.31 11.84
CA GLY B 277 20.02 -21.77 12.02
C GLY B 277 20.93 -21.88 10.83
N VAL B 278 20.40 -21.71 9.62
CA VAL B 278 21.18 -21.87 8.39
C VAL B 278 20.98 -20.62 7.55
N CYS B 279 22.01 -19.80 7.47
CA CYS B 279 22.04 -18.68 6.53
C CYS B 279 22.90 -19.04 5.33
N TYR B 280 22.54 -18.48 4.17
CA TYR B 280 23.19 -18.88 2.92
C TYR B 280 24.02 -17.76 2.30
N LEU B 281 23.40 -16.62 1.98
CA LEU B 281 24.05 -15.51 1.29
C LEU B 281 24.46 -15.89 -0.13
N GLY B 282 24.27 -14.98 -1.08
CA GLY B 282 24.65 -15.23 -2.46
C GLY B 282 25.40 -14.06 -3.07
N LEU B 283 26.63 -14.30 -3.51
CA LEU B 283 27.53 -13.23 -3.95
C LEU B 283 27.61 -13.21 -5.46
N VAL B 284 27.39 -12.04 -6.05
CA VAL B 284 27.50 -11.83 -7.49
C VAL B 284 28.23 -10.51 -7.73
N TYR B 285 29.16 -10.51 -8.69
CA TYR B 285 29.94 -9.34 -9.04
C TYR B 285 29.46 -8.79 -10.38
N LYS B 286 29.29 -7.46 -10.44
CA LYS B 286 28.82 -6.80 -11.65
C LYS B 286 29.74 -5.62 -11.98
N LYS B 287 29.66 -5.18 -13.24
CA LYS B 287 30.50 -4.11 -13.73
C LYS B 287 29.74 -2.77 -13.72
N VAL B 288 30.50 -1.70 -13.51
CA VAL B 288 29.97 -0.34 -13.52
C VAL B 288 30.77 0.46 -14.55
N GLU B 289 30.09 0.91 -15.61
CA GLU B 289 30.76 1.60 -16.70
C GLU B 289 30.65 3.12 -16.62
N LYS B 290 29.73 3.66 -15.82
CA LYS B 290 29.55 5.10 -15.77
C LYS B 290 30.78 5.79 -15.21
N SER B 291 31.39 5.22 -14.16
CA SER B 291 32.58 5.78 -13.56
C SER B 291 33.84 5.21 -14.21
N LYS B 292 34.94 5.94 -14.09
CA LYS B 292 36.22 5.45 -14.59
C LYS B 292 36.59 4.16 -13.86
N ASN B 293 37.09 3.19 -14.64
CA ASN B 293 37.38 1.83 -14.20
C ASN B 293 36.06 1.10 -13.93
N PRO B 294 35.97 -0.18 -14.28
CA PRO B 294 34.70 -0.90 -14.06
C PRO B 294 34.26 -0.93 -12.61
N ARG B 295 35.20 -0.93 -11.66
CA ARG B 295 34.98 -0.80 -10.23
C ARG B 295 34.29 -2.02 -9.61
N ASN B 296 33.86 -2.99 -10.41
CA ASN B 296 33.45 -4.32 -9.95
C ASN B 296 32.53 -4.26 -8.74
N ALA B 297 31.34 -3.69 -8.96
CA ALA B 297 30.35 -3.62 -7.90
C ALA B 297 29.93 -5.02 -7.46
N CYS B 298 29.86 -5.23 -6.15
CA CYS B 298 29.49 -6.50 -5.57
C CYS B 298 28.16 -6.38 -4.83
N CYS B 299 27.35 -7.43 -4.93
CA CYS B 299 26.03 -7.44 -4.34
C CYS B 299 25.76 -8.82 -3.74
N ALA B 300 24.81 -8.86 -2.80
CA ALA B 300 24.51 -10.10 -2.10
C ALA B 300 23.02 -10.20 -1.82
N ALA B 301 22.55 -11.44 -1.71
CA ALA B 301 21.18 -11.76 -1.34
C ALA B 301 21.20 -12.81 -0.25
N GLN B 302 20.24 -12.74 0.67
CA GLN B 302 20.26 -13.54 1.89
C GLN B 302 18.95 -14.29 2.06
N MET B 303 19.04 -15.53 2.57
CA MET B 303 17.86 -16.31 2.90
C MET B 303 18.16 -17.16 4.13
N PHE B 304 17.17 -17.27 5.02
CA PHE B 304 17.31 -18.01 6.27
C PHE B 304 15.91 -18.28 6.81
N LEU B 305 15.84 -18.80 8.03
CA LEU B 305 14.60 -19.13 8.70
C LEU B 305 14.38 -18.23 9.91
N ASP B 306 13.13 -18.19 10.38
CA ASP B 306 12.73 -17.35 11.49
C ASP B 306 12.34 -18.21 12.69
N ASN B 307 11.98 -17.54 13.78
CA ASN B 307 11.52 -18.22 14.99
C ASN B 307 10.19 -18.90 14.71
N GLY B 308 10.19 -20.23 14.65
CA GLY B 308 8.99 -20.96 14.34
C GLY B 308 9.04 -21.63 12.98
N ASP B 309 8.24 -21.11 12.04
CA ASP B 309 8.21 -21.64 10.69
C ASP B 309 8.44 -20.61 9.60
N GLY B 310 8.37 -19.32 9.91
CA GLY B 310 8.53 -18.31 8.88
C GLY B 310 9.92 -18.31 8.28
N THR B 311 9.99 -17.88 7.02
CA THR B 311 11.24 -17.79 6.29
C THR B 311 11.41 -16.38 5.74
N VAL B 312 12.67 -15.95 5.63
CA VAL B 312 13.02 -14.66 5.07
C VAL B 312 13.89 -14.89 3.84
N PHE B 313 13.49 -14.31 2.72
CA PHE B 313 14.26 -14.35 1.48
C PHE B 313 14.30 -12.90 0.99
N LYS B 314 15.31 -12.17 1.43
CA LYS B 314 15.47 -10.76 1.10
C LYS B 314 16.89 -10.50 0.63
N GLY B 315 17.04 -9.52 -0.28
CA GLY B 315 18.37 -9.10 -0.65
C GLY B 315 19.08 -8.46 0.52
N GLU B 316 20.39 -8.70 0.62
CA GLU B 316 21.24 -8.09 1.65
C GLU B 316 22.38 -7.44 0.89
N VAL B 317 22.18 -6.19 0.47
CA VAL B 317 23.11 -5.51 -0.43
C VAL B 317 23.60 -4.23 0.23
N GLY B 318 24.91 -4.04 0.23
CA GLY B 318 25.56 -2.88 0.77
C GLY B 318 26.59 -2.35 -0.22
N PRO B 319 26.20 -2.29 -1.51
CA PRO B 319 27.15 -2.57 -2.61
C PRO B 319 28.57 -2.10 -2.39
N TRP B 320 29.49 -3.07 -2.43
CA TRP B 320 30.91 -2.84 -2.15
C TRP B 320 31.67 -2.84 -3.47
N TYR B 321 32.14 -1.67 -3.87
CA TYR B 321 32.87 -1.54 -5.13
C TYR B 321 34.30 -2.05 -4.97
N ASN B 322 34.82 -2.67 -6.01
CA ASN B 322 36.15 -3.27 -5.98
C ASN B 322 37.03 -2.68 -7.08
N PRO B 323 38.10 -1.97 -6.74
CA PRO B 323 38.96 -1.39 -7.79
C PRO B 323 39.65 -2.45 -8.62
N LYS B 324 40.46 -2.01 -9.60
CA LYS B 324 41.16 -2.87 -10.55
C LYS B 324 40.17 -3.47 -11.55
N ASN B 325 40.59 -3.62 -12.80
CA ASN B 325 39.66 -3.93 -13.88
C ASN B 325 39.02 -5.31 -13.69
N GLY B 326 39.83 -6.34 -13.51
CA GLY B 326 39.32 -7.69 -13.53
C GLY B 326 39.62 -8.52 -12.30
N GLN B 327 39.53 -7.90 -11.11
CA GLN B 327 39.87 -8.61 -9.89
C GLN B 327 38.80 -9.63 -9.52
N TYR B 328 37.56 -9.18 -9.37
CA TYR B 328 36.44 -9.99 -8.88
C TYR B 328 36.67 -10.52 -7.48
N HIS B 329 37.71 -10.07 -6.79
CA HIS B 329 38.01 -10.47 -5.43
C HIS B 329 38.06 -9.22 -4.57
N LEU B 330 37.11 -9.10 -3.65
CA LEU B 330 36.97 -7.89 -2.85
C LEU B 330 37.89 -7.92 -1.64
N GLU B 331 38.37 -6.75 -1.24
CA GLU B 331 39.36 -6.64 -0.19
C GLU B 331 38.79 -7.02 1.17
N PRO B 332 39.65 -7.42 2.11
CA PRO B 332 39.14 -7.91 3.41
C PRO B 332 38.31 -6.92 4.19
N LYS B 333 38.53 -5.61 4.02
CA LYS B 333 37.74 -4.63 4.76
C LYS B 333 36.26 -4.72 4.38
N GLU B 334 35.97 -4.68 3.09
CA GLU B 334 34.59 -4.83 2.63
C GLU B 334 34.05 -6.24 2.90
N ALA B 335 34.93 -7.25 2.93
CA ALA B 335 34.49 -8.58 3.33
C ALA B 335 33.98 -8.58 4.76
N LYS B 336 34.73 -7.96 5.68
CA LYS B 336 34.29 -7.85 7.05
C LYS B 336 33.00 -7.07 7.16
N ALA B 337 32.90 -5.96 6.42
CA ALA B 337 31.68 -5.16 6.46
C ALA B 337 30.47 -5.99 6.00
N LEU B 338 30.61 -6.67 4.86
CA LEU B 338 29.51 -7.47 4.33
C LEU B 338 29.09 -8.56 5.29
N LEU B 339 30.06 -9.35 5.79
CA LEU B 339 29.70 -10.49 6.62
C LEU B 339 29.17 -10.04 7.97
N SER B 340 29.72 -8.96 8.54
CA SER B 340 29.16 -8.43 9.79
C SER B 340 27.74 -7.95 9.58
N GLN B 341 27.46 -7.27 8.46
CA GLN B 341 26.11 -6.82 8.20
C GLN B 341 25.15 -8.00 8.07
N SER B 342 25.57 -9.06 7.36
CA SER B 342 24.71 -10.22 7.20
C SER B 342 24.47 -10.91 8.54
N LEU B 343 25.52 -11.09 9.33
CA LEU B 343 25.38 -11.75 10.62
C LEU B 343 24.46 -10.94 11.54
N GLN B 344 24.60 -9.62 11.53
CA GLN B 344 23.69 -8.78 12.31
C GLN B 344 22.26 -8.96 11.83
N SER B 345 22.02 -8.74 10.53
CA SER B 345 20.67 -8.82 9.99
C SER B 345 20.04 -10.17 10.31
N TYR B 346 20.85 -11.21 10.46
CA TYR B 346 20.34 -12.45 11.01
C TYR B 346 20.03 -12.32 12.50
N LYS B 347 20.92 -11.68 13.26
CA LYS B 347 20.79 -11.68 14.72
C LYS B 347 19.57 -10.91 15.19
N GLU B 348 19.39 -9.68 14.69
CA GLU B 348 18.20 -8.93 15.10
C GLU B 348 16.89 -9.59 14.67
N GLN B 349 16.93 -10.55 13.76
CA GLN B 349 15.70 -11.25 13.40
C GLN B 349 15.49 -12.55 14.17
N ILE B 350 16.56 -13.27 14.51
CA ILE B 350 16.48 -14.50 15.29
C ILE B 350 16.92 -14.29 16.73
N GLY B 351 18.12 -13.72 16.93
CA GLY B 351 18.67 -13.47 18.25
C GLY B 351 20.03 -14.10 18.47
N GLU B 352 20.35 -15.15 17.72
CA GLU B 352 21.61 -15.86 17.88
C GLU B 352 22.28 -16.01 16.51
N TYR B 353 23.60 -16.10 16.53
CA TYR B 353 24.35 -16.18 15.28
C TYR B 353 24.03 -17.48 14.55
N PRO B 354 24.07 -17.47 13.21
CA PRO B 354 23.82 -18.72 12.47
C PRO B 354 24.87 -19.77 12.80
N LYS B 355 24.41 -21.02 12.89
CA LYS B 355 25.29 -22.13 13.23
C LYS B 355 26.18 -22.54 12.07
N GLU B 356 25.63 -22.56 10.85
CA GLU B 356 26.43 -22.83 9.65
C GLU B 356 25.98 -21.90 8.55
N VAL B 357 26.94 -21.34 7.81
CA VAL B 357 26.67 -20.43 6.70
C VAL B 357 27.29 -21.02 5.45
N PHE B 358 26.47 -21.16 4.40
CA PHE B 358 26.91 -21.72 3.12
C PHE B 358 27.00 -20.58 2.12
N ILE B 359 28.17 -19.91 2.11
CA ILE B 359 28.39 -18.78 1.21
C ILE B 359 28.29 -19.24 -0.24
N HIS B 360 27.31 -18.71 -0.96
CA HIS B 360 27.09 -19.07 -2.35
C HIS B 360 27.62 -17.97 -3.27
N ALA B 361 28.40 -18.36 -4.26
CA ALA B 361 28.86 -17.45 -5.30
C ALA B 361 29.16 -18.27 -6.53
N LYS B 362 29.18 -17.62 -7.68
CA LYS B 362 29.46 -18.30 -8.94
C LYS B 362 30.84 -17.97 -9.48
N THR B 363 31.71 -17.43 -8.63
CA THR B 363 33.15 -17.38 -8.85
C THR B 363 33.85 -17.80 -7.55
N ARG B 364 34.99 -18.45 -7.69
CA ARG B 364 35.68 -18.95 -6.51
C ARG B 364 36.32 -17.80 -5.73
N PHE B 365 36.79 -18.12 -4.53
CA PHE B 365 37.38 -17.16 -3.61
C PHE B 365 38.83 -17.55 -3.32
N ASN B 366 39.66 -16.55 -3.10
CA ASN B 366 41.00 -16.78 -2.57
C ASN B 366 41.00 -16.54 -1.07
N HIS B 367 42.15 -16.80 -0.44
CA HIS B 367 42.26 -16.72 1.01
C HIS B 367 42.08 -15.31 1.54
N GLN B 368 42.18 -14.29 0.69
CA GLN B 368 42.11 -12.91 1.16
C GLN B 368 40.76 -12.62 1.83
N GLU B 369 39.66 -13.01 1.18
CA GLU B 369 38.36 -12.81 1.79
C GLU B 369 38.16 -13.74 2.98
N TRP B 370 38.67 -14.97 2.88
CA TRP B 370 38.37 -15.98 3.91
C TRP B 370 39.07 -15.69 5.23
N ASP B 371 40.25 -15.08 5.19
CA ASP B 371 40.90 -14.69 6.44
C ASP B 371 40.03 -13.71 7.21
N ALA B 372 39.55 -12.66 6.54
CA ALA B 372 38.67 -11.69 7.19
C ALA B 372 37.36 -12.34 7.62
N PHE B 373 36.81 -13.23 6.78
CA PHE B 373 35.56 -13.90 7.12
C PHE B 373 35.71 -14.70 8.41
N LEU B 374 36.79 -15.48 8.52
CA LEU B 374 37.04 -16.23 9.74
C LEU B 374 37.30 -15.30 10.92
N GLU B 375 37.90 -14.13 10.66
CA GLU B 375 38.12 -13.16 11.72
C GLU B 375 36.80 -12.66 12.30
N VAL B 376 35.81 -12.41 11.44
CA VAL B 376 34.58 -11.80 11.92
C VAL B 376 33.57 -12.85 12.43
N THR B 377 33.61 -14.07 11.91
CA THR B 377 32.70 -15.09 12.38
C THR B 377 33.07 -15.55 13.80
N PRO B 378 32.09 -15.93 14.60
CA PRO B 378 32.37 -16.54 15.90
C PRO B 378 32.77 -18.01 15.72
N LYS B 379 33.18 -18.62 16.83
CA LYS B 379 33.63 -20.00 16.79
C LYS B 379 32.48 -20.98 16.51
N GLU B 380 31.28 -20.67 17.01
CA GLU B 380 30.15 -21.57 16.81
C GLU B 380 29.75 -21.66 15.35
N THR B 381 29.83 -20.54 14.62
CA THR B 381 29.41 -20.52 13.23
C THR B 381 30.35 -21.35 12.37
N ASN B 382 29.76 -22.19 11.51
CA ASN B 382 30.53 -23.03 10.59
C ASN B 382 30.41 -22.43 9.19
N LEU B 383 31.42 -21.66 8.80
CA LEU B 383 31.39 -20.99 7.50
C LEU B 383 31.77 -21.96 6.40
N VAL B 384 30.98 -21.95 5.32
CA VAL B 384 31.20 -22.82 4.16
C VAL B 384 31.08 -21.98 2.90
N GLY B 385 32.03 -22.17 1.98
CA GLY B 385 31.99 -21.48 0.71
C GLY B 385 31.79 -22.43 -0.46
N VAL B 386 30.76 -22.18 -1.27
CA VAL B 386 30.38 -23.05 -2.37
C VAL B 386 30.37 -22.23 -3.65
N THR B 387 30.98 -22.77 -4.71
CA THR B 387 31.00 -22.13 -6.02
C THR B 387 30.08 -22.88 -6.98
N ILE B 388 29.41 -22.13 -7.84
CA ILE B 388 28.50 -22.67 -8.84
C ILE B 388 28.99 -22.23 -10.21
N SER B 389 29.14 -23.18 -11.13
CA SER B 389 29.68 -22.85 -12.45
C SER B 389 28.91 -23.58 -13.54
N LYS B 390 28.55 -22.83 -14.59
CA LYS B 390 28.04 -23.41 -15.82
C LYS B 390 29.11 -23.52 -16.89
N THR B 391 30.36 -23.13 -16.58
CA THR B 391 31.40 -23.10 -17.60
C THR B 391 31.74 -24.50 -18.09
N LYS B 392 31.79 -25.48 -17.19
CA LYS B 392 32.19 -26.82 -17.56
C LYS B 392 31.18 -27.43 -18.52
N PRO B 393 31.57 -27.79 -19.74
CA PRO B 393 30.65 -28.36 -20.73
C PRO B 393 30.48 -29.88 -20.60
N LEU B 394 30.26 -30.36 -19.38
CA LEU B 394 29.91 -31.75 -19.18
C LEU B 394 28.50 -32.00 -19.67
N LYS B 395 28.35 -32.97 -20.56
CA LYS B 395 27.07 -33.28 -21.17
C LYS B 395 26.85 -34.77 -21.07
N LEU B 396 25.68 -35.18 -20.55
CA LEU B 396 25.39 -36.60 -20.41
C LEU B 396 24.59 -37.10 -21.59
N TYR B 397 24.72 -38.38 -21.92
CA TYR B 397 24.12 -38.96 -23.11
C TYR B 397 23.45 -40.27 -22.73
N LYS B 398 22.13 -40.32 -22.90
CA LYS B 398 21.40 -41.55 -22.62
C LYS B 398 21.46 -42.49 -23.82
N THR B 399 21.22 -43.77 -23.56
CA THR B 399 21.32 -44.78 -24.62
C THR B 399 20.25 -44.59 -25.68
N GLU B 400 19.00 -44.46 -25.26
CA GLU B 400 17.88 -44.38 -26.20
C GLU B 400 16.86 -43.36 -25.70
N GLY B 401 16.00 -42.93 -26.61
CA GLY B 401 14.95 -42.00 -26.30
C GLY B 401 15.25 -40.61 -26.80
N ASP B 402 14.18 -39.83 -27.03
CA ASP B 402 14.29 -38.45 -27.47
C ASP B 402 14.14 -37.46 -26.31
N TYR B 403 14.32 -37.92 -25.07
CA TYR B 403 14.14 -37.10 -23.89
C TYR B 403 15.45 -37.02 -23.13
N THR B 404 15.50 -36.07 -22.19
CA THR B 404 16.71 -35.76 -21.44
C THR B 404 16.71 -36.45 -20.07
N ILE B 405 17.64 -36.04 -19.22
CA ILE B 405 17.87 -36.68 -17.92
C ILE B 405 16.90 -36.12 -16.88
N LEU B 406 16.76 -36.87 -15.79
CA LEU B 406 16.02 -36.38 -14.63
C LEU B 406 16.66 -35.11 -14.09
N ARG B 407 15.82 -34.23 -13.55
CA ARG B 407 16.31 -33.09 -12.78
C ARG B 407 16.53 -33.54 -11.33
N GLY B 408 17.79 -33.61 -10.91
CA GLY B 408 18.10 -34.02 -9.55
C GLY B 408 19.24 -35.01 -9.44
N ASN B 409 19.72 -35.50 -10.58
CA ASN B 409 20.84 -36.43 -10.57
C ASN B 409 22.13 -35.70 -10.21
N ALA B 410 22.99 -36.36 -9.44
CA ALA B 410 24.24 -35.77 -9.00
C ALA B 410 25.40 -36.73 -9.27
N TYR B 411 26.41 -36.23 -9.96
CA TYR B 411 27.65 -36.98 -10.18
C TYR B 411 28.68 -36.49 -9.18
N VAL B 412 28.94 -37.30 -8.16
CA VAL B 412 29.85 -36.92 -7.08
C VAL B 412 31.28 -37.20 -7.56
N VAL B 413 32.00 -36.15 -7.94
CA VAL B 413 33.39 -36.32 -8.36
C VAL B 413 34.24 -36.78 -7.19
N ASN B 414 34.11 -36.09 -6.06
CA ASN B 414 34.81 -36.44 -4.84
C ASN B 414 34.06 -35.82 -3.67
N GLU B 415 34.69 -35.81 -2.50
CA GLU B 415 34.07 -35.21 -1.32
C GLU B 415 33.89 -33.71 -1.47
N ARG B 416 34.63 -33.06 -2.38
CA ARG B 416 34.61 -31.61 -2.49
C ARG B 416 33.91 -31.09 -3.73
N SER B 417 33.76 -31.89 -4.78
CA SER B 417 33.18 -31.42 -6.03
C SER B 417 32.12 -32.40 -6.52
N ALA B 418 31.10 -31.86 -7.18
CA ALA B 418 30.02 -32.66 -7.72
C ALA B 418 29.33 -31.88 -8.83
N PHE B 419 28.55 -32.61 -9.63
CA PHE B 419 27.76 -32.04 -10.71
C PHE B 419 26.29 -32.27 -10.42
N LEU B 420 25.48 -31.23 -10.55
CA LEU B 420 24.04 -31.31 -10.34
C LEU B 420 23.33 -30.87 -11.61
N TRP B 421 22.38 -31.67 -12.07
CA TRP B 421 21.58 -31.37 -13.25
C TRP B 421 20.23 -30.81 -12.83
N THR B 422 20.24 -29.54 -12.41
CA THR B 422 19.01 -28.88 -12.01
C THR B 422 18.15 -28.47 -13.20
N VAL B 423 18.67 -28.58 -14.41
CA VAL B 423 17.91 -28.29 -15.63
C VAL B 423 17.84 -29.56 -16.45
N GLY B 424 16.70 -29.80 -17.06
CA GLY B 424 16.47 -31.01 -17.82
C GLY B 424 15.02 -31.43 -17.73
N TYR B 425 14.80 -32.75 -17.79
CA TYR B 425 13.46 -33.30 -17.74
C TYR B 425 13.04 -33.60 -16.31
N VAL B 426 11.79 -33.29 -16.00
CA VAL B 426 11.14 -33.74 -14.77
C VAL B 426 9.77 -34.26 -15.16
N PRO B 427 9.34 -35.42 -14.64
CA PRO B 427 8.10 -36.04 -15.11
C PRO B 427 6.86 -35.17 -14.98
N LYS B 428 6.77 -34.37 -13.92
CA LYS B 428 5.54 -33.65 -13.64
C LYS B 428 5.20 -32.64 -14.74
N ILE B 429 6.22 -32.06 -15.39
CA ILE B 429 5.97 -31.06 -16.43
C ILE B 429 6.00 -31.66 -17.83
N GLN B 430 6.39 -32.92 -17.97
CA GLN B 430 6.24 -33.69 -19.21
C GLN B 430 7.23 -33.25 -20.28
N THR B 431 7.96 -32.16 -20.04
CA THR B 431 8.89 -31.64 -21.03
C THR B 431 10.19 -31.26 -20.34
N ALA B 432 11.30 -31.42 -21.06
CA ALA B 432 12.59 -31.00 -20.55
C ALA B 432 12.60 -29.50 -20.33
N LEU B 433 13.18 -29.07 -19.20
CA LEU B 433 13.28 -27.64 -18.92
C LEU B 433 14.14 -26.91 -19.94
N SER B 434 15.00 -27.63 -20.64
CA SER B 434 15.85 -27.07 -21.69
C SER B 434 15.40 -27.59 -23.05
N MET B 435 16.00 -27.04 -24.10
CA MET B 435 15.75 -27.48 -25.46
C MET B 435 16.84 -28.41 -25.99
N GLU B 436 18.09 -27.98 -25.92
CA GLU B 436 19.21 -28.83 -26.26
C GLU B 436 19.61 -29.64 -25.03
N VAL B 437 20.77 -30.27 -25.07
CA VAL B 437 21.22 -31.09 -23.94
C VAL B 437 21.48 -30.18 -22.74
N PRO B 438 20.91 -30.48 -21.57
CA PRO B 438 21.12 -29.62 -20.40
C PRO B 438 22.58 -29.52 -20.02
N ASN B 439 22.93 -28.37 -19.44
CA ASN B 439 24.22 -28.17 -18.82
C ASN B 439 24.09 -28.15 -17.31
N PRO B 440 24.87 -28.95 -16.59
CA PRO B 440 24.72 -29.07 -15.14
C PRO B 440 25.42 -27.92 -14.42
N LEU B 441 25.23 -27.89 -13.10
CA LEU B 441 25.87 -26.92 -12.23
C LEU B 441 27.13 -27.56 -11.64
N PHE B 442 28.22 -26.81 -11.64
CA PHE B 442 29.48 -27.27 -11.05
C PHE B 442 29.54 -26.79 -9.61
N ILE B 443 29.20 -27.67 -8.68
CA ILE B 443 29.23 -27.36 -7.25
C ILE B 443 30.54 -27.86 -6.66
N GLU B 444 31.32 -26.93 -6.12
CA GLU B 444 32.57 -27.26 -5.45
C GLU B 444 32.67 -26.42 -4.19
N ILE B 445 32.95 -27.08 -3.07
CA ILE B 445 33.11 -26.38 -1.78
C ILE B 445 34.55 -25.86 -1.74
N ASN B 446 34.71 -24.55 -1.94
CA ASN B 446 36.05 -23.97 -2.02
C ASN B 446 36.79 -24.12 -0.70
N LYS B 447 36.14 -23.77 0.41
CA LYS B 447 36.76 -23.83 1.73
C LYS B 447 35.73 -24.30 2.74
N GLY B 448 36.19 -24.53 3.97
CA GLY B 448 35.37 -25.22 4.95
C GLY B 448 35.51 -26.71 4.81
N GLU B 449 34.61 -27.44 5.48
CA GLU B 449 34.58 -28.89 5.39
C GLU B 449 33.37 -29.39 4.60
N ALA B 450 32.15 -29.06 5.02
CA ALA B 450 30.91 -29.28 4.28
C ALA B 450 30.65 -30.73 3.87
N ASP B 451 29.50 -31.27 4.27
CA ASP B 451 29.05 -32.56 3.75
C ASP B 451 28.48 -32.36 2.35
N ILE B 452 28.97 -33.16 1.40
CA ILE B 452 28.64 -32.93 0.00
C ILE B 452 27.16 -33.19 -0.26
N LYS B 453 26.58 -34.18 0.42
CA LYS B 453 25.17 -34.50 0.18
C LYS B 453 24.27 -33.35 0.58
N GLN B 454 24.55 -32.71 1.71
CA GLN B 454 23.70 -31.62 2.17
C GLN B 454 23.76 -30.43 1.22
N VAL B 455 24.97 -30.06 0.78
CA VAL B 455 25.08 -28.89 -0.10
C VAL B 455 24.48 -29.18 -1.46
N LEU B 456 24.67 -30.39 -1.99
CA LEU B 456 23.97 -30.75 -3.22
C LEU B 456 22.48 -30.90 -3.02
N LYS B 457 22.02 -31.03 -1.78
CA LYS B 457 20.59 -31.06 -1.48
C LYS B 457 20.00 -29.67 -1.31
N ASP B 458 20.77 -28.71 -0.81
CA ASP B 458 20.27 -27.35 -0.61
C ASP B 458 20.13 -26.59 -1.92
N ILE B 459 21.05 -26.78 -2.86
CA ILE B 459 20.98 -26.08 -4.13
C ILE B 459 19.69 -26.45 -4.86
N LEU B 460 19.35 -27.74 -4.87
CA LEU B 460 18.12 -28.18 -5.52
C LEU B 460 16.90 -27.53 -4.87
N SER B 461 16.91 -27.40 -3.55
CA SER B 461 15.85 -26.68 -2.86
C SER B 461 15.85 -25.21 -3.25
N LEU B 462 17.03 -24.58 -3.33
CA LEU B 462 17.11 -23.17 -3.66
C LEU B 462 16.69 -22.87 -5.10
N THR B 463 16.69 -23.87 -5.97
CA THR B 463 16.26 -23.59 -7.34
C THR B 463 14.75 -23.42 -7.49
N LYS B 464 13.98 -23.27 -6.42
CA LYS B 464 12.53 -23.15 -6.53
C LYS B 464 11.97 -21.79 -6.19
N LEU B 465 12.78 -20.89 -5.63
CA LEU B 465 12.25 -19.63 -5.09
C LEU B 465 12.27 -18.52 -6.15
N ASN B 466 11.71 -18.80 -7.32
CA ASN B 466 11.67 -17.81 -8.40
C ASN B 466 10.32 -17.12 -8.36
N TYR B 467 10.17 -16.21 -7.39
CA TYR B 467 8.92 -15.45 -7.27
C TYR B 467 8.67 -14.58 -8.48
N ASN B 468 9.71 -14.29 -9.27
CA ASN B 468 9.56 -13.47 -10.47
C ASN B 468 8.96 -14.22 -11.64
N ALA B 469 8.91 -15.55 -11.58
CA ALA B 469 8.40 -16.35 -12.70
C ALA B 469 7.81 -17.65 -12.17
N CYS B 470 6.54 -17.89 -12.47
CA CYS B 470 5.85 -19.10 -12.04
C CYS B 470 6.35 -20.28 -12.89
N ILE B 471 7.47 -20.83 -12.47
CA ILE B 471 8.10 -21.96 -13.14
C ILE B 471 8.23 -23.09 -12.13
N PHE B 472 8.26 -24.33 -12.65
CA PHE B 472 8.42 -25.49 -11.77
C PHE B 472 9.73 -25.42 -11.02
N ALA B 473 10.81 -25.03 -11.70
CA ALA B 473 12.12 -24.90 -11.08
C ALA B 473 12.99 -24.00 -11.93
N ASP B 474 14.08 -23.53 -11.35
CA ASP B 474 15.03 -22.67 -12.03
C ASP B 474 16.35 -23.39 -12.23
N GLY B 475 17.10 -22.95 -13.25
CA GLY B 475 18.34 -23.59 -13.63
C GLY B 475 19.55 -23.23 -12.80
N GLU B 476 19.38 -22.41 -11.77
CA GLU B 476 20.46 -22.07 -10.84
C GLU B 476 19.81 -21.67 -9.53
N PRO B 477 20.56 -21.67 -8.42
CA PRO B 477 19.98 -21.18 -7.16
C PRO B 477 19.50 -19.74 -7.31
N VAL B 478 18.32 -19.47 -6.75
CA VAL B 478 17.69 -18.17 -6.92
C VAL B 478 18.48 -17.07 -6.23
N THR B 479 19.28 -17.42 -5.22
CA THR B 479 20.12 -16.42 -4.57
C THR B 479 21.10 -15.81 -5.58
N LEU B 480 21.70 -16.65 -6.42
CA LEU B 480 22.60 -16.15 -7.46
C LEU B 480 21.83 -15.31 -8.48
N ARG B 481 20.67 -15.82 -8.93
CA ARG B 481 19.90 -15.12 -9.95
C ARG B 481 19.37 -13.78 -9.43
N PHE B 482 18.78 -13.79 -8.23
CA PHE B 482 18.23 -12.55 -7.68
C PHE B 482 19.34 -11.58 -7.29
N ALA B 483 20.48 -12.09 -6.83
CA ALA B 483 21.61 -11.22 -6.57
C ALA B 483 22.11 -10.57 -7.85
N ASP B 484 22.17 -11.33 -8.95
CA ASP B 484 22.53 -10.74 -10.23
C ASP B 484 21.54 -9.68 -10.66
N LYS B 485 20.24 -9.95 -10.46
CA LYS B 485 19.22 -8.97 -10.82
C LYS B 485 19.37 -7.68 -10.03
N ILE B 486 19.52 -7.81 -8.70
CA ILE B 486 19.62 -6.62 -7.85
C ILE B 486 20.91 -5.86 -8.15
N GLY B 487 21.98 -6.58 -8.48
CA GLY B 487 23.21 -5.90 -8.88
C GLY B 487 23.04 -5.13 -10.18
N GLU B 488 22.35 -5.73 -11.15
CA GLU B 488 22.08 -5.04 -12.41
C GLU B 488 21.26 -3.78 -12.18
N ILE B 489 20.26 -3.87 -11.29
CA ILE B 489 19.45 -2.70 -10.98
C ILE B 489 20.27 -1.63 -10.28
N LEU B 490 21.10 -2.04 -9.32
CA LEU B 490 21.86 -1.08 -8.52
C LEU B 490 23.05 -0.48 -9.24
N THR B 491 23.47 -1.05 -10.38
CA THR B 491 24.56 -0.51 -11.17
C THR B 491 24.09 0.54 -12.18
N ALA B 492 22.80 0.85 -12.19
CA ALA B 492 22.26 1.83 -13.12
C ALA B 492 22.27 3.25 -12.58
N SER B 493 22.43 3.43 -11.27
CA SER B 493 22.40 4.75 -10.65
C SER B 493 23.56 4.87 -9.67
N THR B 494 24.18 6.06 -9.65
CA THR B 494 25.30 6.32 -8.76
C THR B 494 24.94 7.14 -7.54
N ASP B 495 23.74 7.72 -7.49
CA ASP B 495 23.31 8.55 -6.37
C ASP B 495 22.56 7.75 -5.31
N ILE B 496 22.48 6.43 -5.47
CA ILE B 496 21.77 5.59 -4.51
C ILE B 496 22.54 5.57 -3.19
N LYS B 497 21.82 5.77 -2.09
CA LYS B 497 22.40 5.71 -0.76
C LYS B 497 21.48 4.91 0.14
N THR B 498 22.02 3.86 0.76
CA THR B 498 21.26 2.92 1.57
C THR B 498 20.06 2.43 0.78
N PRO B 499 20.27 1.63 -0.28
CA PRO B 499 19.17 1.27 -1.14
C PRO B 499 18.23 0.30 -0.44
N PRO B 500 16.95 0.25 -0.85
CA PRO B 500 16.05 -0.77 -0.32
C PRO B 500 16.56 -2.16 -0.62
N LEU B 501 16.26 -3.09 0.28
CA LEU B 501 16.76 -4.46 0.18
C LEU B 501 15.63 -5.49 0.23
N ALA B 502 14.42 -5.10 -0.13
CA ALA B 502 13.32 -6.03 -0.33
C ALA B 502 13.09 -6.23 -1.83
N PHE B 503 12.80 -7.48 -2.21
CA PHE B 503 12.72 -7.83 -3.62
C PHE B 503 11.49 -7.26 -4.31
N LYS B 504 10.54 -6.69 -3.57
CA LYS B 504 9.36 -6.12 -4.20
C LYS B 504 9.71 -4.99 -5.16
N TYR B 505 10.75 -4.23 -4.85
CA TYR B 505 11.15 -3.09 -5.67
C TYR B 505 12.18 -3.46 -6.73
N TYR B 506 12.52 -4.74 -6.86
CA TYR B 506 13.58 -5.15 -7.77
C TYR B 506 13.09 -6.07 -8.89
N ILE B 507 12.41 -7.15 -8.57
CA ILE B 507 11.91 -8.04 -9.61
C ILE B 507 10.52 -7.59 -10.06
N MET G 1 -50.99 -10.91 -6.11
CA MET G 1 -49.84 -11.75 -5.84
C MET G 1 -49.12 -11.29 -4.56
N ARG G 2 -48.28 -12.16 -4.02
CA ARG G 2 -47.54 -11.87 -2.79
C ARG G 2 -46.18 -11.30 -3.14
N ASN G 3 -45.96 -10.02 -2.79
CA ASN G 3 -44.69 -9.38 -3.09
C ASN G 3 -44.20 -8.47 -1.97
N LYS G 4 -44.73 -8.62 -0.76
CA LYS G 4 -44.37 -7.75 0.35
C LYS G 4 -43.64 -8.55 1.43
N ILE G 5 -42.92 -7.82 2.29
CA ILE G 5 -42.04 -8.42 3.28
C ILE G 5 -42.56 -8.06 4.67
N PHE G 6 -42.57 -9.03 5.57
CA PHE G 6 -42.89 -8.79 6.97
C PHE G 6 -41.63 -8.95 7.81
N ILE G 7 -41.36 -7.97 8.67
CA ILE G 7 -40.22 -8.01 9.58
C ILE G 7 -40.77 -7.78 10.99
N SER G 8 -40.59 -8.76 11.87
CA SER G 8 -41.04 -8.68 13.25
C SER G 8 -39.85 -8.41 14.16
N HIS G 9 -40.04 -7.49 15.11
CA HIS G 9 -38.96 -7.08 15.99
C HIS G 9 -39.56 -6.45 17.24
N ALA G 10 -38.68 -6.17 18.20
CA ALA G 10 -39.06 -5.43 19.41
C ALA G 10 -38.89 -3.95 19.11
N THR G 11 -40.01 -3.26 18.89
CA THR G 11 -39.95 -1.84 18.53
C THR G 11 -39.26 -0.97 19.58
N PRO G 12 -39.48 -1.10 20.89
CA PRO G 12 -38.78 -0.22 21.83
C PRO G 12 -37.31 -0.53 22.01
N ASP G 13 -36.82 -1.67 21.52
CA ASP G 13 -35.45 -2.09 21.77
C ASP G 13 -34.65 -2.36 20.51
N ASP G 14 -35.26 -2.95 19.48
CA ASP G 14 -34.57 -3.35 18.26
C ASP G 14 -34.83 -2.40 17.11
N ASN G 15 -34.94 -1.10 17.39
CA ASN G 15 -35.28 -0.14 16.35
C ASN G 15 -34.15 0.00 15.33
N ASP G 16 -32.90 0.06 15.79
CA ASP G 16 -31.79 0.38 14.92
C ASP G 16 -31.58 -0.68 13.83
N PHE G 17 -31.47 -1.95 14.24
CA PHE G 17 -31.20 -3.01 13.29
C PHE G 17 -32.37 -3.20 12.32
N THR G 18 -33.60 -3.13 12.84
CA THR G 18 -34.76 -3.27 11.97
C THR G 18 -34.83 -2.13 10.96
N ARG G 19 -34.56 -0.91 11.41
CA ARG G 19 -34.55 0.24 10.49
C ARG G 19 -33.50 0.05 9.41
N TRP G 20 -32.30 -0.36 9.80
CA TRP G 20 -31.24 -0.56 8.82
C TRP G 20 -31.60 -1.65 7.82
N LEU G 21 -32.12 -2.77 8.31
CA LEU G 21 -32.47 -3.87 7.42
C LEU G 21 -33.56 -3.45 6.44
N ALA G 22 -34.60 -2.77 6.93
CA ALA G 22 -35.65 -2.31 6.04
C ALA G 22 -35.12 -1.33 5.00
N LEU G 23 -34.26 -0.40 5.44
CA LEU G 23 -33.71 0.59 4.52
C LEU G 23 -32.89 -0.07 3.41
N LYS G 24 -32.03 -1.03 3.78
CA LYS G 24 -31.19 -1.67 2.77
C LYS G 24 -32.00 -2.57 1.86
N LEU G 25 -32.98 -3.30 2.42
CA LEU G 25 -33.80 -4.15 1.57
C LEU G 25 -34.62 -3.33 0.59
N ILE G 26 -35.11 -2.17 1.03
CA ILE G 26 -35.82 -1.26 0.11
C ILE G 26 -34.86 -0.74 -0.95
N GLY G 27 -33.66 -0.34 -0.55
CA GLY G 27 -32.69 0.18 -1.51
C GLY G 27 -32.28 -0.85 -2.55
N LEU G 28 -32.23 -2.13 -2.15
CA LEU G 28 -31.85 -3.19 -3.08
C LEU G 28 -32.96 -3.54 -4.06
N GLY G 29 -34.18 -3.05 -3.85
CA GLY G 29 -35.27 -3.29 -4.79
C GLY G 29 -36.33 -4.26 -4.30
N TYR G 30 -36.66 -4.21 -3.01
CA TYR G 30 -37.64 -5.10 -2.41
C TYR G 30 -38.71 -4.28 -1.71
N GLU G 31 -39.97 -4.70 -1.82
CA GLU G 31 -41.07 -4.01 -1.17
C GLU G 31 -41.17 -4.43 0.29
N VAL G 32 -40.74 -3.56 1.19
CA VAL G 32 -40.62 -3.86 2.61
C VAL G 32 -41.81 -3.26 3.34
N TRP G 33 -42.44 -4.07 4.20
CA TRP G 33 -43.52 -3.63 5.06
C TRP G 33 -43.11 -3.85 6.51
N CYS G 34 -43.22 -2.81 7.33
CA CYS G 34 -42.82 -2.92 8.73
C CYS G 34 -43.64 -1.93 9.56
N ASP G 35 -43.70 -2.21 10.86
CA ASP G 35 -44.44 -1.34 11.77
C ASP G 35 -43.79 0.04 11.88
N ILE G 36 -42.47 0.08 12.07
CA ILE G 36 -41.76 1.35 12.17
C ILE G 36 -41.58 2.04 10.83
N LEU G 37 -41.91 1.37 9.73
CA LEU G 37 -41.78 1.98 8.42
C LEU G 37 -42.74 3.14 8.25
N PHE G 38 -43.95 3.02 8.79
CA PHE G 38 -44.97 4.05 8.65
C PHE G 38 -44.99 4.97 9.87
N LEU G 39 -45.18 6.25 9.62
CA LEU G 39 -45.28 7.26 10.68
C LEU G 39 -46.74 7.62 10.89
N ASP G 40 -47.20 7.46 12.15
CA ASP G 40 -48.55 7.59 12.69
C ASP G 40 -49.17 6.21 12.87
N LYS G 41 -50.14 6.09 13.76
CA LYS G 41 -50.79 4.82 14.04
C LYS G 41 -52.28 5.05 14.25
N GLY G 42 -53.05 3.98 14.05
CA GLY G 42 -54.48 4.01 14.27
C GLY G 42 -54.90 2.73 14.97
N VAL G 43 -56.21 2.60 15.17
CA VAL G 43 -56.74 1.39 15.79
C VAL G 43 -56.70 0.21 14.83
N ASP G 44 -56.48 0.45 13.54
CA ASP G 44 -56.65 -0.57 12.53
C ASP G 44 -55.39 -1.39 12.24
N PHE G 45 -54.25 -1.07 12.86
CA PHE G 45 -53.03 -1.79 12.51
C PHE G 45 -53.06 -3.22 13.04
N TRP G 46 -53.87 -3.49 14.07
CA TRP G 46 -54.02 -4.86 14.55
C TRP G 46 -54.59 -5.76 13.47
N SER G 47 -55.59 -5.29 12.73
CA SER G 47 -56.09 -6.04 11.60
C SER G 47 -55.18 -5.91 10.39
N ASN G 48 -54.48 -4.78 10.25
CA ASN G 48 -53.63 -4.56 9.09
C ASN G 48 -52.49 -5.56 9.06
N ILE G 49 -51.84 -5.81 10.21
CA ILE G 49 -50.74 -6.76 10.26
C ILE G 49 -51.23 -8.15 9.87
N GLU G 50 -52.37 -8.57 10.41
CA GLU G 50 -52.89 -9.91 10.12
C GLU G 50 -53.26 -10.04 8.65
N LYS G 51 -53.92 -9.04 8.08
CA LYS G 51 -54.29 -9.12 6.67
C LYS G 51 -53.07 -9.08 5.77
N VAL G 52 -52.04 -8.32 6.13
CA VAL G 52 -50.82 -8.29 5.34
C VAL G 52 -50.14 -9.65 5.36
N ILE G 53 -50.05 -10.27 6.53
CA ILE G 53 -49.45 -11.60 6.63
C ILE G 53 -50.26 -12.61 5.83
N ARG G 54 -51.59 -12.55 5.93
CA ARG G 54 -52.43 -13.55 5.27
C ARG G 54 -52.43 -13.41 3.76
N GLU G 55 -52.40 -12.18 3.24
CA GLU G 55 -52.60 -11.98 1.81
C GLU G 55 -51.36 -11.44 1.09
N ASP G 56 -50.75 -10.38 1.60
CA ASP G 56 -49.70 -9.68 0.86
C ASP G 56 -48.29 -10.16 1.20
N THR G 57 -48.10 -10.82 2.34
CA THR G 57 -46.77 -11.27 2.73
C THR G 57 -46.41 -12.56 2.01
N CYS G 58 -45.27 -12.56 1.34
CA CYS G 58 -44.75 -13.74 0.67
C CYS G 58 -43.72 -14.49 1.50
N LYS G 59 -43.33 -13.95 2.66
CA LYS G 59 -42.17 -14.42 3.39
C LYS G 59 -42.01 -13.69 4.71
N PHE G 60 -41.63 -14.41 5.77
CA PHE G 60 -41.54 -13.85 7.11
C PHE G 60 -40.08 -13.68 7.51
N LEU G 61 -39.73 -12.50 7.99
CA LEU G 61 -38.42 -12.21 8.55
C LEU G 61 -38.58 -11.88 10.03
N LEU G 62 -37.86 -12.60 10.88
CA LEU G 62 -37.95 -12.42 12.33
C LEU G 62 -36.62 -11.93 12.87
N VAL G 63 -36.67 -10.88 13.69
CA VAL G 63 -35.48 -10.37 14.37
C VAL G 63 -35.37 -11.11 15.70
N SER G 64 -34.48 -12.10 15.76
CA SER G 64 -34.30 -12.91 16.95
C SER G 64 -33.37 -12.20 17.91
N SER G 65 -33.88 -11.85 19.09
CA SER G 65 -33.10 -11.16 20.10
C SER G 65 -33.69 -11.47 21.47
N SER G 66 -32.93 -11.14 22.52
CA SER G 66 -33.40 -11.40 23.88
C SER G 66 -34.69 -10.67 24.19
N TYR G 67 -34.86 -9.45 23.64
CA TYR G 67 -36.08 -8.70 23.90
C TYR G 67 -37.24 -9.22 23.07
N SER G 68 -36.99 -9.67 21.86
CA SER G 68 -38.03 -10.13 20.95
C SER G 68 -38.27 -11.63 21.00
N ASN G 69 -37.56 -12.35 21.87
CA ASN G 69 -37.73 -13.80 21.93
C ASN G 69 -39.07 -14.20 22.53
N GLN G 70 -39.48 -13.52 23.60
CA GLN G 70 -40.67 -13.88 24.35
C GLN G 70 -41.59 -12.69 24.55
N ARG G 71 -41.87 -11.97 23.46
CA ARG G 71 -42.80 -10.85 23.48
C ARG G 71 -44.13 -11.28 22.88
N GLU G 72 -45.22 -11.00 23.59
CA GLU G 72 -46.52 -11.57 23.25
C GLU G 72 -46.94 -11.18 21.83
N GLY G 73 -46.77 -9.91 21.48
CA GLY G 73 -47.07 -9.49 20.11
C GLY G 73 -46.18 -10.17 19.10
N VAL G 74 -44.87 -10.25 19.40
CA VAL G 74 -43.95 -10.91 18.49
C VAL G 74 -44.35 -12.37 18.29
N LEU G 75 -44.72 -13.04 19.39
CA LEU G 75 -45.18 -14.43 19.26
C LEU G 75 -46.49 -14.54 18.48
N LYS G 76 -47.38 -13.55 18.59
CA LYS G 76 -48.63 -13.66 17.85
C LYS G 76 -48.41 -13.49 16.36
N GLU G 77 -47.57 -12.52 15.96
CA GLU G 77 -47.25 -12.44 14.53
C GLU G 77 -46.45 -13.65 14.08
N LEU G 78 -45.63 -14.22 14.96
CA LEU G 78 -44.92 -15.45 14.62
C LEU G 78 -45.89 -16.58 14.36
N ALA G 79 -46.94 -16.69 15.18
CA ALA G 79 -47.93 -17.74 14.99
C ALA G 79 -48.72 -17.54 13.70
N VAL G 80 -49.08 -16.29 13.39
CA VAL G 80 -49.78 -16.03 12.13
C VAL G 80 -48.88 -16.36 10.94
N ALA G 81 -47.61 -15.96 11.01
CA ALA G 81 -46.66 -16.29 9.95
C ALA G 81 -46.49 -17.80 9.83
N ALA G 82 -46.49 -18.52 10.95
CA ALA G 82 -46.33 -19.96 10.91
C ALA G 82 -47.55 -20.64 10.28
N LYS G 83 -48.75 -20.19 10.62
CA LYS G 83 -49.91 -20.79 9.98
C LYS G 83 -49.92 -20.51 8.49
N VAL G 84 -49.51 -19.30 8.08
CA VAL G 84 -49.35 -19.00 6.65
C VAL G 84 -48.31 -19.93 6.04
N LYS G 85 -47.23 -20.20 6.79
CA LYS G 85 -46.25 -21.20 6.39
C LYS G 85 -46.92 -22.53 6.07
N LYS G 86 -47.81 -23.00 6.94
CA LYS G 86 -48.48 -24.27 6.64
C LYS G 86 -49.38 -24.19 5.41
N GLN G 87 -50.21 -23.14 5.29
CA GLN G 87 -51.16 -23.20 4.17
C GLN G 87 -50.50 -22.86 2.84
N LEU G 88 -49.32 -22.23 2.85
CA LEU G 88 -48.68 -21.86 1.60
C LEU G 88 -47.83 -22.98 1.00
N LYS G 89 -47.54 -24.03 1.77
CA LYS G 89 -46.74 -25.16 1.29
C LYS G 89 -45.39 -24.72 0.74
N ASP G 90 -44.78 -23.73 1.41
CA ASP G 90 -43.47 -23.20 1.02
C ASP G 90 -42.53 -23.35 2.21
N ASP G 91 -41.59 -24.29 2.09
CA ASP G 91 -40.70 -24.59 3.22
C ASP G 91 -39.82 -23.41 3.58
N LYS G 92 -39.35 -22.67 2.58
CA LYS G 92 -38.46 -21.53 2.82
C LYS G 92 -39.28 -20.24 2.93
N PHE G 93 -40.08 -20.16 3.98
CA PHE G 93 -40.91 -19.00 4.28
C PHE G 93 -40.43 -18.24 5.51
N ILE G 94 -40.20 -18.94 6.62
CA ILE G 94 -39.73 -18.32 7.85
C ILE G 94 -38.22 -18.21 7.79
N ILE G 95 -37.70 -17.00 7.94
CA ILE G 95 -36.26 -16.76 7.92
C ILE G 95 -35.88 -15.98 9.18
N PRO G 96 -35.62 -16.66 10.29
CA PRO G 96 -35.20 -15.95 11.51
C PRO G 96 -33.84 -15.31 11.35
N LEU G 97 -33.62 -14.25 12.12
CA LEU G 97 -32.37 -13.49 12.09
C LEU G 97 -31.90 -13.27 13.52
N ALA G 98 -30.86 -14.00 13.92
CA ALA G 98 -30.32 -13.90 15.27
C ALA G 98 -29.25 -12.81 15.31
N ILE G 99 -29.48 -11.79 16.13
CA ILE G 99 -28.59 -10.64 16.21
C ILE G 99 -27.99 -10.45 17.59
N ASP G 100 -28.33 -11.30 18.56
CA ASP G 100 -27.84 -11.19 19.92
C ASP G 100 -26.90 -12.34 20.23
N GLU G 101 -25.70 -12.02 20.70
CA GLU G 101 -24.75 -13.05 21.10
C GLU G 101 -25.13 -13.69 22.43
N GLN G 102 -25.87 -12.97 23.28
CA GLN G 102 -26.29 -13.50 24.57
C GLN G 102 -27.45 -14.47 24.44
N LEU G 103 -28.08 -14.57 23.27
CA LEU G 103 -29.20 -15.48 23.04
C LEU G 103 -28.67 -16.67 22.24
N SER G 104 -28.37 -17.76 22.94
CA SER G 104 -27.85 -18.96 22.28
C SER G 104 -28.95 -19.65 21.48
N TYR G 105 -28.53 -20.51 20.56
CA TYR G 105 -29.47 -21.27 19.75
C TYR G 105 -30.27 -22.28 20.56
N ASP G 106 -29.86 -22.58 21.79
CA ASP G 106 -30.58 -23.50 22.66
C ASP G 106 -31.64 -22.80 23.51
N ASP G 107 -31.75 -21.47 23.42
CA ASP G 107 -32.72 -20.72 24.20
C ASP G 107 -33.72 -19.97 23.32
N ILE G 108 -33.71 -20.21 22.01
CA ILE G 108 -34.63 -19.53 21.10
C ILE G 108 -36.01 -20.18 21.21
N ASN G 109 -37.01 -19.55 20.60
CA ASN G 109 -38.38 -20.03 20.70
C ASN G 109 -38.52 -21.42 20.09
N ILE G 110 -39.56 -22.13 20.53
CA ILE G 110 -39.77 -23.51 20.09
C ILE G 110 -40.03 -23.57 18.59
N ASP G 111 -40.81 -22.62 18.07
CA ASP G 111 -41.07 -22.58 16.64
C ASP G 111 -39.85 -22.15 15.83
N ILE G 112 -38.80 -21.70 16.48
CA ILE G 112 -37.59 -21.24 15.79
C ILE G 112 -36.44 -22.24 15.93
N VAL G 113 -36.43 -23.08 16.97
CA VAL G 113 -35.31 -23.98 17.20
C VAL G 113 -35.15 -24.98 16.06
N ARG G 114 -36.23 -25.27 15.34
CA ARG G 114 -36.19 -26.23 14.23
C ARG G 114 -35.98 -25.55 12.88
N LEU G 115 -35.81 -24.24 12.85
CA LEU G 115 -35.61 -23.48 11.61
C LEU G 115 -34.22 -22.88 11.59
N ASN G 116 -33.55 -23.00 10.44
CA ASN G 116 -32.23 -22.43 10.28
C ASN G 116 -32.28 -20.91 10.32
N ALA G 117 -31.33 -20.31 11.02
CA ALA G 117 -31.28 -18.86 11.21
C ALA G 117 -29.98 -18.31 10.65
N ILE G 118 -30.07 -17.12 10.05
CA ILE G 118 -28.90 -16.45 9.48
C ILE G 118 -28.21 -15.67 10.58
N ASP G 119 -26.89 -15.87 10.71
CA ASP G 119 -26.13 -15.35 11.84
C ASP G 119 -25.80 -13.87 11.61
N PHE G 120 -26.30 -13.01 12.49
CA PHE G 120 -25.93 -11.61 12.53
C PHE G 120 -25.10 -11.26 13.76
N LYS G 121 -24.72 -12.25 14.57
CA LYS G 121 -24.03 -11.97 15.82
C LYS G 121 -22.63 -11.40 15.59
N MET G 122 -21.93 -11.92 14.58
CA MET G 122 -20.54 -11.52 14.35
C MET G 122 -20.44 -10.34 13.38
N SER G 123 -20.92 -10.51 12.16
CA SER G 123 -20.82 -9.50 11.12
C SER G 123 -22.20 -9.24 10.54
N TRP G 124 -22.63 -7.98 10.56
CA TRP G 124 -23.91 -7.62 9.97
C TRP G 124 -23.86 -7.69 8.45
N ALA G 125 -22.73 -7.30 7.85
CA ALA G 125 -22.59 -7.38 6.40
C ALA G 125 -22.64 -8.81 5.91
N ARG G 126 -22.01 -9.73 6.64
CA ARG G 126 -22.07 -11.14 6.28
C ARG G 126 -23.50 -11.66 6.34
N GLY G 127 -24.24 -11.28 7.38
CA GLY G 127 -25.63 -11.68 7.47
C GLY G 127 -26.46 -11.13 6.32
N LEU G 128 -26.24 -9.85 5.96
CA LEU G 128 -26.99 -9.25 4.86
C LEU G 128 -26.67 -9.94 3.54
N LYS G 129 -25.40 -10.26 3.31
CA LYS G 129 -25.04 -10.93 2.06
C LYS G 129 -25.58 -12.35 2.02
N ASP G 130 -25.64 -13.03 3.18
CA ASP G 130 -26.28 -14.34 3.23
C ASP G 130 -27.77 -14.24 2.92
N ILE G 131 -28.43 -13.22 3.48
CA ILE G 131 -29.84 -12.96 3.15
C ILE G 131 -30.00 -12.79 1.65
N LEU G 132 -29.15 -11.96 1.05
CA LEU G 132 -29.22 -11.74 -0.39
C LEU G 132 -29.07 -13.05 -1.15
N GLU G 133 -27.93 -13.73 -0.96
CA GLU G 133 -27.67 -14.97 -1.70
C GLU G 133 -28.82 -15.96 -1.58
N ALA G 134 -29.41 -16.08 -0.37
CA ALA G 134 -30.59 -16.93 -0.22
C ALA G 134 -31.76 -16.40 -1.05
N PHE G 135 -31.89 -15.07 -1.14
CA PHE G 135 -33.06 -14.49 -1.80
C PHE G 135 -32.98 -14.64 -3.31
N GLU G 136 -31.82 -14.35 -3.92
CA GLU G 136 -31.66 -14.70 -5.33
C GLU G 136 -31.67 -16.21 -5.55
N LYS G 137 -31.37 -17.00 -4.52
CA LYS G 137 -31.51 -18.45 -4.67
C LYS G 137 -32.97 -18.86 -4.78
N GLN G 138 -33.86 -18.17 -4.07
CA GLN G 138 -35.26 -18.55 -3.97
C GLN G 138 -36.14 -17.88 -5.01
N LYS G 139 -35.55 -17.13 -5.95
CA LYS G 139 -36.30 -16.47 -7.03
C LYS G 139 -37.39 -15.55 -6.46
N VAL G 140 -37.07 -14.86 -5.37
CA VAL G 140 -38.04 -13.96 -4.74
C VAL G 140 -38.28 -12.76 -5.64
N PRO G 141 -39.53 -12.35 -5.85
CA PRO G 141 -39.80 -11.21 -6.74
C PRO G 141 -39.13 -9.93 -6.25
N LYS G 142 -38.69 -9.12 -7.20
CA LYS G 142 -37.95 -7.91 -6.89
C LYS G 142 -38.13 -6.91 -8.03
N GLU G 143 -37.78 -5.66 -7.73
CA GLU G 143 -37.78 -4.58 -8.71
C GLU G 143 -36.34 -4.17 -9.00
N VAL G 144 -36.18 -3.18 -9.87
CA VAL G 144 -34.85 -2.65 -10.17
C VAL G 144 -34.30 -1.95 -8.94
N ALA G 145 -33.05 -2.25 -8.60
CA ALA G 145 -32.42 -1.66 -7.42
C ALA G 145 -32.36 -0.14 -7.55
N ASP G 146 -32.82 0.55 -6.51
CA ASP G 146 -32.88 2.02 -6.53
C ASP G 146 -32.93 2.50 -5.09
N ALA G 147 -31.87 3.22 -4.67
CA ALA G 147 -31.81 3.78 -3.33
C ALA G 147 -32.51 5.12 -3.21
N SER G 148 -33.06 5.66 -4.31
CA SER G 148 -33.79 6.91 -4.24
C SER G 148 -35.01 6.78 -3.34
N LYS G 149 -35.76 5.69 -3.49
CA LYS G 149 -36.89 5.44 -2.60
C LYS G 149 -36.42 5.27 -1.15
N SER G 150 -35.26 4.64 -0.97
CA SER G 150 -34.70 4.47 0.37
C SER G 150 -34.46 5.81 1.04
N ASN G 151 -33.73 6.70 0.37
CA ASN G 151 -33.45 8.00 0.96
C ASN G 151 -34.72 8.82 1.12
N LEU G 152 -35.65 8.68 0.17
CA LEU G 152 -36.95 9.36 0.25
C LEU G 152 -37.65 9.01 1.56
N LEU G 153 -38.01 7.73 1.72
CA LEU G 153 -38.67 7.31 2.95
C LEU G 153 -37.81 7.61 4.16
N TYR G 154 -36.49 7.69 3.99
CA TYR G 154 -35.62 8.10 5.09
C TYR G 154 -35.96 9.52 5.55
N GLN G 155 -36.17 10.45 4.61
CA GLN G 155 -36.49 11.80 5.06
C GLN G 155 -37.93 11.90 5.57
N GLN G 156 -38.90 11.29 4.87
CA GLN G 156 -40.27 11.49 5.34
C GLN G 156 -40.56 10.76 6.65
N ILE G 157 -39.92 9.62 6.92
CA ILE G 157 -40.22 8.92 8.17
C ILE G 157 -39.19 9.27 9.24
N PHE G 158 -37.93 8.96 9.00
CA PHE G 158 -36.90 9.25 9.99
C PHE G 158 -36.56 10.73 9.96
N LEU G 159 -36.11 11.25 11.11
CA LEU G 159 -35.67 12.63 11.31
C LEU G 159 -36.68 13.65 10.81
N HIS G 160 -37.93 13.23 10.61
CA HIS G 160 -38.96 14.15 10.13
C HIS G 160 -39.69 14.81 11.28
N ASP G 161 -39.81 14.11 12.42
CA ASP G 161 -40.53 14.66 13.56
C ASP G 161 -39.82 15.85 14.19
N LYS G 162 -38.53 16.04 13.88
CA LYS G 162 -37.75 17.12 14.48
C LYS G 162 -36.68 17.53 13.48
N SER G 163 -36.85 18.72 12.89
CA SER G 163 -35.91 19.26 11.93
C SER G 163 -36.08 20.77 11.90
N VAL G 164 -35.50 21.42 10.89
CA VAL G 164 -35.59 22.87 10.78
C VAL G 164 -36.99 23.27 10.36
N ILE G 165 -37.53 24.32 11.01
CA ILE G 165 -38.84 24.85 10.69
C ILE G 165 -38.72 26.37 10.58
N GLU G 166 -39.69 26.97 9.89
CA GLU G 166 -39.68 28.40 9.63
C GLU G 166 -40.68 29.09 10.55
N LYS G 167 -40.18 29.99 11.39
CA LYS G 167 -41.01 30.83 12.25
C LYS G 167 -40.14 31.93 12.85
N GLU G 168 -40.69 33.14 12.90
CA GLU G 168 -39.93 34.28 13.37
C GLU G 168 -39.67 34.18 14.87
N GLU G 169 -38.44 34.54 15.27
CA GLU G 169 -38.07 34.58 16.68
C GLU G 169 -37.31 35.87 16.96
N ILE G 170 -37.50 36.41 18.16
CA ILE G 170 -36.77 37.59 18.60
C ILE G 170 -35.46 37.16 19.23
N TYR G 171 -34.41 37.94 19.03
CA TYR G 171 -33.09 37.62 19.53
C TYR G 171 -32.47 38.84 20.20
N ASP G 172 -31.61 38.59 21.18
CA ASP G 172 -30.84 39.61 21.87
C ASP G 172 -29.36 39.43 21.53
N SER G 173 -28.52 40.24 22.17
CA SER G 173 -27.09 40.19 21.93
C SER G 173 -26.36 40.73 23.15
N ASN G 174 -25.03 40.62 23.10
CA ASN G 174 -24.16 41.26 24.09
C ASN G 174 -23.79 42.68 23.67
N TRP G 175 -24.33 43.16 22.56
CA TRP G 175 -24.08 44.50 22.08
C TRP G 175 -25.04 45.47 22.78
N LEU G 176 -24.53 46.62 23.16
CA LEU G 176 -25.31 47.65 23.87
C LEU G 176 -25.32 48.91 23.03
N SER G 177 -26.51 49.36 22.65
CA SER G 177 -26.63 50.56 21.82
C SER G 177 -26.28 51.81 22.63
N ILE G 178 -25.73 52.79 21.93
CA ILE G 178 -25.37 54.08 22.52
C ILE G 178 -26.36 55.12 21.99
N LEU G 179 -27.07 55.77 22.90
CA LEU G 179 -28.14 56.69 22.49
C LEU G 179 -27.58 57.97 21.90
N SER G 180 -26.58 58.58 22.55
CA SER G 180 -26.14 59.91 22.14
C SER G 180 -24.66 60.09 22.43
N PHE G 181 -24.08 61.08 21.76
CA PHE G 181 -22.70 61.50 21.89
C PHE G 181 -22.66 63.02 22.02
N PRO G 182 -21.58 63.57 22.59
CA PRO G 182 -21.46 65.02 22.64
C PRO G 182 -21.38 65.63 21.24
N GLU G 183 -21.83 66.87 21.13
CA GLU G 183 -21.95 67.51 19.82
C GLU G 183 -20.60 67.72 19.17
N GLU G 184 -19.53 67.89 19.95
CA GLU G 184 -18.22 68.20 19.38
C GLU G 184 -17.13 67.65 20.28
N LEU G 185 -16.00 67.31 19.66
CA LEU G 185 -14.83 66.78 20.36
C LEU G 185 -13.77 67.88 20.45
N ARG G 186 -13.23 68.08 21.65
CA ARG G 186 -12.39 69.22 21.95
C ARG G 186 -10.92 68.81 22.01
N PHE G 187 -10.09 69.56 21.29
CA PHE G 187 -8.63 69.43 21.36
C PHE G 187 -8.10 70.75 21.92
N HIS G 188 -7.55 70.71 23.13
CA HIS G 188 -7.16 71.93 23.83
C HIS G 188 -5.68 72.22 23.63
N GLU G 189 -5.34 73.50 23.48
CA GLU G 189 -3.97 73.94 23.22
C GLU G 189 -3.28 74.19 24.56
N TYR G 190 -2.63 73.13 25.07
CA TYR G 190 -1.97 73.22 26.36
C TYR G 190 -0.47 73.53 26.22
N ASN G 191 0.26 72.67 25.51
CA ASN G 191 1.71 72.80 25.33
C ASN G 191 2.37 72.68 26.69
N TRP G 192 3.16 73.66 27.14
CA TRP G 192 3.77 73.62 28.47
C TRP G 192 2.72 73.68 29.57
N MET G 193 1.54 74.19 29.27
CA MET G 193 0.49 74.38 30.26
C MET G 193 0.02 73.06 30.85
N LEU G 194 0.31 71.93 30.17
CA LEU G 194 0.20 70.59 30.71
C LEU G 194 1.58 69.96 30.77
N PRO G 195 2.03 69.46 31.91
CA PRO G 195 3.38 68.87 32.00
C PRO G 195 3.55 67.72 31.04
N LYS G 196 4.72 67.70 30.38
CA LYS G 196 4.99 66.64 29.41
C LYS G 196 5.12 65.28 30.08
N ARG G 197 5.75 65.23 31.26
CA ARG G 197 5.93 63.98 31.98
C ARG G 197 4.79 63.77 32.98
N PHE G 198 3.58 63.76 32.43
CA PHE G 198 2.36 63.56 33.21
C PHE G 198 1.51 62.48 32.57
N ASP G 199 0.87 61.68 33.41
CA ASP G 199 0.00 60.61 32.96
C ASP G 199 -1.45 61.09 32.98
N VAL G 200 -2.20 60.76 31.93
CA VAL G 200 -3.58 61.22 31.80
C VAL G 200 -4.59 60.23 32.38
N ARG G 201 -4.15 59.02 32.76
CA ARG G 201 -5.10 58.03 33.27
C ARG G 201 -5.70 58.47 34.60
N GLU G 202 -4.88 59.04 35.49
CA GLU G 202 -5.36 59.45 36.81
C GLU G 202 -6.25 60.69 36.76
N LEU G 203 -6.32 61.37 35.63
CA LEU G 203 -7.17 62.55 35.53
C LEU G 203 -8.64 62.16 35.64
N THR G 204 -9.44 63.09 36.16
CA THR G 204 -10.84 62.79 36.47
C THR G 204 -11.59 62.28 35.24
N PHE G 205 -11.72 63.11 34.22
CA PHE G 205 -12.43 62.74 33.02
C PHE G 205 -11.49 62.08 32.03
N PRO G 206 -12.02 61.24 31.13
CA PRO G 206 -11.15 60.62 30.12
C PRO G 206 -10.50 61.66 29.22
N ALA G 207 -9.23 61.41 28.89
CA ALA G 207 -8.45 62.31 28.06
C ALA G 207 -7.20 61.62 27.55
N VAL G 208 -6.90 61.77 26.27
CA VAL G 208 -5.73 61.15 25.66
C VAL G 208 -4.92 62.21 24.94
N ARG G 209 -3.61 62.17 25.10
CA ARG G 209 -2.72 63.15 24.50
C ARG G 209 -2.35 62.70 23.09
N TYR G 210 -2.83 63.42 22.09
CA TYR G 210 -2.47 63.21 20.69
C TYR G 210 -1.67 64.40 20.20
N LYS G 211 -0.49 64.13 19.64
CA LYS G 211 0.45 65.18 19.27
C LYS G 211 0.72 66.09 20.47
N ASN G 212 0.19 67.31 20.40
CA ASN G 212 0.21 68.23 21.54
C ASN G 212 -1.19 68.58 22.01
N TYR G 213 -2.21 68.09 21.33
CA TYR G 213 -3.61 68.40 21.65
C TYR G 213 -4.15 67.35 22.59
N LEU G 214 -4.87 67.80 23.62
CA LEU G 214 -5.51 66.90 24.55
C LEU G 214 -6.88 66.50 24.00
N CYS G 215 -7.09 65.20 23.80
CA CYS G 215 -8.31 64.69 23.19
C CYS G 215 -9.32 64.37 24.29
N THR G 216 -10.36 65.18 24.40
CA THR G 216 -11.45 64.91 25.32
C THR G 216 -12.70 65.61 24.83
N PHE G 217 -13.84 65.13 25.31
CA PHE G 217 -15.13 65.72 25.00
C PHE G 217 -15.55 66.77 26.03
N ALA G 218 -14.83 66.90 27.14
CA ALA G 218 -15.23 67.76 28.23
C ALA G 218 -14.86 69.21 27.96
N TRP G 219 -15.33 70.10 28.84
CA TRP G 219 -15.06 71.52 28.73
C TRP G 219 -13.60 71.81 29.10
N ALA G 220 -13.10 72.93 28.59
CA ALA G 220 -11.68 73.25 28.73
C ALA G 220 -11.27 73.41 30.19
N TYR G 221 -12.09 74.10 30.98
CA TYR G 221 -11.75 74.40 32.36
C TYR G 221 -12.23 73.34 33.34
N ASP G 222 -12.58 72.15 32.85
CA ASP G 222 -13.01 71.07 33.73
C ASP G 222 -11.85 70.34 34.39
N PHE G 223 -10.62 70.59 33.95
CA PHE G 223 -9.45 69.86 34.43
C PHE G 223 -8.61 70.72 35.38
N THR G 224 -9.24 71.68 36.04
CA THR G 224 -8.50 72.60 36.90
C THR G 224 -7.90 71.88 38.10
N TYR G 225 -8.64 70.94 38.68
CA TYR G 225 -8.19 70.29 39.91
C TYR G 225 -6.88 69.53 39.71
N HIS G 226 -6.83 68.65 38.70
CA HIS G 226 -5.61 67.91 38.45
C HIS G 226 -4.56 68.71 37.70
N LEU G 227 -4.95 69.83 37.09
CA LEU G 227 -4.05 70.70 36.35
C LEU G 227 -4.27 72.13 36.82
N PRO G 228 -3.62 72.54 37.91
CA PRO G 228 -3.79 73.92 38.38
C PRO G 228 -3.32 74.96 37.38
N LYS G 229 -2.42 74.60 36.46
CA LYS G 229 -1.98 75.53 35.44
C LYS G 229 -3.05 75.85 34.42
N THR G 230 -4.12 75.04 34.36
CA THR G 230 -5.17 75.20 33.35
C THR G 230 -6.20 76.25 33.70
N GLU G 231 -5.88 77.19 34.58
CA GLU G 231 -6.85 78.22 34.98
C GLU G 231 -6.95 79.36 33.98
N THR G 232 -6.03 79.47 33.03
CA THR G 232 -5.94 80.62 32.14
C THR G 232 -5.88 80.22 30.67
N TYR G 233 -6.62 79.20 30.29
CA TYR G 233 -6.66 78.76 28.90
C TYR G 233 -7.69 79.55 28.12
N HIS G 234 -7.34 79.87 26.88
CA HIS G 234 -8.25 80.56 25.96
C HIS G 234 -9.02 79.52 25.16
N LYS G 235 -10.34 79.50 25.34
CA LYS G 235 -11.17 78.51 24.65
C LYS G 235 -11.18 78.71 23.14
N SER G 236 -10.80 79.89 22.66
CA SER G 236 -10.74 80.14 21.22
C SER G 236 -9.64 79.34 20.53
N LYS G 237 -8.69 78.79 21.28
CA LYS G 237 -7.62 77.98 20.71
C LYS G 237 -8.05 76.54 20.46
N THR G 238 -9.27 76.16 20.85
CA THR G 238 -9.78 74.82 20.62
C THR G 238 -10.13 74.65 19.14
N ILE G 239 -9.95 73.41 18.66
CA ILE G 239 -10.21 73.08 17.26
C ILE G 239 -11.38 72.10 17.24
N ARG G 240 -12.33 72.31 18.15
CA ARG G 240 -13.52 71.47 18.32
C ARG G 240 -14.11 71.05 16.99
N ILE G 241 -14.49 69.77 16.92
CA ILE G 241 -14.83 69.11 15.66
C ILE G 241 -16.21 68.48 15.75
N PRO G 242 -17.04 68.55 14.71
CA PRO G 242 -18.40 68.00 14.79
C PRO G 242 -18.44 66.48 14.75
N THR G 243 -18.34 65.84 15.92
CA THR G 243 -18.29 64.39 16.09
C THR G 243 -19.28 63.63 15.22
N GLU G 244 -20.41 64.25 14.89
CA GLU G 244 -21.40 63.57 14.04
C GLU G 244 -20.81 63.20 12.69
N GLU G 245 -20.07 64.12 12.07
CA GLU G 245 -19.43 63.80 10.80
C GLU G 245 -18.25 62.85 10.98
N ILE G 246 -17.66 62.81 12.18
CA ILE G 246 -16.64 61.80 12.47
C ILE G 246 -17.26 60.42 12.43
N LEU G 247 -18.43 60.26 13.07
CA LEU G 247 -19.14 58.99 12.99
C LEU G 247 -19.55 58.68 11.56
N SER G 248 -20.03 59.69 10.83
CA SER G 248 -20.34 59.51 9.42
C SER G 248 -19.08 59.24 8.61
N GLY G 249 -17.94 59.74 9.08
CA GLY G 249 -16.68 59.56 8.41
C GLY G 249 -16.41 60.56 7.30
N SER G 250 -17.26 61.56 7.12
CA SER G 250 -17.08 62.52 6.04
C SER G 250 -15.87 63.42 6.29
N TYR G 251 -15.58 63.71 7.55
CA TYR G 251 -14.47 64.61 7.87
C TYR G 251 -13.14 63.98 7.50
N ASP G 252 -12.22 64.81 7.01
CA ASP G 252 -10.86 64.38 6.71
C ASP G 252 -9.99 65.62 6.60
N SER G 253 -8.79 65.54 7.16
CA SER G 253 -7.84 66.66 7.12
C SER G 253 -6.44 66.13 7.35
N ASN G 254 -5.46 66.95 7.01
CA ASN G 254 -4.07 66.58 7.27
C ASN G 254 -3.77 66.61 8.77
N PHE G 255 -4.54 67.37 9.54
CA PHE G 255 -4.32 67.43 10.98
C PHE G 255 -4.60 66.08 11.63
N ILE G 256 -5.69 65.42 11.24
CA ILE G 256 -6.10 64.17 11.85
C ILE G 256 -6.76 63.29 10.80
N ARG G 257 -6.45 62.00 10.84
CA ARG G 257 -7.07 61.02 9.97
C ARG G 257 -8.39 60.56 10.58
N ASN G 258 -9.38 60.29 9.71
CA ASN G 258 -10.69 59.86 10.21
C ASN G 258 -10.58 58.53 10.96
N ALA G 259 -9.79 57.60 10.43
CA ALA G 259 -9.54 56.35 11.16
C ALA G 259 -8.83 56.61 12.47
N GLU G 260 -7.84 57.50 12.46
CA GLU G 260 -7.15 57.88 13.69
C GLU G 260 -8.04 58.72 14.60
N CYS G 261 -8.90 59.56 14.03
CA CYS G 261 -9.84 60.32 14.85
C CYS G 261 -10.83 59.37 15.53
N LYS G 262 -11.33 58.38 14.80
CA LYS G 262 -12.16 57.35 15.41
C LYS G 262 -11.35 56.46 16.36
N ARG G 263 -10.04 56.38 16.16
CA ARG G 263 -9.19 55.61 17.07
C ARG G 263 -9.22 56.17 18.47
N LEU G 264 -9.21 57.51 18.59
CA LEU G 264 -9.20 58.14 19.92
C LEU G 264 -10.53 57.98 20.65
N ILE G 265 -11.63 57.78 19.92
CA ILE G 265 -12.95 57.74 20.55
C ILE G 265 -13.09 56.49 21.42
N VAL G 266 -12.68 55.34 20.91
CA VAL G 266 -12.90 54.09 21.62
C VAL G 266 -12.09 54.05 22.91
N GLN G 267 -10.87 54.60 22.90
CA GLN G 267 -10.09 54.66 24.12
C GLN G 267 -10.75 55.56 25.16
N LEU G 268 -11.30 56.70 24.72
CA LEU G 268 -12.03 57.56 25.64
C LEU G 268 -13.25 56.84 26.21
N LEU G 269 -13.97 56.10 25.37
CA LEU G 269 -15.13 55.35 25.85
C LEU G 269 -14.72 54.28 26.86
N ASN G 270 -13.62 53.58 26.59
CA ASN G 270 -13.14 52.56 27.53
C ASN G 270 -12.74 53.20 28.87
N LYS G 271 -12.05 54.33 28.82
CA LYS G 271 -11.66 55.02 30.05
C LYS G 271 -12.89 55.49 30.82
N ALA G 272 -13.89 56.01 30.11
CA ALA G 272 -15.13 56.43 30.76
C ALA G 272 -15.84 55.25 31.40
N PHE G 273 -15.86 54.11 30.72
CA PHE G 273 -16.48 52.91 31.28
C PHE G 273 -15.76 52.47 32.54
N GLU G 274 -14.43 52.46 32.52
CA GLU G 274 -13.65 52.08 33.70
C GLU G 274 -13.91 53.06 34.85
N LEU G 275 -13.90 54.36 34.57
CA LEU G 275 -14.14 55.35 35.62
C LEU G 275 -15.54 55.23 36.19
N ARG G 276 -16.53 54.98 35.34
CA ARG G 276 -17.90 54.82 35.82
C ARG G 276 -18.05 53.59 36.71
N MET G 277 -17.42 52.48 36.33
CA MET G 277 -17.54 51.29 37.18
C MET G 277 -16.72 51.44 38.45
N LYS G 278 -15.67 52.27 38.42
CA LYS G 278 -15.01 52.67 39.66
C LYS G 278 -15.96 53.48 40.54
N ASP G 279 -16.75 54.35 39.93
CA ASP G 279 -17.74 55.12 40.67
C ASP G 279 -18.80 54.19 41.28
N LYS G 280 -19.09 53.09 40.62
CA LYS G 280 -20.03 52.10 41.16
C LYS G 280 -19.45 51.33 42.33
N GLU G 281 -18.15 51.49 42.61
CA GLU G 281 -17.49 50.84 43.74
C GLU G 281 -17.55 49.32 43.62
N VAL G 282 -17.06 48.82 42.49
CA VAL G 282 -16.99 47.39 42.23
C VAL G 282 -15.51 47.01 42.10
N GLN G 283 -15.17 45.82 42.58
CA GLN G 283 -13.79 45.36 42.56
C GLN G 283 -13.42 44.85 41.17
N GLU G 284 -12.12 44.59 40.98
CA GLU G 284 -11.60 44.23 39.68
C GLU G 284 -10.65 43.06 39.79
N TYR G 285 -10.54 42.30 38.69
CA TYR G 285 -9.55 41.26 38.53
C TYR G 285 -8.75 41.55 37.27
N GLU G 286 -7.43 41.36 37.35
CA GLU G 286 -6.56 41.67 36.22
C GLU G 286 -6.54 40.51 35.24
N MET G 287 -7.00 40.76 34.02
CA MET G 287 -6.96 39.78 32.95
C MET G 287 -5.67 39.98 32.14
N SER G 288 -5.43 39.08 31.18
CA SER G 288 -4.21 39.15 30.39
C SER G 288 -4.10 40.47 29.63
N ASN G 289 -5.20 40.90 29.01
CA ASN G 289 -5.23 42.15 28.27
C ASN G 289 -6.27 43.13 28.78
N LYS G 290 -7.46 42.65 29.10
CA LYS G 290 -8.55 43.49 29.56
C LYS G 290 -8.60 43.50 31.09
N THR G 291 -9.68 44.07 31.63
CA THR G 291 -9.93 44.10 33.06
C THR G 291 -11.38 43.71 33.32
N ALA G 292 -11.59 42.80 34.26
CA ALA G 292 -12.90 42.29 34.60
C ALA G 292 -13.31 42.77 35.98
N TYR G 293 -14.59 43.07 36.15
CA TYR G 293 -15.13 43.64 37.39
C TYR G 293 -16.20 42.73 37.94
N TRP G 294 -16.15 42.46 39.24
CA TRP G 294 -17.10 41.58 39.91
C TRP G 294 -17.65 42.27 41.15
N LEU G 295 -18.57 41.58 41.82
CA LEU G 295 -19.26 42.11 42.99
C LEU G 295 -18.92 41.31 44.24
N GLU G 296 -18.91 41.99 45.38
CA GLU G 296 -18.62 41.37 46.65
C GLU G 296 -19.84 40.58 47.15
N LYS G 297 -19.70 40.00 48.34
CA LYS G 297 -20.80 39.35 49.03
C LYS G 297 -21.30 40.31 50.11
N GLY G 298 -22.48 40.89 49.88
CA GLY G 298 -23.07 41.86 50.77
C GLY G 298 -23.41 43.19 50.12
N LYS G 299 -22.79 43.51 48.99
CA LYS G 299 -23.12 44.74 48.28
C LYS G 299 -24.57 44.72 47.81
N LEU G 300 -25.03 43.59 47.30
CA LEU G 300 -26.40 43.44 46.85
C LEU G 300 -27.22 42.71 47.92
N GLU G 301 -28.52 42.96 47.91
CA GLU G 301 -29.43 42.30 48.85
C GLU G 301 -29.44 40.80 48.56
N LYS G 302 -29.02 40.00 49.54
CA LYS G 302 -28.86 38.56 49.41
C LYS G 302 -27.87 38.21 48.29
N ASP G 303 -27.01 39.17 47.93
CA ASP G 303 -26.07 39.02 46.81
C ASP G 303 -26.82 38.69 45.52
N LYS G 304 -28.02 39.25 45.38
CA LYS G 304 -28.86 39.00 44.22
C LYS G 304 -29.47 40.32 43.77
N PHE G 305 -29.75 40.41 42.46
CA PHE G 305 -30.41 41.55 41.88
C PHE G 305 -31.72 41.10 41.23
N GLU G 306 -32.78 41.88 41.44
CA GLU G 306 -34.13 41.55 40.96
C GLU G 306 -34.50 40.20 41.57
N LYS G 307 -35.00 39.25 40.78
CA LYS G 307 -35.28 37.90 41.26
C LYS G 307 -34.20 36.91 40.85
N THR G 308 -32.99 37.41 40.59
CA THR G 308 -31.93 36.62 39.96
C THR G 308 -30.71 36.59 40.86
N MET G 309 -30.07 35.42 40.94
CA MET G 309 -28.85 35.28 41.72
C MET G 309 -27.64 35.68 40.88
N LEU G 310 -26.72 36.43 41.48
CA LEU G 310 -25.49 36.85 40.82
C LEU G 310 -24.23 36.35 41.50
N VAL G 311 -24.27 36.15 42.81
CA VAL G 311 -23.17 35.56 43.57
C VAL G 311 -23.71 34.38 44.34
N GLY G 312 -23.03 33.23 44.23
CA GLY G 312 -23.45 32.02 44.88
C GLY G 312 -22.32 31.38 45.68
N LYS G 313 -22.67 30.29 46.35
CA LYS G 313 -21.75 29.55 47.20
C LYS G 313 -21.55 28.16 46.62
N GLN G 314 -20.29 27.74 46.51
CA GLN G 314 -19.94 26.43 45.98
C GLN G 314 -18.76 25.88 46.76
N LYS G 315 -19.01 24.86 47.60
CA LYS G 315 -18.01 24.23 48.46
C LYS G 315 -17.40 25.33 49.33
N ASP G 316 -16.09 25.58 49.26
CA ASP G 316 -15.45 26.61 50.07
C ASP G 316 -15.07 27.85 49.27
N LYS G 317 -15.51 27.94 48.01
CA LYS G 317 -15.13 29.04 47.13
C LYS G 317 -16.37 29.77 46.63
N ASN G 318 -16.25 31.09 46.49
CA ASN G 318 -17.36 31.95 46.12
C ASN G 318 -17.17 32.40 44.68
N TRP G 319 -18.05 31.97 43.79
CA TRP G 319 -18.02 32.40 42.40
C TRP G 319 -18.73 33.74 42.24
N HIS G 320 -18.15 34.61 41.43
CA HIS G 320 -18.68 35.95 41.21
C HIS G 320 -18.87 36.18 39.71
N PHE G 321 -20.04 36.67 39.34
CA PHE G 321 -20.28 37.03 37.95
C PHE G 321 -19.52 38.31 37.61
N ALA G 322 -18.82 38.31 36.48
CA ALA G 322 -17.99 39.44 36.09
C ALA G 322 -18.22 39.75 34.61
N ILE G 323 -17.96 41.01 34.26
CA ILE G 323 -18.14 41.50 32.90
C ILE G 323 -16.88 42.23 32.46
N SER G 324 -16.75 42.36 31.14
CA SER G 324 -15.68 43.15 30.54
C SER G 324 -16.25 43.90 29.36
N GLY G 325 -16.02 45.21 29.32
CA GLY G 325 -16.60 46.08 28.31
C GLY G 325 -15.56 46.55 27.31
N ALA G 326 -15.93 46.48 26.03
CA ALA G 326 -15.10 46.97 24.94
C ALA G 326 -15.96 47.83 24.03
N SER G 327 -15.39 48.94 23.58
CA SER G 327 -16.10 49.89 22.71
C SER G 327 -15.66 49.68 21.27
N LYS G 328 -16.61 49.40 20.39
CA LYS G 328 -16.33 49.19 18.98
C LYS G 328 -17.24 50.10 18.16
N LEU G 329 -16.66 50.78 17.17
CA LEU G 329 -17.40 51.72 16.34
C LEU G 329 -17.54 51.27 14.90
N TYR G 330 -16.99 50.11 14.54
CA TYR G 330 -17.02 49.69 13.13
C TYR G 330 -18.43 49.27 12.70
N PRO G 331 -19.05 48.23 13.28
CA PRO G 331 -20.40 47.85 12.82
C PRO G 331 -21.44 48.88 13.20
N PHE G 332 -21.43 49.28 14.48
CA PHE G 332 -22.38 50.23 15.02
C PHE G 332 -21.75 50.87 16.25
N PRO G 333 -22.26 52.03 16.68
CA PRO G 333 -21.80 52.56 17.97
C PRO G 333 -22.34 51.70 19.11
N VAL G 334 -21.47 50.88 19.69
CA VAL G 334 -21.88 49.84 20.63
C VAL G 334 -20.83 49.70 21.71
N LEU G 335 -21.28 49.63 22.96
CA LEU G 335 -20.42 49.27 24.09
C LEU G 335 -20.57 47.76 24.27
N MET G 336 -19.67 47.02 23.65
CA MET G 336 -19.73 45.56 23.68
C MET G 336 -19.40 45.04 25.07
N ILE G 337 -20.00 43.91 25.43
CA ILE G 337 -19.83 43.34 26.76
C ILE G 337 -19.52 41.85 26.61
N SER G 338 -18.87 41.29 27.63
CA SER G 338 -18.51 39.88 27.66
C SER G 338 -18.77 39.34 29.06
N SER G 339 -18.81 38.01 29.16
CA SER G 339 -19.11 37.30 30.39
C SER G 339 -17.87 36.58 30.88
N HIS G 340 -17.52 36.79 32.15
CA HIS G 340 -16.40 36.11 32.78
C HIS G 340 -16.77 35.77 34.22
N ILE G 341 -16.21 34.67 34.71
CA ILE G 341 -16.50 34.16 36.04
C ILE G 341 -15.20 33.99 36.81
N PHE G 342 -15.18 34.49 38.04
CA PHE G 342 -14.01 34.37 38.90
C PHE G 342 -14.44 33.90 40.28
N PHE G 343 -13.50 33.31 41.02
CA PHE G 343 -13.77 32.71 42.31
C PHE G 343 -12.92 33.37 43.39
N THR G 344 -13.49 33.43 44.60
CA THR G 344 -12.80 33.96 45.76
C THR G 344 -12.94 32.98 46.91
N ALA G 345 -11.84 32.79 47.65
CA ALA G 345 -11.84 31.84 48.76
C ALA G 345 -12.73 32.31 49.90
N ASP G 346 -12.66 33.60 50.25
CA ASP G 346 -13.44 34.16 51.35
C ASP G 346 -14.50 35.14 50.88
N GLY G 347 -14.52 35.50 49.60
CA GLY G 347 -15.45 36.45 49.07
C GLY G 347 -14.95 37.88 48.98
N LYS G 348 -13.75 38.16 49.50
CA LYS G 348 -13.19 39.50 49.42
C LYS G 348 -11.78 39.54 48.82
N LYS G 349 -11.02 38.45 48.87
CA LYS G 349 -9.71 38.40 48.23
C LYS G 349 -9.74 37.35 47.12
N LEU G 350 -9.15 37.71 45.98
CA LEU G 350 -9.13 36.82 44.83
C LEU G 350 -8.01 35.80 44.96
N ILE G 351 -8.25 34.61 44.43
CA ILE G 351 -7.26 33.54 44.45
C ILE G 351 -6.18 33.85 43.42
N ASP G 352 -4.92 33.86 43.86
CA ASP G 352 -3.81 34.21 42.99
C ASP G 352 -3.39 33.07 42.07
N SER G 353 -3.84 31.85 42.31
CA SER G 353 -3.47 30.72 41.46
C SER G 353 -4.39 30.67 40.26
N SER G 354 -3.81 30.74 39.06
CA SER G 354 -4.61 30.80 37.85
C SER G 354 -5.24 29.44 37.52
N SER G 355 -4.51 28.35 37.78
CA SER G 355 -4.99 27.02 37.41
C SER G 355 -6.27 26.67 38.17
N VAL G 356 -6.27 26.88 39.49
CA VAL G 356 -7.45 26.57 40.27
C VAL G 356 -8.61 27.50 39.89
N GLN G 357 -8.31 28.76 39.56
CA GLN G 357 -9.36 29.67 39.12
C GLN G 357 -10.01 29.18 37.84
N HIS G 358 -9.21 28.76 36.87
CA HIS G 358 -9.74 28.23 35.61
C HIS G 358 -10.54 26.96 35.86
N SER G 359 -10.03 26.07 36.70
CA SER G 359 -10.75 24.82 36.99
C SER G 359 -12.09 25.10 37.65
N SER G 360 -12.11 26.03 38.61
CA SER G 360 -13.37 26.38 39.27
C SER G 360 -14.34 27.01 38.29
N ARG G 361 -13.85 27.90 37.42
CA ARG G 361 -14.74 28.56 36.46
C ARG G 361 -15.36 27.55 35.50
N ARG G 362 -14.55 26.63 34.97
CA ARG G 362 -15.10 25.64 34.06
C ARG G 362 -16.01 24.66 34.78
N ARG G 363 -15.71 24.32 36.04
CA ARG G 363 -16.60 23.45 36.80
C ARG G 363 -17.95 24.11 37.01
N GLN G 364 -17.96 25.41 37.32
CA GLN G 364 -19.23 26.09 37.54
C GLN G 364 -19.97 26.32 36.23
N GLY G 365 -19.25 26.48 35.12
CA GLY G 365 -19.88 26.61 33.84
C GLY G 365 -20.35 25.32 33.21
N LYS G 366 -19.88 24.18 33.72
CA LYS G 366 -20.26 22.89 33.14
C LYS G 366 -21.78 22.71 33.14
N ASN G 367 -22.43 23.04 34.25
CA ASN G 367 -23.88 22.93 34.35
C ASN G 367 -24.61 24.23 34.02
N TRP G 368 -23.88 25.29 33.68
CA TRP G 368 -24.50 26.58 33.38
C TRP G 368 -24.95 26.58 31.93
N TRP G 369 -26.28 26.52 31.74
CA TRP G 369 -26.86 26.51 30.41
C TRP G 369 -27.27 27.91 29.96
N ASN G 370 -28.08 27.97 28.90
CA ASN G 370 -28.47 29.19 28.23
C ASN G 370 -29.10 30.21 29.19
N ASN G 371 -30.22 29.82 29.81
CA ASN G 371 -31.07 30.78 30.52
C ASN G 371 -30.36 31.41 31.70
N THR G 372 -29.59 30.63 32.46
CA THR G 372 -28.88 31.22 33.60
C THR G 372 -27.87 32.27 33.15
N TRP G 373 -27.16 32.00 32.05
CA TRP G 373 -26.21 32.97 31.52
C TRP G 373 -26.92 34.26 31.16
N ARG G 374 -28.01 34.17 30.40
CA ARG G 374 -28.73 35.39 30.02
C ARG G 374 -29.29 36.11 31.24
N THR G 375 -29.84 35.37 32.20
CA THR G 375 -30.45 35.97 33.37
C THR G 375 -29.42 36.77 34.15
N LYS G 376 -28.25 36.17 34.42
CA LYS G 376 -27.24 36.86 35.20
C LYS G 376 -26.65 38.05 34.43
N LEU G 377 -26.42 37.89 33.12
CA LEU G 377 -25.88 39.01 32.35
C LEU G 377 -26.85 40.19 32.35
N LEU G 378 -28.12 39.94 32.03
CA LEU G 378 -29.10 41.02 31.99
C LEU G 378 -29.31 41.61 33.38
N ALA G 379 -29.23 40.79 34.43
CA ALA G 379 -29.36 41.32 35.78
C ALA G 379 -28.23 42.28 36.12
N PHE G 380 -27.00 41.92 35.77
CA PHE G 380 -25.88 42.82 36.05
C PHE G 380 -26.02 44.11 35.23
N ILE G 381 -26.45 43.99 33.98
CA ILE G 381 -26.63 45.18 33.14
C ILE G 381 -27.68 46.10 33.73
N LYS G 382 -28.79 45.53 34.21
CA LYS G 382 -29.81 46.34 34.86
C LYS G 382 -29.31 46.93 36.17
N TYR G 383 -28.44 46.21 36.88
CA TYR G 383 -27.87 46.72 38.12
C TYR G 383 -27.01 47.95 37.87
N LEU G 384 -26.22 47.93 36.80
CA LEU G 384 -25.37 49.08 36.49
C LEU G 384 -26.13 50.23 35.84
N SER G 385 -27.43 50.06 35.59
CA SER G 385 -28.21 51.11 34.93
C SER G 385 -28.40 52.31 35.85
N ASP G 386 -28.37 53.50 35.25
CA ASP G 386 -28.62 54.73 35.98
C ASP G 386 -30.08 55.17 35.88
N ASP G 387 -30.78 54.78 34.82
CA ASP G 387 -32.18 55.09 34.62
C ASP G 387 -32.92 53.83 34.23
N ASP G 388 -34.23 53.96 33.99
CA ASP G 388 -35.04 52.81 33.63
C ASP G 388 -34.68 52.27 32.24
N THR G 389 -34.37 53.15 31.29
CA THR G 389 -34.15 52.75 29.91
C THR G 389 -32.71 52.94 29.44
N SER G 390 -31.87 53.61 30.22
CA SER G 390 -30.49 53.83 29.79
C SER G 390 -29.63 54.16 31.00
N PHE G 391 -28.32 54.09 30.80
CA PHE G 391 -27.34 54.52 31.77
C PHE G 391 -26.29 55.38 31.08
N TYR G 392 -25.72 56.32 31.83
CA TYR G 392 -24.80 57.29 31.28
C TYR G 392 -23.38 57.03 31.78
N LEU G 393 -22.41 57.46 30.99
CA LEU G 393 -20.99 57.40 31.37
C LEU G 393 -20.53 58.82 31.66
N GLU G 394 -20.13 59.08 32.90
CA GLU G 394 -19.67 60.40 33.28
C GLU G 394 -18.29 60.66 32.72
N MET G 395 -18.20 61.57 31.75
CA MET G 395 -16.92 61.91 31.14
C MET G 395 -16.80 63.40 30.86
N GLY G 396 -17.61 64.23 31.50
CA GLY G 396 -17.48 65.67 31.40
C GLY G 396 -18.42 66.32 32.40
N SER G 397 -18.13 67.58 32.71
CA SER G 397 -18.97 68.32 33.65
C SER G 397 -20.39 68.49 33.12
N GLU G 398 -20.52 68.87 31.84
CA GLU G 398 -21.81 69.00 31.18
C GLU G 398 -21.95 68.06 29.99
N GLU G 399 -20.93 67.25 29.70
CA GLU G 399 -20.95 66.35 28.56
C GLU G 399 -21.16 64.93 29.05
N LYS G 400 -22.14 64.23 28.47
CA LYS G 400 -22.48 62.88 28.87
C LYS G 400 -22.86 62.07 27.64
N VAL G 401 -22.72 60.76 27.75
CA VAL G 401 -23.13 59.82 26.71
C VAL G 401 -24.14 58.85 27.32
N PHE G 402 -25.24 58.62 26.60
CA PHE G 402 -26.29 57.72 27.06
C PHE G 402 -26.16 56.39 26.34
N VAL G 403 -26.06 55.31 27.10
CA VAL G 403 -25.97 53.95 26.58
C VAL G 403 -27.19 53.18 27.06
N SER G 404 -27.88 52.53 26.12
CA SER G 404 -29.07 51.78 26.46
C SER G 404 -28.74 50.65 27.43
N ASN G 405 -29.57 50.51 28.46
CA ASN G 405 -29.45 49.38 29.38
C ASN G 405 -30.04 48.11 28.80
N GLU G 406 -30.78 48.20 27.71
CA GLU G 406 -31.35 47.04 27.04
C GLU G 406 -30.43 46.62 25.90
N PRO G 407 -30.05 45.34 25.83
CA PRO G 407 -29.15 44.91 24.75
C PRO G 407 -29.81 45.02 23.38
N VAL G 408 -28.96 45.09 22.36
CA VAL G 408 -29.42 45.26 20.98
C VAL G 408 -30.32 44.10 20.57
N LYS G 409 -31.54 44.41 20.15
CA LYS G 409 -32.48 43.39 19.73
C LYS G 409 -32.22 42.97 18.29
N PHE G 410 -32.32 41.67 18.03
CA PHE G 410 -32.21 41.10 16.70
C PHE G 410 -33.40 40.21 16.40
N LYS G 411 -33.68 40.04 15.12
CA LYS G 411 -34.82 39.27 14.66
C LYS G 411 -34.35 38.17 13.72
N GLY G 412 -34.80 36.95 13.98
CA GLY G 412 -34.47 35.81 13.15
C GLY G 412 -35.74 35.11 12.70
N ASN G 413 -35.79 34.76 11.42
CA ASN G 413 -36.98 34.17 10.83
C ASN G 413 -37.01 32.64 10.94
N VAL G 414 -35.95 32.02 11.44
CA VAL G 414 -35.86 30.57 11.53
C VAL G 414 -35.54 30.18 12.98
N SER G 415 -36.28 29.21 13.49
CA SER G 415 -36.03 28.66 14.83
C SER G 415 -36.60 27.25 14.87
N TYR G 416 -36.74 26.71 16.08
CA TYR G 416 -37.21 25.34 16.26
C TYR G 416 -37.86 25.22 17.64
N ASN G 417 -38.07 23.99 18.07
CA ASN G 417 -38.63 23.68 19.38
C ASN G 417 -37.81 22.58 20.05
N ILE G 418 -37.92 22.50 21.37
CA ILE G 418 -37.19 21.50 22.13
C ILE G 418 -37.65 20.09 21.75
N MET H 1 -35.29 47.32 12.11
CA MET H 1 -35.67 45.91 12.14
C MET H 1 -34.69 45.07 11.34
N LYS H 2 -33.52 44.81 11.93
CA LYS H 2 -32.49 44.06 11.25
C LYS H 2 -32.90 42.60 11.08
N GLU H 3 -32.59 42.04 9.92
CA GLU H 3 -33.06 40.72 9.53
C GLU H 3 -31.91 39.72 9.52
N LEU H 4 -32.23 38.48 9.87
CA LEU H 4 -31.26 37.39 9.92
C LEU H 4 -31.62 36.36 8.85
N ILE H 5 -30.65 35.99 8.03
CA ILE H 5 -30.85 35.05 6.93
C ILE H 5 -30.14 33.74 7.28
N TYR H 6 -30.75 32.63 6.87
CA TYR H 6 -30.22 31.30 7.13
C TYR H 6 -29.90 30.62 5.81
N ILE H 7 -28.70 30.06 5.71
CA ILE H 7 -28.28 29.33 4.51
C ILE H 7 -28.67 27.87 4.67
N GLU H 8 -29.23 27.29 3.60
CA GLU H 8 -29.63 25.89 3.63
C GLU H 8 -28.41 25.01 3.87
N GLU H 9 -28.63 23.92 4.59
CA GLU H 9 -27.53 23.03 4.96
C GLU H 9 -26.90 22.42 3.72
N PRO H 10 -25.57 22.47 3.58
CA PRO H 10 -24.95 21.90 2.38
C PRO H 10 -25.11 20.39 2.34
N LYS H 11 -25.14 19.87 1.11
CA LYS H 11 -25.33 18.45 0.86
C LYS H 11 -24.01 17.84 0.42
N ILE H 12 -23.60 16.76 1.09
CA ILE H 12 -22.36 16.07 0.77
C ILE H 12 -22.71 14.72 0.16
N LEU H 13 -22.07 14.38 -0.94
CA LEU H 13 -22.41 13.19 -1.71
C LEU H 13 -21.75 11.96 -1.11
N PHE H 14 -22.38 10.81 -1.36
CA PHE H 14 -21.84 9.52 -0.93
C PHE H 14 -21.80 8.54 -2.08
N ALA H 15 -21.52 7.27 -1.81
CA ALA H 15 -21.48 6.25 -2.85
C ALA H 15 -22.84 6.11 -3.51
N HIS H 16 -22.83 5.74 -4.79
CA HIS H 16 -24.02 5.59 -5.61
C HIS H 16 -24.81 6.89 -5.76
N GLY H 17 -24.17 8.02 -5.48
CA GLY H 17 -24.76 9.31 -5.78
C GLY H 17 -25.92 9.74 -4.89
N GLN H 18 -26.02 9.23 -3.67
CA GLN H 18 -27.03 9.72 -2.75
C GLN H 18 -26.44 10.80 -1.85
N LYS H 19 -27.33 11.62 -1.29
CA LYS H 19 -26.98 12.82 -0.56
C LYS H 19 -27.53 12.75 0.86
N CYS H 20 -26.74 13.22 1.83
CA CYS H 20 -27.17 13.26 3.21
C CYS H 20 -26.46 14.39 3.94
N THR H 21 -27.22 15.15 4.73
CA THR H 21 -26.66 16.29 5.46
C THR H 21 -25.63 15.82 6.47
N ASP H 22 -25.95 14.79 7.25
CA ASP H 22 -25.03 14.27 8.25
C ASP H 22 -24.06 13.29 7.59
N ALA H 23 -22.77 13.49 7.82
CA ALA H 23 -21.77 12.60 7.25
C ALA H 23 -21.89 11.20 7.83
N ARG H 24 -22.15 11.10 9.14
CA ARG H 24 -22.22 9.80 9.79
C ARG H 24 -23.36 8.97 9.24
N ASP H 25 -24.56 9.56 9.12
CA ASP H 25 -25.71 8.81 8.62
C ASP H 25 -25.51 8.39 7.17
N GLY H 26 -25.08 9.33 6.32
CA GLY H 26 -24.88 9.00 4.92
C GLY H 26 -23.82 7.95 4.71
N LEU H 27 -22.74 8.02 5.49
CA LEU H 27 -21.68 7.02 5.39
C LEU H 27 -22.16 5.66 5.90
N ALA H 28 -23.02 5.66 6.93
CA ALA H 28 -23.53 4.40 7.45
C ALA H 28 -24.43 3.70 6.44
N LEU H 29 -25.41 4.42 5.89
CA LEU H 29 -26.35 3.82 4.95
C LEU H 29 -25.75 3.56 3.58
N PHE H 30 -25.01 4.52 3.03
CA PHE H 30 -24.57 4.44 1.64
C PHE H 30 -23.11 4.05 1.46
N GLY H 31 -22.30 4.12 2.51
CA GLY H 31 -20.93 3.68 2.44
C GLY H 31 -20.01 4.69 1.77
N PRO H 32 -18.73 4.37 1.71
CA PRO H 32 -17.77 5.29 1.10
C PRO H 32 -17.83 5.26 -0.42
N LEU H 33 -17.33 6.35 -1.02
CA LEU H 33 -17.42 6.53 -2.46
C LEU H 33 -16.68 5.43 -3.21
N ASN H 34 -15.45 5.13 -2.80
CA ASN H 34 -14.62 4.15 -3.46
C ASN H 34 -14.59 2.85 -2.65
N ASN H 35 -14.24 1.77 -3.33
CA ASN H 35 -14.20 0.44 -2.71
C ASN H 35 -12.76 0.11 -2.33
N LEU H 36 -12.53 -0.05 -1.03
CA LEU H 36 -11.24 -0.49 -0.52
C LEU H 36 -11.36 -1.96 -0.15
N TYR H 37 -10.49 -2.78 -0.74
CA TYR H 37 -10.60 -4.22 -0.57
C TYR H 37 -10.10 -4.67 0.80
N GLY H 38 -9.13 -3.97 1.37
CA GLY H 38 -8.62 -4.31 2.68
C GLY H 38 -7.61 -3.31 3.15
N ILE H 39 -7.35 -3.34 4.47
CA ILE H 39 -6.37 -2.47 5.11
C ILE H 39 -5.37 -3.35 5.83
N LYS H 40 -4.11 -3.30 5.37
CA LYS H 40 -3.02 -4.02 6.02
C LYS H 40 -2.40 -3.09 7.05
N SER H 41 -2.90 -3.16 8.28
CA SER H 41 -2.46 -2.26 9.33
C SER H 41 -1.18 -2.77 9.97
N GLY H 42 -0.22 -1.87 10.15
CA GLY H 42 1.01 -2.18 10.85
C GLY H 42 0.98 -1.60 12.25
N VAL H 43 1.46 -2.37 13.22
CA VAL H 43 1.47 -1.99 14.62
C VAL H 43 2.91 -2.00 15.11
N ILE H 44 3.34 -0.92 15.76
CA ILE H 44 4.66 -0.84 16.36
C ILE H 44 4.53 -0.18 17.72
N GLY H 45 5.25 -0.72 18.69
CA GLY H 45 5.18 -0.25 20.05
C GLY H 45 5.46 -1.37 21.03
N THR H 46 5.03 -1.16 22.27
CA THR H 46 5.25 -2.16 23.32
C THR H 46 4.47 -3.43 23.01
N LYS H 47 5.07 -4.58 23.33
CA LYS H 47 4.38 -5.85 23.16
C LYS H 47 3.12 -5.91 24.01
N GLN H 48 3.17 -5.33 25.21
CA GLN H 48 1.97 -5.23 26.03
C GLN H 48 0.91 -4.37 25.34
N GLY H 49 1.33 -3.29 24.68
CA GLY H 49 0.41 -2.42 23.98
C GLY H 49 -0.29 -3.08 22.81
N LEU H 50 0.28 -4.17 22.27
CA LEU H 50 -0.37 -4.88 21.19
C LEU H 50 -1.70 -5.48 21.65
N LYS H 51 -1.75 -5.98 22.88
CA LYS H 51 -2.98 -6.61 23.37
C LYS H 51 -4.12 -5.61 23.41
N ILE H 52 -3.87 -4.39 23.87
CA ILE H 52 -4.93 -3.39 23.94
C ILE H 52 -5.39 -3.01 22.54
N PHE H 53 -4.45 -2.89 21.59
CA PHE H 53 -4.83 -2.57 20.22
C PHE H 53 -5.70 -3.66 19.61
N ARG H 54 -5.31 -4.93 19.82
CA ARG H 54 -6.12 -6.03 19.31
C ARG H 54 -7.49 -6.05 19.96
N ASP H 55 -7.56 -5.80 21.26
CA ASP H 55 -8.85 -5.76 21.95
C ASP H 55 -9.74 -4.65 21.39
N TYR H 56 -9.18 -3.47 21.15
CA TYR H 56 -9.97 -2.40 20.57
C TYR H 56 -10.41 -2.75 19.16
N LEU H 57 -9.53 -3.38 18.38
CA LEU H 57 -9.87 -3.66 16.99
C LEU H 57 -10.97 -4.70 16.88
N ASP H 58 -10.89 -5.77 17.68
CA ASP H 58 -11.97 -6.76 17.61
C ASP H 58 -13.19 -6.30 18.41
N HIS H 59 -13.04 -5.26 19.23
CA HIS H 59 -14.20 -4.60 19.83
C HIS H 59 -14.97 -3.81 18.78
N ILE H 60 -14.27 -3.02 17.97
CA ILE H 60 -14.92 -2.25 16.91
C ILE H 60 -15.27 -3.12 15.72
N GLN H 61 -14.78 -4.36 15.67
CA GLN H 61 -15.25 -5.30 14.67
C GLN H 61 -16.74 -5.59 14.83
N LYS H 62 -17.29 -5.41 16.04
CA LYS H 62 -18.66 -5.64 16.47
C LYS H 62 -19.41 -4.32 16.57
N PRO H 63 -20.73 -4.34 16.41
CA PRO H 63 -21.52 -3.11 16.58
C PRO H 63 -21.40 -2.58 18.00
N ILE H 64 -21.37 -1.24 18.10
CA ILE H 64 -21.19 -0.55 19.37
C ILE H 64 -22.37 0.38 19.58
N TYR H 65 -22.98 0.31 20.76
CA TYR H 65 -24.12 1.15 21.13
C TYR H 65 -23.64 2.28 22.04
N ASN H 66 -23.96 3.52 21.66
CA ASN H 66 -23.60 4.67 22.46
C ASN H 66 -24.73 4.99 23.45
N SER H 67 -24.55 6.09 24.19
CA SER H 67 -25.52 6.45 25.23
C SER H 67 -26.88 6.78 24.62
N ASN H 68 -26.91 7.67 23.65
CA ASN H 68 -28.15 8.11 23.02
C ASN H 68 -27.98 8.05 21.51
N SER H 69 -28.84 7.27 20.85
CA SER H 69 -28.74 7.12 19.40
C SER H 69 -29.17 8.38 18.68
N ILE H 70 -30.16 9.10 19.19
CA ILE H 70 -30.66 10.28 18.50
C ILE H 70 -29.62 11.40 18.51
N THR H 71 -28.88 11.54 19.62
CA THR H 71 -27.82 12.55 19.66
C THR H 71 -26.66 12.16 18.75
N ARG H 72 -26.19 10.92 18.86
CA ARG H 72 -25.11 10.43 18.02
C ARG H 72 -25.42 9.03 17.53
N PRO H 73 -25.36 8.78 16.23
CA PRO H 73 -25.59 7.42 15.72
C PRO H 73 -24.58 6.44 16.28
N MET H 74 -25.05 5.21 16.50
CA MET H 74 -24.20 4.16 17.04
C MET H 74 -23.17 3.72 16.00
N PHE H 75 -22.10 3.07 16.48
CA PHE H 75 -21.09 2.53 15.60
C PHE H 75 -21.39 1.06 15.35
N PRO H 76 -21.62 0.64 14.11
CA PRO H 76 -22.02 -0.74 13.84
C PRO H 76 -20.88 -1.69 13.45
N GLY H 77 -19.68 -1.19 13.22
CA GLY H 77 -18.60 -2.04 12.76
C GLY H 77 -17.93 -1.50 11.51
N PHE H 78 -16.63 -1.77 11.37
CA PHE H 78 -15.87 -1.19 10.27
C PHE H 78 -16.36 -1.72 8.93
N GLU H 79 -16.55 -3.04 8.82
CA GLU H 79 -16.91 -3.64 7.54
C GLU H 79 -18.31 -3.26 7.11
N ALA H 80 -19.23 -3.12 8.06
CA ALA H 80 -20.62 -2.78 7.72
C ALA H 80 -20.71 -1.39 7.09
N VAL H 81 -19.92 -0.44 7.60
CA VAL H 81 -20.04 0.93 7.12
C VAL H 81 -19.12 1.19 5.93
N PHE H 82 -17.91 0.65 5.94
CA PHE H 82 -16.91 0.99 4.93
C PHE H 82 -16.84 -0.02 3.79
N ASP H 83 -17.63 -1.09 3.84
CA ASP H 83 -17.57 -2.18 2.85
C ASP H 83 -16.16 -2.76 2.75
N CYS H 84 -15.35 -2.57 3.78
CA CYS H 84 -13.98 -3.02 3.82
C CYS H 84 -13.74 -3.72 5.15
N LYS H 85 -13.27 -4.96 5.09
CA LYS H 85 -13.03 -5.76 6.28
C LYS H 85 -11.62 -5.52 6.77
N TRP H 86 -11.45 -5.38 8.09
CA TRP H 86 -10.17 -5.01 8.68
C TRP H 86 -10.11 -5.63 10.07
N GLU H 87 -9.48 -6.79 10.16
CA GLU H 87 -9.45 -7.59 11.38
C GLU H 87 -8.07 -7.51 12.04
N SER H 88 -7.95 -8.17 13.19
CA SER H 88 -6.69 -8.19 13.92
C SER H 88 -5.65 -9.11 13.30
N THR H 89 -6.07 -10.05 12.47
CA THR H 89 -5.12 -10.95 11.82
C THR H 89 -4.44 -10.23 10.66
N GLY H 90 -3.25 -10.72 10.31
CA GLY H 90 -2.50 -10.17 9.20
C GLY H 90 -1.82 -8.85 9.48
N ILE H 91 -1.79 -8.40 10.73
CA ILE H 91 -1.14 -7.15 11.10
C ILE H 91 0.35 -7.41 11.27
N THR H 92 1.17 -6.49 10.77
CA THR H 92 2.62 -6.58 10.90
C THR H 92 3.04 -5.85 12.17
N PHE H 93 3.67 -6.58 13.09
CA PHE H 93 4.05 -6.04 14.39
C PHE H 93 5.57 -6.04 14.54
N LYS H 94 6.11 -4.92 15.01
CA LYS H 94 7.51 -4.82 15.40
C LYS H 94 7.57 -4.49 16.89
N GLU H 95 8.31 -5.29 17.65
CA GLU H 95 8.32 -5.15 19.10
C GLU H 95 9.22 -3.99 19.52
N VAL H 96 8.75 -3.22 20.49
CA VAL H 96 9.53 -2.14 21.09
C VAL H 96 9.56 -2.38 22.59
N THR H 97 10.72 -2.79 23.10
CA THR H 97 10.85 -3.07 24.53
C THR H 97 10.67 -1.79 25.34
N ASN H 98 10.00 -1.93 26.49
CA ASN H 98 9.82 -0.79 27.37
C ASN H 98 11.15 -0.27 27.89
N GLU H 99 12.17 -1.14 27.93
CA GLU H 99 13.51 -0.69 28.34
C GLU H 99 14.05 0.36 27.38
N ASP H 100 13.77 0.19 26.08
CA ASP H 100 14.23 1.16 25.09
C ASP H 100 13.68 2.55 25.38
N ILE H 101 12.40 2.62 25.75
CA ILE H 101 11.84 3.89 26.22
C ILE H 101 12.54 4.31 27.51
N GLY H 102 12.84 3.34 28.37
CA GLY H 102 13.45 3.66 29.65
C GLY H 102 14.77 4.39 29.53
N LYS H 103 15.62 3.95 28.59
CA LYS H 103 16.91 4.62 28.43
C LYS H 103 16.74 6.06 27.98
N PHE H 104 15.83 6.31 27.04
CA PHE H 104 15.75 7.61 26.38
C PHE H 104 14.72 8.56 26.99
N LEU H 105 13.58 8.05 27.45
CA LEU H 105 12.60 8.91 28.10
C LEU H 105 13.17 9.53 29.38
N TYR H 106 13.90 8.74 30.16
CA TYR H 106 14.37 9.19 31.47
C TYR H 106 15.63 10.05 31.28
N ASN H 107 15.44 11.16 30.57
CA ASN H 107 16.52 12.07 30.21
C ASN H 107 16.15 13.49 30.65
N SER H 108 17.13 14.19 31.21
CA SER H 108 16.87 15.54 31.72
C SER H 108 16.49 16.50 30.59
N SER H 109 17.17 16.41 29.45
CA SER H 109 16.92 17.33 28.35
C SER H 109 15.64 16.92 27.64
N THR H 110 14.68 17.85 27.55
CA THR H 110 13.41 17.55 26.91
C THR H 110 13.57 17.31 25.42
N HIS H 111 14.25 18.24 24.73
CA HIS H 111 14.42 18.10 23.29
C HIS H 111 15.23 16.86 22.94
N LYS H 112 16.28 16.58 23.70
CA LYS H 112 17.10 15.41 23.44
C LYS H 112 16.30 14.12 23.60
N ARG H 113 15.50 14.03 24.67
CA ARG H 113 14.70 12.83 24.89
C ARG H 113 13.62 12.68 23.82
N THR H 114 13.00 13.79 23.41
CA THR H 114 11.99 13.71 22.36
C THR H 114 12.62 13.24 21.06
N TYR H 115 13.79 13.78 20.71
CA TYR H 115 14.46 13.33 19.49
C TYR H 115 14.85 11.87 19.59
N ASP H 116 15.29 11.43 20.77
CA ASP H 116 15.67 10.04 20.94
C ASP H 116 14.48 9.11 20.72
N LEU H 117 13.34 9.43 21.33
CA LEU H 117 12.16 8.57 21.15
C LEU H 117 11.66 8.61 19.72
N VAL H 118 11.64 9.79 19.10
CA VAL H 118 11.18 9.90 17.72
C VAL H 118 12.08 9.08 16.81
N SER H 119 13.40 9.16 17.01
CA SER H 119 14.31 8.35 16.21
C SER H 119 14.11 6.87 16.48
N LEU H 120 13.91 6.49 17.75
CA LEU H 120 13.72 5.09 18.11
C LEU H 120 12.50 4.50 17.41
N PHE H 121 11.46 5.31 17.19
CA PHE H 121 10.32 4.82 16.43
C PHE H 121 10.54 4.90 14.92
N ILE H 122 11.16 5.98 14.45
CA ILE H 122 11.27 6.24 13.01
C ILE H 122 12.23 5.27 12.35
N ASP H 123 13.38 5.00 12.97
CA ASP H 123 14.31 4.06 12.37
C ASP H 123 13.69 2.67 12.27
N LYS H 124 12.96 2.24 13.30
CA LYS H 124 12.31 0.95 13.27
C LYS H 124 11.22 0.90 12.20
N ILE H 125 10.43 1.96 12.07
CA ILE H 125 9.37 1.94 11.06
C ILE H 125 9.95 1.99 9.65
N ILE H 126 11.04 2.73 9.45
CA ILE H 126 11.71 2.75 8.15
C ILE H 126 12.27 1.38 7.81
N SER H 127 12.90 0.73 8.79
CA SER H 127 13.39 -0.63 8.57
C SER H 127 12.25 -1.59 8.29
N ALA H 128 11.09 -1.37 8.93
CA ALA H 128 9.92 -2.19 8.63
C ALA H 128 9.46 -1.98 7.20
N ASN H 129 9.46 -0.73 6.72
CA ASN H 129 9.06 -0.45 5.35
C ASN H 129 10.03 -1.08 4.35
N LYS H 130 11.33 -1.04 4.66
CA LYS H 130 12.36 -1.41 3.69
C LYS H 130 12.93 -2.81 3.88
N ASN H 131 12.42 -3.60 4.83
CA ASN H 131 13.00 -4.91 5.10
C ASN H 131 12.06 -6.09 4.87
N GLU H 132 10.83 -6.04 5.36
CA GLU H 132 9.92 -7.18 5.28
C GLU H 132 9.17 -7.16 3.96
N ASP H 133 8.97 -8.34 3.39
CA ASP H 133 8.21 -8.47 2.14
C ASP H 133 6.75 -8.10 2.34
N GLU H 134 6.26 -8.14 3.58
CA GLU H 134 4.86 -7.82 3.84
C GLU H 134 4.57 -6.37 3.48
N ASN H 135 3.40 -6.14 2.89
CA ASN H 135 2.96 -4.81 2.50
C ASN H 135 2.05 -4.24 3.56
N VAL H 136 2.30 -2.97 3.92
CA VAL H 136 1.52 -2.27 4.93
C VAL H 136 0.90 -1.04 4.30
N ASP H 137 -0.39 -0.83 4.56
CA ASP H 137 -1.06 0.36 4.05
C ASP H 137 -0.83 1.55 4.97
N VAL H 138 -1.22 1.42 6.24
CA VAL H 138 -1.02 2.48 7.23
C VAL H 138 -0.43 1.86 8.49
N TRP H 139 0.26 2.70 9.26
CA TRP H 139 0.97 2.27 10.46
C TRP H 139 0.27 2.81 11.69
N PHE H 140 -0.11 1.91 12.60
CA PHE H 140 -0.67 2.30 13.89
C PHE H 140 0.42 2.15 14.95
N VAL H 141 1.03 3.27 15.30
CA VAL H 141 2.07 3.31 16.33
C VAL H 141 1.43 3.64 17.67
N ILE H 142 1.77 2.85 18.69
CA ILE H 142 1.19 2.96 20.02
C ILE H 142 2.29 3.39 20.97
N VAL H 143 2.02 4.43 21.76
CA VAL H 143 2.98 4.91 22.75
C VAL H 143 2.31 4.94 24.12
N PRO H 144 3.05 4.74 25.21
CA PRO H 144 2.43 4.79 26.55
C PRO H 144 1.96 6.18 26.94
N ASP H 145 1.47 6.32 28.17
CA ASP H 145 1.03 7.62 28.66
C ASP H 145 2.12 8.37 29.40
N GLU H 146 3.08 7.65 30.01
CA GLU H 146 4.20 8.33 30.65
C GLU H 146 5.01 9.12 29.62
N ILE H 147 5.27 8.52 28.45
CA ILE H 147 5.93 9.24 27.38
C ILE H 147 5.10 10.45 26.96
N TYR H 148 3.78 10.27 26.84
CA TYR H 148 2.94 11.35 26.34
C TYR H 148 2.99 12.56 27.27
N LYS H 149 2.99 12.33 28.58
CA LYS H 149 3.09 13.42 29.54
C LYS H 149 4.52 13.81 29.84
N TYR H 150 5.52 13.14 29.25
CA TYR H 150 6.90 13.56 29.40
C TYR H 150 7.64 13.50 28.07
N CYS H 151 6.99 13.94 26.99
CA CYS H 151 7.66 14.11 25.70
C CYS H 151 7.21 15.39 25.00
N ARG H 152 6.69 16.36 25.74
CA ARG H 152 6.19 17.61 25.21
C ARG H 152 6.83 18.77 25.97
N PRO H 153 6.89 19.95 25.35
CA PRO H 153 7.43 21.12 26.05
C PRO H 153 6.67 21.41 27.33
N ASN H 154 7.32 22.18 28.21
CA ASN H 154 6.76 22.60 29.50
C ASN H 154 6.46 21.42 30.41
N SER H 155 7.04 20.25 30.13
CA SER H 155 6.87 19.07 30.97
C SER H 155 8.15 18.88 31.79
N VAL H 156 8.05 19.08 33.09
CA VAL H 156 9.19 18.98 33.98
C VAL H 156 9.32 17.55 34.47
N LEU H 157 10.46 16.93 34.19
CA LEU H 157 10.71 15.58 34.65
C LEU H 157 11.00 15.58 36.14
N PRO H 158 10.25 14.83 36.95
CA PRO H 158 10.52 14.83 38.40
C PRO H 158 11.93 14.35 38.72
N LYS H 159 12.55 15.00 39.70
CA LYS H 159 13.96 14.75 40.00
C LYS H 159 14.17 13.32 40.48
N GLU H 160 13.26 12.80 41.29
CA GLU H 160 13.42 11.46 41.86
C GLU H 160 13.45 10.38 40.80
N MET H 161 12.90 10.64 39.61
CA MET H 161 12.82 9.65 38.55
C MET H 161 13.64 10.02 37.32
N VAL H 162 14.54 10.99 37.42
CA VAL H 162 15.43 11.31 36.31
C VAL H 162 16.61 10.36 36.34
N GLN H 163 16.86 9.71 35.20
CA GLN H 163 17.99 8.78 35.07
C GLN H 163 19.18 9.39 34.34
N THR H 164 18.94 10.20 33.31
CA THR H 164 20.03 10.80 32.55
C THR H 164 19.90 12.31 32.51
N THR H 199 18.98 17.29 17.98
CA THR H 199 18.04 17.31 19.10
C THR H 199 17.46 18.70 19.29
N TYR H 200 18.32 19.67 19.60
CA TYR H 200 17.87 21.04 19.79
C TYR H 200 17.43 21.68 18.48
N ASN H 201 17.89 21.16 17.34
CA ASN H 201 17.44 21.69 16.06
C ASN H 201 15.97 21.36 15.79
N TYR H 202 15.50 20.24 16.30
CA TYR H 202 14.11 19.83 16.14
C TYR H 202 13.29 20.29 17.36
N ASP H 203 11.98 20.35 17.17
CA ASP H 203 11.08 20.76 18.24
C ASP H 203 10.66 19.56 19.09
N ALA H 204 10.37 19.84 20.36
CA ALA H 204 9.99 18.80 21.31
C ALA H 204 8.61 18.21 21.05
N GLN H 205 7.84 18.81 20.15
CA GLN H 205 6.50 18.31 19.82
C GLN H 205 6.61 16.92 19.20
N PHE H 206 6.23 15.90 19.97
CA PHE H 206 6.49 14.52 19.57
C PHE H 206 5.71 14.13 18.32
N HIS H 207 4.40 14.37 18.30
CA HIS H 207 3.58 13.94 17.18
C HIS H 207 3.96 14.66 15.90
N ASP H 208 4.18 15.97 15.98
CA ASP H 208 4.51 16.76 14.78
C ASP H 208 5.86 16.36 14.22
N GLN H 209 6.87 16.20 15.09
CA GLN H 209 8.17 15.76 14.64
C GLN H 209 8.11 14.35 14.06
N PHE H 210 7.35 13.47 14.70
CA PHE H 210 7.19 12.11 14.22
C PHE H 210 6.61 12.07 12.82
N LYS H 211 5.57 12.87 12.58
CA LYS H 211 4.98 12.91 11.25
C LYS H 211 5.84 13.67 10.24
N ALA H 212 6.66 14.61 10.71
CA ALA H 212 7.52 15.36 9.79
C ALA H 212 8.68 14.52 9.29
N ARG H 213 9.30 13.74 10.17
CA ARG H 213 10.43 12.92 9.75
C ARG H 213 10.03 11.76 8.84
N LEU H 214 8.74 11.44 8.76
CA LEU H 214 8.26 10.40 7.86
C LEU H 214 7.93 10.92 6.47
N LEU H 215 7.99 12.23 6.25
CA LEU H 215 7.56 12.80 4.98
C LEU H 215 8.48 12.36 3.84
N LYS H 216 9.78 12.25 4.11
CA LYS H 216 10.72 11.85 3.06
C LYS H 216 10.38 10.47 2.50
N HIS H 217 9.84 9.58 3.34
CA HIS H 217 9.54 8.21 2.94
C HIS H 217 8.07 8.00 2.60
N THR H 218 7.20 8.98 2.86
CA THR H 218 5.78 8.94 2.49
C THR H 218 5.11 7.68 3.04
N ILE H 219 5.09 7.58 4.36
CA ILE H 219 4.46 6.47 5.07
C ILE H 219 3.27 7.01 5.84
N PRO H 220 2.04 6.65 5.47
CA PRO H 220 0.88 7.09 6.28
C PRO H 220 0.87 6.38 7.63
N THR H 221 0.89 7.17 8.69
CA THR H 221 1.01 6.65 10.05
C THR H 221 -0.03 7.30 10.96
N GLN H 222 -0.29 6.63 12.07
CA GLN H 222 -1.29 7.09 13.04
C GLN H 222 -0.75 6.88 14.45
N ILE H 223 -0.70 7.95 15.23
CA ILE H 223 -0.23 7.92 16.62
C ILE H 223 -1.42 7.71 17.55
N PHE H 224 -1.28 6.75 18.46
CA PHE H 224 -2.27 6.44 19.48
C PHE H 224 -1.60 6.40 20.85
N ARG H 225 -2.41 6.63 21.88
CA ARG H 225 -2.06 6.24 23.25
C ARG H 225 -3.09 5.22 23.72
N GLU H 226 -2.64 4.29 24.56
CA GLU H 226 -3.54 3.27 25.08
C GLU H 226 -4.67 3.88 25.90
N SER H 227 -4.52 5.11 26.38
CA SER H 227 -5.65 5.81 26.96
C SER H 227 -6.74 6.08 25.92
N THR H 228 -6.34 6.51 24.72
CA THR H 228 -7.28 6.61 23.62
C THR H 228 -7.79 5.22 23.21
N LEU H 229 -6.99 4.19 23.47
CA LEU H 229 -7.40 2.80 23.31
C LEU H 229 -8.24 2.41 24.52
N ALA H 230 -8.39 1.10 24.76
CA ALA H 230 -9.34 0.65 25.78
C ALA H 230 -8.90 1.12 27.16
N TRP H 231 -9.45 2.26 27.57
CA TRP H 231 -9.09 2.97 28.80
C TRP H 231 -9.57 2.28 30.06
N ARG H 232 -10.43 1.26 29.95
CA ARG H 232 -11.03 0.65 31.13
C ARG H 232 -9.99 0.07 32.07
N ASP H 233 -8.80 -0.26 31.57
CA ASP H 233 -7.73 -0.73 32.45
C ASP H 233 -7.28 0.38 33.41
N PHE H 234 -7.19 1.60 32.92
CA PHE H 234 -6.68 2.71 33.73
C PHE H 234 -7.76 3.28 34.63
N LYS H 235 -7.37 3.62 35.85
CA LYS H 235 -8.25 4.24 36.83
C LYS H 235 -7.52 5.39 37.50
N ASN H 236 -8.29 6.38 37.97
CA ASN H 236 -7.72 7.52 38.66
C ASN H 236 -7.53 7.15 40.14
N ALA H 237 -7.22 8.16 40.97
CA ALA H 237 -7.11 7.92 42.40
C ALA H 237 -8.46 7.51 42.99
N PHE H 238 -9.55 8.00 42.43
CA PHE H 238 -10.89 7.66 42.90
C PHE H 238 -11.35 6.28 42.45
N GLY H 239 -10.65 5.65 41.50
CA GLY H 239 -11.05 4.37 40.98
C GLY H 239 -11.86 4.41 39.70
N LEU H 240 -11.98 5.58 39.08
CA LEU H 240 -12.70 5.76 37.83
C LEU H 240 -11.74 5.99 36.68
N PRO H 241 -12.10 5.63 35.45
CA PRO H 241 -11.25 5.94 34.32
C PRO H 241 -11.07 7.45 34.17
N ILE H 242 -9.84 7.86 33.85
CA ILE H 242 -9.56 9.28 33.68
C ILE H 242 -10.32 9.83 32.49
N ARG H 243 -10.32 9.11 31.38
CA ARG H 243 -11.04 9.50 30.18
C ARG H 243 -12.28 8.62 30.05
N ASP H 244 -13.35 9.05 30.71
CA ASP H 244 -14.62 8.32 30.71
C ASP H 244 -15.26 8.45 29.34
N PHE H 245 -15.10 7.41 28.53
CA PHE H 245 -15.60 7.41 27.15
C PHE H 245 -16.74 6.42 26.94
N SER H 246 -17.37 5.96 28.02
CA SER H 246 -18.44 4.98 27.89
C SER H 246 -19.61 5.54 27.11
N LYS H 247 -19.99 6.79 27.38
CA LYS H 247 -21.09 7.43 26.68
C LYS H 247 -20.73 7.87 25.26
N ILE H 248 -19.45 7.83 24.91
CA ILE H 248 -18.96 8.32 23.63
C ILE H 248 -18.23 7.22 22.84
N GLU H 249 -18.31 5.97 23.32
CA GLU H 249 -17.53 4.89 22.70
C GLU H 249 -17.89 4.72 21.23
N GLY H 250 -19.18 4.78 20.90
CA GLY H 250 -19.58 4.69 19.52
C GLY H 250 -19.01 5.81 18.68
N HIS H 251 -19.01 7.03 19.21
CA HIS H 251 -18.46 8.17 18.48
C HIS H 251 -16.96 8.04 18.26
N LEU H 252 -16.22 7.63 19.28
CA LEU H 252 -14.78 7.47 19.11
C LEU H 252 -14.48 6.36 18.11
N ALA H 253 -15.25 5.27 18.15
CA ALA H 253 -15.06 4.23 17.15
C ALA H 253 -15.36 4.75 15.75
N TRP H 254 -16.42 5.55 15.60
CA TRP H 254 -16.76 6.15 14.32
C TRP H 254 -15.60 6.99 13.79
N THR H 255 -15.10 7.91 14.61
CA THR H 255 -14.06 8.82 14.14
C THR H 255 -12.73 8.11 13.91
N ILE H 256 -12.36 7.13 14.75
CA ILE H 256 -11.15 6.38 14.51
C ILE H 256 -11.25 5.56 13.23
N SER H 257 -12.40 4.94 12.99
CA SER H 257 -12.60 4.21 11.75
C SER H 257 -12.52 5.13 10.54
N THR H 258 -13.12 6.32 10.64
CA THR H 258 -13.06 7.26 9.53
C THR H 258 -11.64 7.70 9.25
N ALA H 259 -10.88 8.00 10.30
CA ALA H 259 -9.48 8.39 10.11
C ALA H 259 -8.66 7.28 9.49
N ALA H 260 -8.86 6.04 9.98
CA ALA H 260 -8.13 4.91 9.43
C ALA H 260 -8.49 4.69 7.96
N PHE H 261 -9.77 4.81 7.62
CA PHE H 261 -10.17 4.64 6.23
C PHE H 261 -9.57 5.72 5.33
N TYR H 262 -9.58 6.96 5.78
CA TYR H 262 -9.00 8.03 4.97
C TYR H 262 -7.50 7.84 4.80
N LYS H 263 -6.80 7.44 5.86
CA LYS H 263 -5.38 7.18 5.75
C LYS H 263 -5.09 6.02 4.81
N ALA H 264 -5.98 5.03 4.75
CA ALA H 264 -5.78 3.86 3.92
C ALA H 264 -5.86 4.17 2.43
N GLY H 265 -6.30 5.37 2.05
CA GLY H 265 -6.40 5.72 0.66
C GLY H 265 -7.83 5.71 0.15
N GLY H 266 -8.78 5.96 1.05
CA GLY H 266 -10.18 5.97 0.68
C GLY H 266 -10.81 7.33 0.79
N LYS H 267 -11.84 7.58 0.00
CA LYS H 267 -12.58 8.84 0.04
C LYS H 267 -13.93 8.62 0.72
N PRO H 268 -14.13 9.12 1.94
CA PRO H 268 -15.39 8.85 2.64
C PRO H 268 -16.59 9.53 2.00
N TRP H 269 -16.47 10.81 1.64
CA TRP H 269 -17.59 11.55 1.08
C TRP H 269 -17.05 12.69 0.23
N LYS H 270 -17.94 13.29 -0.56
CA LYS H 270 -17.58 14.38 -1.45
C LYS H 270 -18.76 15.36 -1.52
N LEU H 271 -18.53 16.48 -2.18
CA LEU H 271 -19.54 17.53 -2.24
C LEU H 271 -20.30 17.49 -3.55
N SER H 272 -21.39 18.24 -3.60
CA SER H 272 -22.22 18.34 -4.79
C SER H 272 -22.66 19.75 -5.12
N ASP H 273 -22.53 20.71 -4.21
CA ASP H 273 -23.00 22.07 -4.43
C ASP H 273 -21.93 23.02 -4.93
N VAL H 274 -20.69 22.58 -5.05
CA VAL H 274 -19.61 23.46 -5.48
C VAL H 274 -19.61 23.57 -7.00
N ARG H 275 -19.57 24.80 -7.50
CA ARG H 275 -19.60 25.04 -8.93
C ARG H 275 -18.28 24.62 -9.57
N ASN H 276 -18.33 24.37 -10.87
CA ASN H 276 -17.13 24.02 -11.62
C ASN H 276 -16.24 25.24 -11.81
N GLY H 277 -14.95 24.99 -11.98
CA GLY H 277 -14.00 26.06 -12.17
C GLY H 277 -13.82 26.96 -10.98
N VAL H 278 -13.83 26.41 -9.77
CA VAL H 278 -13.74 27.21 -8.55
C VAL H 278 -12.62 26.61 -7.69
N CYS H 279 -11.50 27.32 -7.61
CA CYS H 279 -10.44 26.99 -6.67
C CYS H 279 -10.51 27.92 -5.47
N TYR H 280 -10.11 27.41 -4.30
CA TYR H 280 -10.27 28.16 -3.06
C TYR H 280 -8.95 28.57 -2.44
N LEU H 281 -8.08 27.62 -2.11
CA LEU H 281 -6.82 27.88 -1.41
C LEU H 281 -7.05 28.40 0.01
N GLY H 282 -6.26 27.92 0.96
CA GLY H 282 -6.37 28.38 2.33
C GLY H 282 -5.03 28.70 2.95
N LEU H 283 -4.84 29.95 3.39
CA LEU H 283 -3.55 30.45 3.83
C LEU H 283 -3.51 30.53 5.35
N VAL H 284 -2.48 29.93 5.94
CA VAL H 284 -2.25 29.99 7.38
C VAL H 284 -0.77 30.25 7.62
N TYR H 285 -0.47 31.13 8.58
CA TYR H 285 0.89 31.48 8.93
C TYR H 285 1.26 30.86 10.27
N LYS H 286 2.44 30.27 10.35
CA LYS H 286 2.92 29.61 11.56
C LYS H 286 4.32 30.09 11.90
N LYS H 287 4.71 29.88 13.16
CA LYS H 287 6.00 30.32 13.65
C LYS H 287 7.02 29.18 13.66
N VAL H 288 8.28 29.54 13.45
CA VAL H 288 9.39 28.60 13.47
C VAL H 288 10.40 29.09 14.50
N GLU H 289 10.60 28.31 15.56
CA GLU H 289 11.47 28.72 16.66
C GLU H 289 12.86 28.12 16.59
N LYS H 290 13.07 27.07 15.80
CA LYS H 290 14.38 26.42 15.75
C LYS H 290 15.44 27.37 15.18
N SER H 291 15.10 28.12 14.14
CA SER H 291 16.03 29.06 13.53
C SER H 291 15.89 30.42 14.18
N LYS H 292 16.95 31.23 14.06
CA LYS H 292 16.90 32.59 14.55
C LYS H 292 15.81 33.37 13.81
N ASN H 293 15.05 34.17 14.57
CA ASN H 293 13.86 34.89 14.13
C ASN H 293 12.74 33.88 13.87
N PRO H 294 11.49 34.21 14.21
CA PRO H 294 10.40 33.24 13.99
C PRO H 294 10.23 32.83 12.53
N ARG H 295 10.55 33.72 11.59
CA ARG H 295 10.61 33.46 10.15
C ARG H 295 9.23 33.20 9.53
N ASN H 296 8.17 33.12 10.33
CA ASN H 296 6.78 33.17 9.86
C ASN H 296 6.54 32.26 8.66
N ALA H 297 6.69 30.96 8.88
CA ALA H 297 6.43 29.99 7.82
C ALA H 297 4.98 30.04 7.39
N CYS H 298 4.77 30.04 6.07
CA CYS H 298 3.44 30.12 5.48
C CYS H 298 3.12 28.82 4.74
N CYS H 299 1.87 28.38 4.84
CA CYS H 299 1.42 27.13 4.26
C CYS H 299 0.05 27.33 3.64
N ALA H 300 -0.30 26.45 2.71
CA ALA H 300 -1.56 26.56 2.00
C ALA H 300 -2.16 25.18 1.74
N ALA H 301 -3.48 25.14 1.63
CA ALA H 301 -4.23 23.95 1.25
C ALA H 301 -5.22 24.31 0.15
N GLN H 302 -5.46 23.37 -0.76
CA GLN H 302 -6.20 23.65 -1.98
C GLN H 302 -7.34 22.66 -2.15
N MET H 303 -8.47 23.14 -2.67
CA MET H 303 -9.60 22.28 -3.00
C MET H 303 -10.29 22.83 -4.24
N PHE H 304 -10.71 21.94 -5.12
CA PHE H 304 -11.37 22.30 -6.38
C PHE H 304 -12.08 21.07 -6.92
N LEU H 305 -12.59 21.17 -8.14
CA LEU H 305 -13.30 20.09 -8.81
C LEU H 305 -12.51 19.58 -10.01
N ASP H 306 -12.88 18.39 -10.48
CA ASP H 306 -12.22 17.73 -11.58
C ASP H 306 -13.15 17.63 -12.78
N ASN H 307 -12.63 17.07 -13.87
CA ASN H 307 -13.41 16.85 -15.08
C ASN H 307 -14.49 15.81 -14.80
N GLY H 308 -15.75 16.26 -14.75
CA GLY H 308 -16.84 15.36 -14.44
C GLY H 308 -17.45 15.63 -13.08
N ASP H 309 -17.23 14.71 -12.14
CA ASP H 309 -17.75 14.86 -10.79
C ASP H 309 -16.71 14.75 -9.70
N GLY H 310 -15.51 14.26 -10.00
CA GLY H 310 -14.51 14.08 -8.96
C GLY H 310 -14.05 15.39 -8.37
N THR H 311 -13.63 15.33 -7.10
CA THR H 311 -13.14 16.49 -6.38
C THR H 311 -11.75 16.20 -5.82
N VAL H 312 -10.94 17.24 -5.71
CA VAL H 312 -9.60 17.16 -5.15
C VAL H 312 -9.55 18.06 -3.93
N PHE H 313 -9.14 17.50 -2.80
CA PHE H 313 -8.92 18.25 -1.56
C PHE H 313 -7.55 17.81 -1.05
N LYS H 314 -6.51 18.53 -1.49
CA LYS H 314 -5.13 18.21 -1.17
C LYS H 314 -4.43 19.47 -0.69
N GLY H 315 -3.47 19.30 0.21
CA GLY H 315 -2.63 20.43 0.59
C GLY H 315 -1.78 20.87 -0.59
N GLU H 316 -1.59 22.19 -0.69
CA GLU H 316 -0.72 22.79 -1.72
C GLU H 316 0.27 23.66 -0.96
N VAL H 317 1.37 23.06 -0.53
CA VAL H 317 2.32 23.73 0.37
C VAL H 317 3.69 23.76 -0.28
N GLY H 318 4.29 24.94 -0.29
CA GLY H 318 5.62 25.18 -0.82
C GLY H 318 6.44 25.97 0.17
N PRO H 319 6.37 25.61 1.46
CA PRO H 319 6.40 26.59 2.55
C PRO H 319 7.31 27.79 2.32
N TRP H 320 6.71 28.97 2.37
CA TRP H 320 7.39 30.22 2.07
C TRP H 320 7.62 30.96 3.39
N TYR H 321 8.89 31.03 3.81
CA TYR H 321 9.23 31.68 5.05
C TYR H 321 9.23 33.19 4.89
N ASN H 322 8.81 33.89 5.92
CA ASN H 322 8.67 35.35 5.89
C ASN H 322 9.52 35.98 6.98
N PRO H 323 10.54 36.76 6.65
CA PRO H 323 11.36 37.39 7.70
C PRO H 323 10.58 38.41 8.52
N LYS H 324 11.26 39.02 9.49
CA LYS H 324 10.67 39.98 10.44
C LYS H 324 9.78 39.24 11.43
N ASN H 325 9.77 39.70 12.68
CA ASN H 325 9.16 38.92 13.76
C ASN H 325 7.65 38.77 13.57
N GLY H 326 6.94 39.87 13.38
CA GLY H 326 5.49 39.83 13.40
C GLY H 326 4.82 40.37 12.15
N GLN H 327 5.38 40.08 10.98
CA GLN H 327 4.84 40.63 9.74
C GLN H 327 3.52 39.96 9.37
N TYR H 328 3.53 38.63 9.23
CA TYR H 328 2.41 37.83 8.75
C TYR H 328 1.98 38.21 7.34
N HIS H 329 2.76 39.06 6.65
CA HIS H 329 2.49 39.47 5.29
C HIS H 329 3.69 39.09 4.43
N LEU H 330 3.50 38.15 3.52
CA LEU H 330 4.60 37.62 2.73
C LEU H 330 4.87 38.50 1.51
N GLU H 331 6.14 38.54 1.11
CA GLU H 331 6.58 39.45 0.06
C GLU H 331 6.03 39.02 -1.30
N PRO H 332 5.95 39.97 -2.25
CA PRO H 332 5.32 39.65 -3.55
C PRO H 332 5.98 38.52 -4.31
N LYS H 333 7.29 38.31 -4.14
CA LYS H 333 7.96 37.23 -4.87
C LYS H 333 7.38 35.86 -4.49
N GLU H 334 7.33 35.58 -3.19
CA GLU H 334 6.73 34.33 -2.74
C GLU H 334 5.23 34.28 -3.01
N ALA H 335 4.55 35.44 -3.05
CA ALA H 335 3.16 35.47 -3.45
C ALA H 335 2.99 34.97 -4.88
N LYS H 336 3.83 35.48 -5.78
CA LYS H 336 3.80 35.02 -7.17
C LYS H 336 4.12 33.54 -7.27
N ALA H 337 5.13 33.09 -6.52
CA ALA H 337 5.48 31.67 -6.55
C ALA H 337 4.30 30.81 -6.10
N LEU H 338 3.70 31.16 -4.96
CA LEU H 338 2.58 30.39 -4.42
C LEU H 338 1.41 30.35 -5.39
N LEU H 339 1.00 31.52 -5.89
CA LEU H 339 -0.19 31.54 -6.73
C LEU H 339 0.06 30.89 -8.08
N SER H 340 1.26 31.05 -8.65
CA SER H 340 1.59 30.35 -9.88
C SER H 340 1.58 28.84 -9.67
N GLN H 341 2.12 28.37 -8.55
CA GLN H 341 2.10 26.94 -8.27
C GLN H 341 0.67 26.43 -8.15
N SER H 342 -0.19 27.17 -7.44
CA SER H 342 -1.57 26.74 -7.29
C SER H 342 -2.30 26.73 -8.63
N LEU H 343 -2.12 27.77 -9.43
CA LEU H 343 -2.78 27.84 -10.73
C LEU H 343 -2.32 26.71 -11.63
N GLN H 344 -1.02 26.41 -11.62
CA GLN H 344 -0.52 25.27 -12.39
C GLN H 344 -1.16 23.98 -11.90
N SER H 345 -1.04 23.69 -10.60
CA SER H 345 -1.57 22.44 -10.06
C SER H 345 -3.04 22.28 -10.38
N TYR H 346 -3.75 23.40 -10.55
CA TYR H 346 -5.10 23.32 -11.10
C TYR H 346 -5.07 22.98 -12.59
N LYS H 347 -4.17 23.60 -13.35
CA LYS H 347 -4.21 23.47 -14.81
C LYS H 347 -3.86 22.06 -15.27
N GLU H 348 -2.78 21.48 -14.76
CA GLU H 348 -2.45 20.11 -15.16
C GLU H 348 -3.50 19.11 -14.73
N GLN H 349 -4.41 19.46 -13.83
CA GLN H 349 -5.47 18.52 -13.46
C GLN H 349 -6.76 18.75 -14.25
N ILE H 350 -7.09 19.99 -14.59
CA ILE H 350 -8.28 20.31 -15.37
C ILE H 350 -7.93 20.66 -16.82
N GLY H 351 -7.00 21.59 -17.01
CA GLY H 351 -6.58 22.03 -18.34
C GLY H 351 -6.73 23.52 -18.57
N GLU H 352 -7.62 24.17 -17.84
CA GLU H 352 -7.86 25.59 -17.99
C GLU H 352 -7.81 26.27 -16.64
N TYR H 353 -7.45 27.56 -16.65
CA TYR H 353 -7.29 28.30 -15.41
C TYR H 353 -8.63 28.44 -14.68
N PRO H 354 -8.62 28.47 -13.35
CA PRO H 354 -9.87 28.65 -12.61
C PRO H 354 -10.53 29.98 -12.95
N LYS H 355 -11.85 29.95 -13.06
CA LYS H 355 -12.61 31.15 -13.41
C LYS H 355 -12.71 32.13 -12.24
N GLU H 356 -12.92 31.64 -11.02
CA GLU H 356 -12.92 32.48 -9.83
C GLU H 356 -12.18 31.75 -8.72
N VAL H 357 -11.35 32.47 -7.99
CA VAL H 357 -10.58 31.94 -6.87
C VAL H 357 -10.95 32.72 -5.62
N PHE H 358 -11.35 32.00 -4.57
CA PHE H 358 -11.74 32.60 -3.30
C PHE H 358 -10.63 32.32 -2.29
N ILE H 359 -9.63 33.20 -2.27
CA ILE H 359 -8.48 33.05 -1.37
C ILE H 359 -8.97 33.12 0.07
N HIS H 360 -8.79 32.03 0.81
CA HIS H 360 -9.20 31.94 2.20
C HIS H 360 -7.99 32.08 3.11
N ALA H 361 -8.11 32.95 4.10
CA ALA H 361 -7.10 33.09 5.15
C ALA H 361 -7.79 33.66 6.37
N LYS H 362 -7.17 33.46 7.53
CA LYS H 362 -7.73 33.96 8.78
C LYS H 362 -6.97 35.16 9.32
N THR H 363 -6.16 35.80 8.46
CA THR H 363 -5.65 37.15 8.67
C THR H 363 -5.82 37.93 7.38
N ARG H 364 -6.06 39.22 7.50
CA ARG H 364 -6.30 40.04 6.31
C ARG H 364 -5.00 40.27 5.54
N PHE H 365 -5.14 40.81 4.34
CA PHE H 365 -4.04 41.04 3.42
C PHE H 365 -3.93 42.53 3.12
N ASN H 366 -2.70 43.00 2.91
CA ASN H 366 -2.48 44.33 2.38
C ASN H 366 -2.25 44.24 0.87
N HIS H 367 -2.13 45.42 0.24
CA HIS H 367 -2.01 45.48 -1.21
C HIS H 367 -0.72 44.85 -1.74
N GLN H 368 0.27 44.61 -0.88
CA GLN H 368 1.55 44.09 -1.34
C GLN H 368 1.39 42.72 -1.99
N GLU H 369 0.65 41.82 -1.34
CA GLU H 369 0.41 40.51 -1.95
C GLU H 369 -0.52 40.62 -3.16
N TRP H 370 -1.52 41.50 -3.06
CA TRP H 370 -2.56 41.54 -4.09
C TRP H 370 -2.04 42.10 -5.40
N ASP H 371 -1.09 43.03 -5.38
CA ASP H 371 -0.50 43.50 -6.62
C ASP H 371 0.14 42.35 -7.38
N ALA H 372 0.97 41.56 -6.70
CA ALA H 372 1.60 40.41 -7.35
C ALA H 372 0.56 39.38 -7.77
N PHE H 373 -0.46 39.15 -6.94
CA PHE H 373 -1.50 38.20 -7.28
C PHE H 373 -2.21 38.59 -8.57
N LEU H 374 -2.59 39.87 -8.69
CA LEU H 374 -3.21 40.34 -9.92
C LEU H 374 -2.23 40.28 -11.08
N GLU H 375 -0.94 40.46 -10.83
CA GLU H 375 0.05 40.34 -11.89
C GLU H 375 0.09 38.93 -12.45
N VAL H 376 0.02 37.92 -11.59
CA VAL H 376 0.18 36.54 -12.06
C VAL H 376 -1.13 35.94 -12.58
N THR H 377 -2.28 36.38 -12.05
CA THR H 377 -3.54 35.85 -12.54
C THR H 377 -3.85 36.35 -13.95
N PRO H 378 -4.53 35.54 -14.75
CA PRO H 378 -5.00 36.00 -16.06
C PRO H 378 -6.25 36.85 -15.90
N LYS H 379 -6.70 37.44 -17.00
CA LYS H 379 -7.86 38.32 -16.98
C LYS H 379 -9.15 37.55 -16.70
N GLU H 380 -9.26 36.31 -17.19
CA GLU H 380 -10.48 35.54 -17.00
C GLU H 380 -10.70 35.20 -15.53
N THR H 381 -9.62 34.92 -14.80
CA THR H 381 -9.74 34.51 -13.41
C THR H 381 -10.22 35.68 -12.56
N ASN H 382 -11.21 35.41 -11.69
CA ASN H 382 -11.77 36.41 -10.78
C ASN H 382 -11.24 36.10 -9.39
N LEU H 383 -10.18 36.80 -8.99
CA LEU H 383 -9.56 36.57 -7.69
C LEU H 383 -10.36 37.25 -6.59
N VAL H 384 -10.62 36.51 -5.51
CA VAL H 384 -11.36 37.02 -4.37
C VAL H 384 -10.63 36.63 -3.10
N GLY H 385 -10.49 37.59 -2.17
CA GLY H 385 -9.86 37.33 -0.90
C GLY H 385 -10.84 37.47 0.26
N VAL H 386 -10.93 36.42 1.08
CA VAL H 386 -11.88 36.35 2.18
C VAL H 386 -11.12 36.08 3.46
N THR H 387 -11.44 36.84 4.52
CA THR H 387 -10.83 36.65 5.83
C THR H 387 -11.85 36.04 6.78
N ILE H 388 -11.36 35.16 7.66
CA ILE H 388 -12.17 34.48 8.66
C ILE H 388 -11.60 34.80 10.03
N SER H 389 -12.45 35.26 10.95
CA SER H 389 -11.97 35.67 12.26
C SER H 389 -12.92 35.19 13.35
N LYS H 390 -12.34 34.62 14.40
CA LYS H 390 -13.05 34.33 15.63
C LYS H 390 -12.81 35.39 16.70
N THR H 391 -12.04 36.42 16.39
CA THR H 391 -11.67 37.41 17.39
C THR H 391 -12.88 38.19 17.88
N LYS H 392 -13.78 38.55 16.98
CA LYS H 392 -14.92 39.38 17.34
C LYS H 392 -15.84 38.63 18.29
N PRO H 393 -16.05 39.13 19.51
CA PRO H 393 -16.91 38.45 20.50
C PRO H 393 -18.39 38.78 20.37
N LEU H 394 -18.90 38.72 19.14
CA LEU H 394 -20.34 38.86 18.93
C LEU H 394 -21.04 37.60 19.42
N LYS H 395 -22.00 37.79 20.32
CA LYS H 395 -22.72 36.67 20.92
C LYS H 395 -24.21 36.95 20.82
N LEU H 396 -24.96 35.98 20.30
CA LEU H 396 -26.41 36.17 20.15
C LEU H 396 -27.14 35.58 21.34
N TYR H 397 -28.31 36.13 21.65
CA TYR H 397 -29.05 35.76 22.84
C TYR H 397 -30.51 35.54 22.46
N LYS H 398 -31.00 34.32 22.63
CA LYS H 398 -32.40 34.03 22.36
C LYS H 398 -33.27 34.40 23.54
N THR H 399 -34.56 34.59 23.27
CA THR H 399 -35.48 35.03 24.32
C THR H 399 -35.65 33.96 25.39
N GLU H 400 -35.94 32.73 24.99
CA GLU H 400 -36.23 31.65 25.93
C GLU H 400 -35.61 30.36 25.44
N GLY H 401 -35.48 29.41 26.35
CA GLY H 401 -34.95 28.10 26.04
C GLY H 401 -33.54 27.93 26.56
N ASP H 402 -33.16 26.67 26.79
CA ASP H 402 -31.81 26.32 27.24
C ASP H 402 -30.92 25.85 26.09
N TYR H 403 -31.30 26.17 24.85
CA TYR H 403 -30.58 25.72 23.67
C TYR H 403 -30.06 26.93 22.90
N THR H 404 -29.15 26.67 21.97
CA THR H 404 -28.46 27.71 21.21
C THR H 404 -29.10 27.92 19.85
N ILE H 405 -28.40 28.65 18.99
CA ILE H 405 -28.92 29.07 17.69
C ILE H 405 -28.72 27.98 16.65
N LEU H 406 -29.46 28.07 15.56
CA LEU H 406 -29.24 27.21 14.41
C LEU H 406 -27.83 27.40 13.87
N ARG H 407 -27.27 26.31 13.34
CA ARG H 407 -26.04 26.40 12.57
C ARG H 407 -26.37 26.74 11.13
N GLY H 408 -26.02 27.96 10.70
CA GLY H 408 -26.30 28.37 9.33
C GLY H 408 -26.87 29.77 9.21
N ASN H 409 -27.18 30.39 10.35
CA ASN H 409 -27.69 31.76 10.33
C ASN H 409 -26.58 32.73 9.96
N ALA H 410 -26.92 33.76 9.19
CA ALA H 410 -25.95 34.75 8.74
C ALA H 410 -26.47 36.15 9.02
N TYR H 411 -25.67 36.96 9.70
CA TYR H 411 -25.97 38.37 9.91
C TYR H 411 -25.17 39.18 8.91
N VAL H 412 -25.84 39.68 7.88
CA VAL H 412 -25.18 40.42 6.80
C VAL H 412 -24.99 41.86 7.28
N VAL H 413 -23.76 42.20 7.67
CA VAL H 413 -23.48 43.57 8.08
C VAL H 413 -23.61 44.51 6.90
N ASN H 414 -23.01 44.16 5.78
CA ASN H 414 -23.09 44.94 4.55
C ASN H 414 -22.75 44.01 3.39
N GLU H 415 -22.53 44.60 2.21
CA GLU H 415 -22.16 43.81 1.04
C GLU H 415 -20.80 43.14 1.20
N ARG H 416 -19.95 43.64 2.10
CA ARG H 416 -18.60 43.15 2.22
C ARG H 416 -18.33 42.32 3.47
N SER H 417 -19.14 42.45 4.51
CA SER H 417 -18.89 41.76 5.77
C SER H 417 -20.17 41.08 6.25
N ALA H 418 -19.99 39.94 6.93
CA ALA H 418 -21.10 39.18 7.47
C ALA H 418 -20.61 38.28 8.59
N PHE H 419 -21.54 37.79 9.39
CA PHE H 419 -21.27 36.86 10.48
C PHE H 419 -21.97 35.55 10.18
N LEU H 420 -21.25 34.44 10.32
CA LEU H 420 -21.81 33.10 10.12
C LEU H 420 -21.62 32.29 11.39
N TRP H 421 -22.70 31.66 11.85
CA TRP H 421 -22.67 30.82 13.04
C TRP H 421 -22.59 29.36 12.63
N THR H 422 -21.39 28.94 12.21
CA THR H 422 -21.16 27.57 11.82
C THR H 422 -21.06 26.62 13.02
N VAL H 423 -21.00 27.16 14.23
CA VAL H 423 -20.98 26.36 15.45
C VAL H 423 -22.22 26.71 16.26
N GLY H 424 -22.82 25.71 16.88
CA GLY H 424 -24.03 25.89 17.63
C GLY H 424 -24.90 24.66 17.55
N TYR H 425 -26.21 24.89 17.60
CA TYR H 425 -27.18 23.80 17.55
C TYR H 425 -27.59 23.50 16.12
N VAL H 426 -27.71 22.21 15.82
CA VAL H 426 -28.33 21.73 14.59
C VAL H 426 -29.29 20.61 14.98
N PRO H 427 -30.51 20.59 14.45
CA PRO H 427 -31.52 19.62 14.93
C PRO H 427 -31.11 18.16 14.81
N LYS H 428 -30.37 17.81 13.74
CA LYS H 428 -30.09 16.41 13.48
C LYS H 428 -29.24 15.76 14.58
N ILE H 429 -28.37 16.54 15.23
CA ILE H 429 -27.51 15.98 16.27
C ILE H 429 -28.07 16.21 17.67
N GLN H 430 -29.14 17.00 17.81
CA GLN H 430 -29.93 17.12 19.04
C GLN H 430 -29.18 17.91 20.12
N THR H 431 -27.92 18.24 19.88
CA THR H 431 -27.12 18.95 20.86
C THR H 431 -26.33 20.06 20.18
N ALA H 432 -26.13 21.16 20.89
CA ALA H 432 -25.31 22.24 20.37
C ALA H 432 -23.88 21.76 20.16
N LEU H 433 -23.28 22.16 19.03
CA LEU H 433 -21.90 21.79 18.76
C LEU H 433 -20.93 22.37 19.78
N SER H 434 -21.32 23.43 20.48
CA SER H 434 -20.53 24.04 21.52
C SER H 434 -21.17 23.79 22.88
N MET H 435 -20.46 24.19 23.93
CA MET H 435 -20.97 24.10 25.30
C MET H 435 -21.49 25.44 25.81
N GLU H 436 -20.67 26.47 25.75
CA GLU H 436 -21.11 27.83 26.08
C GLU H 436 -21.74 28.45 24.83
N VAL H 437 -21.95 29.76 24.87
CA VAL H 437 -22.58 30.44 23.73
C VAL H 437 -21.62 30.39 22.53
N PRO H 438 -22.09 29.95 21.37
CA PRO H 438 -21.21 29.84 20.21
C PRO H 438 -20.63 31.19 19.81
N ASN H 439 -19.43 31.14 19.24
CA ASN H 439 -18.82 32.30 18.62
C ASN H 439 -18.83 32.16 17.10
N PRO H 440 -19.33 33.16 16.39
CA PRO H 440 -19.48 33.04 14.94
C PRO H 440 -18.16 33.33 14.21
N LEU H 441 -18.20 33.13 12.90
CA LEU H 441 -17.07 33.42 12.03
C LEU H 441 -17.26 34.80 11.42
N PHE H 442 -16.18 35.59 11.43
CA PHE H 442 -16.21 36.92 10.83
C PHE H 442 -15.73 36.82 9.40
N ILE H 443 -16.66 36.79 8.45
CA ILE H 443 -16.36 36.69 7.03
C ILE H 443 -16.40 38.10 6.44
N GLU H 444 -15.26 38.53 5.89
CA GLU H 444 -15.16 39.81 5.22
C GLU H 444 -14.33 39.63 3.96
N ILE H 445 -14.85 40.10 2.84
CA ILE H 445 -14.14 40.02 1.57
C ILE H 445 -13.17 41.20 1.51
N ASN H 446 -11.88 40.93 1.73
CA ASN H 446 -10.90 42.00 1.80
C ASN H 446 -10.79 42.74 0.48
N LYS H 447 -10.67 42.00 -0.63
CA LYS H 447 -10.52 42.61 -1.94
C LYS H 447 -11.30 41.78 -2.96
N GLY H 448 -11.36 42.28 -4.19
CA GLY H 448 -12.26 41.73 -5.17
C GLY H 448 -13.64 42.36 -5.05
N GLU H 449 -14.61 41.72 -5.71
CA GLU H 449 -15.99 42.18 -5.63
C GLU H 449 -16.86 41.21 -4.84
N ALA H 450 -16.95 39.94 -5.26
CA ALA H 450 -17.57 38.84 -4.52
C ALA H 450 -19.03 39.08 -4.12
N ASP H 451 -19.91 38.16 -4.51
CA ASP H 451 -21.27 38.18 -4.00
C ASP H 451 -21.29 37.57 -2.60
N ILE H 452 -21.88 38.30 -1.65
CA ILE H 452 -21.77 37.93 -0.24
C ILE H 452 -22.51 36.61 0.03
N LYS H 453 -23.63 36.38 -0.66
CA LYS H 453 -24.40 35.16 -0.42
C LYS H 453 -23.61 33.93 -0.81
N GLN H 454 -22.91 33.98 -1.95
CA GLN H 454 -22.15 32.81 -2.40
C GLN H 454 -21.00 32.49 -1.44
N VAL H 455 -20.27 33.51 -1.00
CA VAL H 455 -19.12 33.24 -0.11
C VAL H 455 -19.60 32.77 1.25
N LEU H 456 -20.69 33.35 1.77
CA LEU H 456 -21.26 32.82 3.00
C LEU H 456 -21.89 31.45 2.81
N LYS H 457 -22.17 31.06 1.57
CA LYS H 457 -22.65 29.72 1.28
C LYS H 457 -21.54 28.70 1.12
N ASP H 458 -20.37 29.11 0.62
CA ASP H 458 -19.26 28.20 0.43
C ASP H 458 -18.58 27.82 1.74
N ILE H 459 -18.46 28.77 2.67
CA ILE H 459 -17.84 28.46 3.95
C ILE H 459 -18.61 27.37 4.68
N LEU H 460 -19.94 27.48 4.70
CA LEU H 460 -20.76 26.47 5.35
C LEU H 460 -20.54 25.10 4.70
N SER H 461 -20.41 25.05 3.38
CA SER H 461 -20.07 23.80 2.70
C SER H 461 -18.69 23.31 3.10
N LEU H 462 -17.71 24.24 3.18
CA LEU H 462 -16.35 23.85 3.52
C LEU H 462 -16.20 23.37 4.95
N THR H 463 -17.15 23.70 5.83
CA THR H 463 -17.04 23.21 7.20
C THR H 463 -17.37 21.73 7.36
N LYS H 464 -17.48 20.95 6.29
CA LYS H 464 -17.86 19.53 6.40
C LYS H 464 -16.73 18.56 6.08
N LEU H 465 -15.62 19.03 5.52
CA LEU H 465 -14.61 18.11 4.99
C LEU H 465 -13.56 17.77 6.05
N ASN H 466 -14.01 17.34 7.23
CA ASN H 466 -13.08 16.99 8.30
C ASN H 466 -12.87 15.48 8.27
N TYR H 467 -12.06 15.04 7.31
CA TYR H 467 -11.75 13.62 7.20
C TYR H 467 -11.01 13.09 8.43
N ASN H 468 -10.40 13.98 9.21
CA ASN H 468 -9.68 13.59 10.41
C ASN H 468 -10.60 13.27 11.58
N ALA H 469 -11.87 13.65 11.52
CA ALA H 469 -12.80 13.44 12.63
C ALA H 469 -14.21 13.31 12.10
N CYS H 470 -14.86 12.19 12.41
CA CYS H 470 -16.23 11.93 11.96
C CYS H 470 -17.18 12.78 12.81
N ILE H 471 -17.33 14.03 12.38
CA ILE H 471 -18.20 15.01 13.03
C ILE H 471 -19.22 15.49 12.02
N PHE H 472 -20.38 15.91 12.52
CA PHE H 472 -21.42 16.45 11.65
C PHE H 472 -20.92 17.66 10.89
N ALA H 473 -20.20 18.56 11.57
CA ALA H 473 -19.65 19.75 10.94
C ALA H 473 -18.52 20.28 11.81
N ASP H 474 -17.72 21.15 11.22
CA ASP H 474 -16.59 21.76 11.89
C ASP H 474 -16.84 23.26 12.09
N GLY H 475 -16.19 23.83 13.10
CA GLY H 475 -16.39 25.21 13.48
C GLY H 475 -15.65 26.24 12.64
N GLU H 476 -14.93 25.80 11.62
CA GLU H 476 -14.25 26.70 10.69
C GLU H 476 -14.08 25.94 9.38
N PRO H 477 -13.82 26.65 8.27
CA PRO H 477 -13.54 25.93 7.02
C PRO H 477 -12.35 25.00 7.19
N VAL H 478 -12.48 23.79 6.64
CA VAL H 478 -11.45 22.79 6.81
C VAL H 478 -10.15 23.17 6.12
N THR H 479 -10.21 24.03 5.10
CA THR H 479 -8.99 24.50 4.47
C THR H 479 -8.10 25.23 5.46
N LEU H 480 -8.70 26.08 6.30
CA LEU H 480 -7.94 26.76 7.33
C LEU H 480 -7.41 25.76 8.37
N ARG H 481 -8.26 24.85 8.82
CA ARG H 481 -7.86 23.89 9.84
C ARG H 481 -6.77 22.96 9.32
N PHE H 482 -6.96 22.39 8.14
CA PHE H 482 -5.96 21.46 7.60
C PHE H 482 -4.68 22.19 7.21
N ALA H 483 -4.80 23.43 6.74
CA ALA H 483 -3.60 24.22 6.49
C ALA H 483 -2.82 24.48 7.77
N ASP H 484 -3.53 24.78 8.86
CA ASP H 484 -2.86 24.95 10.15
C ASP H 484 -2.18 23.66 10.58
N LYS H 485 -2.87 22.52 10.38
CA LYS H 485 -2.28 21.23 10.76
C LYS H 485 -1.01 20.96 9.96
N ILE H 486 -1.07 21.13 8.64
CA ILE H 486 0.09 20.84 7.80
C ILE H 486 1.23 21.81 8.10
N GLY H 487 0.90 23.05 8.42
CA GLY H 487 1.95 23.99 8.82
C GLY H 487 2.60 23.60 10.13
N GLU H 488 1.81 23.14 11.10
CA GLU H 488 2.37 22.67 12.35
C GLU H 488 3.29 21.48 12.14
N ILE H 489 2.88 20.56 11.25
CA ILE H 489 3.73 19.40 10.96
C ILE H 489 5.01 19.83 10.26
N LEU H 490 4.91 20.74 9.29
CA LEU H 490 6.06 21.14 8.49
C LEU H 490 7.01 22.08 9.22
N THR H 491 6.60 22.66 10.35
CA THR H 491 7.47 23.52 11.13
C THR H 491 8.30 22.75 12.14
N ALA H 492 8.17 21.42 12.18
CA ALA H 492 8.92 20.60 13.11
C ALA H 492 10.26 20.14 12.58
N SER H 493 10.49 20.22 11.27
CA SER H 493 11.73 19.75 10.66
C SER H 493 12.23 20.80 9.68
N THR H 494 13.55 21.00 9.65
CA THR H 494 14.17 21.98 8.77
C THR H 494 14.84 21.35 7.55
N ASP H 495 14.99 20.04 7.52
CA ASP H 495 15.64 19.36 6.40
C ASP H 495 14.64 18.89 5.34
N ILE H 496 13.36 19.25 5.48
CA ILE H 496 12.35 18.84 4.52
C ILE H 496 12.58 19.57 3.20
N LYS H 497 12.55 18.82 2.11
CA LYS H 497 12.69 19.39 0.77
C LYS H 497 11.62 18.77 -0.12
N THR H 498 10.82 19.62 -0.76
CA THR H 498 9.69 19.21 -1.57
C THR H 498 8.82 18.24 -0.78
N PRO H 499 8.15 18.70 0.27
CA PRO H 499 7.43 17.78 1.15
C PRO H 499 6.21 17.21 0.43
N PRO H 500 5.74 16.03 0.86
CA PRO H 500 4.49 15.50 0.32
C PRO H 500 3.33 16.45 0.61
N LEU H 501 2.36 16.46 -0.29
CA LEU H 501 1.23 17.37 -0.21
C LEU H 501 -0.11 16.65 -0.26
N ALA H 502 -0.13 15.37 0.11
CA ALA H 502 -1.38 14.64 0.31
C ALA H 502 -1.65 14.50 1.80
N PHE H 503 -2.92 14.64 2.17
CA PHE H 503 -3.29 14.69 3.59
C PHE H 503 -3.16 13.34 4.29
N LYS H 504 -2.92 12.25 3.55
CA LYS H 504 -2.78 10.95 4.19
C LYS H 504 -1.60 10.93 5.16
N TYR H 505 -0.53 11.65 4.84
CA TYR H 505 0.66 11.67 5.68
C TYR H 505 0.64 12.76 6.72
N TYR H 506 -0.44 13.50 6.85
CA TYR H 506 -0.51 14.65 7.75
C TYR H 506 -1.52 14.50 8.86
N ILE H 507 -2.78 14.19 8.54
CA ILE H 507 -3.78 14.02 9.58
C ILE H 507 -3.81 12.57 10.03
#